data_6T0R
#
_entry.id   6T0R
#
_cell.length_a   1.00
_cell.length_b   1.00
_cell.length_c   1.00
_cell.angle_alpha   90.00
_cell.angle_beta   90.00
_cell.angle_gamma   90.00
#
_symmetry.space_group_name_H-M   'P 1'
#
loop_
_entity.id
_entity.type
_entity.pdbx_description
1 polymer 'Polymerase acidic protein'
2 polymer 'RNA-directed RNA polymerase catalytic subunit'
3 polymer 'Polymerase basic protein 2'
4 polymer vRNA
5 water water
#
loop_
_entity_poly.entity_id
_entity_poly.type
_entity_poly.pdbx_seq_one_letter_code
_entity_poly.pdbx_strand_id
1 'polypeptide(L)'
;GSHHHHHHHHGSGSMENFVRTNFNPMILERAEKTMKEYGENPQNEGNKFAAISTHMEVCFMYSDFHFIDLEGNTIVKEND
DDNAMLKHRFEIIEGQERNIAWTIVNSICNMTENSKPRFLPDLYDYKTNKFIEIGVTRRKVEDYYYEKASKLKGENVYIH
IFSFDGEEMATDDEYILDEESRARIKTRLFVLRQELATAGLWDSFRQSEKGEETLEEEFSYPPTFQRLANQSLPPSFKDY
HQFKAYVSSFKANGNIEAKLGAMSEKVNAQIESFDPRTIRELELPEGKFCTQRSKFLLMDAMKLSVLNPAHEGEGIPMKD
AKACLDTFWGWKKATIIKKHEKGVNTNYLMIWEQLLESIKEMEGKFLNLKKTNHLKWGLGEGQAPEKMDFEDCKEVPDLF
QYKSEPPEKRKLASWIQSEFNKASELTNSNWIEFDELGNDVAPIEHIASRRRNFFTAEVSQCRASEYIMKAVYINTALLN
SSCTAMEEYQVIPIITKCRDTSGQRRTNLYGFIIKGRSHLRNDTDVVNFISLEFSLTDPRNEIHKWEKYCVLEIGDMEIR
TSISTIMKPVYLYVRTNGTSKIKMKWGMEMRRCLLQSLQQVESMIEAESAVKEKDMTEPFFRNRENDWPIGESPQGIEKG
TIGKVCRVLLAKSVFNSIYASAQLEGFSAESRKLLLLIQAFRDNLDPGTFDLKGLYEAIEECIINDPWVLLNASWFNSFL
KAVQLSMGSGSGENLYFQ
;
A
2 'polypeptide(L)'
;GSGSGSGSGMDVNPMLIFLKVPVQNAISTTFPYTGDPPYSHGTGTGYTMDTVIRTHDYSSRGIWKTNSETGAQQLNPIDG
PLPEDNEPSGYAQTDCVLELIEGLDRSHPGLFETACQETIDAIQQTRVDKLTQGRQTYDWTLNRNQPAATALANTIEVFR
KNGYKLNESGRLIDFLKDVLLSFENDSMEVTTHFQKKKRIRDNHSKKMITQRTIGKKRVKLTKKNYLIRALTLNTMTKDA
ERGKLKRRAIATPGMQIRGFVYFVELLARNICERLEQSGLPVGGNEKKAKLANVIKKMMAKSTDEELSYTITGDNTKWNE
NQNPRIFLAMVLRITAGQPEWFRDLLAVAPIMFSNKVARLGRGYMFESKSMHLRTQISAENLSDINLRYFNEDTKKKIEK
IRHLMVEGTASLSPGMMMGMFNMLSTVLGVSVLNLGQREILKRTYWWDGLQSSDDFALIINGHFKEDIQQGVNHFYRTCK
LVGINMSQKKSYINKTGTFEFTSFFYRYGFVANFSMELPSFGVAGNNESADMSIGTTVIKTNMINNDLGPATAQMAIQLF
IKDYRYTYRCHRGDTNLETRRTKSIKRLWTETISKAGLLVADGGPNPYNLRNLHIPEVCLKWSLMDPDYRGRLCNPNNPF
VHHMEVESTNLAVVMPAHGPAKSLEYDAVATTHSWTPKRNRSILNTNQRGILEDERIYQKCCQVFEKFFPSSTYRRPIGM
ASMLDAMLSRARIDARIDLESGRISSQDFSEITNTCKAIEALKRQGSGSGENLYFQ
;
B
3 'polypeptide(L)'
;GSGSGSGSGMERIKELMEMVKNSRMREILTTTSVDHMAVIKKYTSGRQEKNPALRMKWMMAMKYPISASSRIREMIPEKD
EDGNTLWTNTKDAGSNRVLVSPNAVTWWNRAGPVSDVVHYPRVYKMYFDRLERLTHGTFGPVKFYNQVKVRKRVDINPGH
KDLTSREAQEVIMEVVFPNEVGARTLSSDAQLTITKEKKEELKNCKISPIMVAYMLERELVRRTRFLPIAGATSSTYVEV
LHLTQGTCWEQQYTPGGEAENDDLDQTLIIASRNIVRRSIVAIDPLASLLSMCHTTSISSEPLVEILRSNPTDEQAVNIC
KAALGIRINNSFSFGGYNFKRVKGSSQRTEKAVLTGNLQTLTMTIFEGYEEFNVSGKRASAVLKKGAQRLIQAIIGGRTL
EDILNLMITLMVFSQEEKMLKAVRGDLNFVNRANQRLNPMYQLLRHFQKDSSTLLKNWGTEEIDPIMGIAGIMPDGTINK
TQTLMGVRLSQGGVDEYSFNERIRVNIDKYLRVRNEKGELLISPEEVSEAQGQEKLPINYNSSLMWEVNGPESILTNTYH
WIIKNWELLKTQWMTDPTVLYNRIEFEPFQTLIPKGNRAIYSGFTRTLFQQMRDVEGTFDSIQIIKLLPFSAHPPSLGRT
QFSSFTLNIRGAPLRLLIRGNSQVFNYNQMENVIIVLGKSVGSPERSILTESSSIESAVLRGFLILGKANSKYGPVLTIG
ELDKLGRGEKANVLIGQGDTVLVMKRKRDSSILTDSQTALKRIRLEESKGWSHPQFEKGGGSGGGSGGSAWSHPQFEKGR
SGGENLYFQ
;
C
4 'polyribonucleotide' AGUAGUAACAAGAGCAAUGUGUCCGUCUCGCCUCUGCUUCUGCU V
#
loop_
_chem_comp.id
_chem_comp.type
_chem_comp.name
_chem_comp.formula
A RNA linking ADENOSINE-5'-MONOPHOSPHATE 'C10 H14 N5 O7 P'
C RNA linking CYTIDINE-5'-MONOPHOSPHATE 'C9 H14 N3 O8 P'
G RNA linking GUANOSINE-5'-MONOPHOSPHATE 'C10 H14 N5 O8 P'
U RNA linking URIDINE-5'-MONOPHOSPHATE 'C9 H13 N2 O9 P'
#
# COMPACT_ATOMS: atom_id res chain seq x y z
N MET A 15 9.75 52.08 -16.00
CA MET A 15 9.80 51.52 -14.65
C MET A 15 8.57 50.64 -14.41
N GLU A 16 7.89 50.85 -13.29
CA GLU A 16 6.72 50.04 -12.97
C GLU A 16 5.43 50.86 -13.06
N ASN A 17 5.44 52.07 -12.49
CA ASN A 17 4.21 52.85 -12.39
C ASN A 17 3.80 53.44 -13.74
N PHE A 18 4.78 53.67 -14.63
CA PHE A 18 4.48 54.23 -15.94
C PHE A 18 3.70 53.25 -16.81
N VAL A 19 3.97 51.95 -16.66
CA VAL A 19 3.29 50.93 -17.44
C VAL A 19 1.82 50.83 -17.04
N ARG A 20 1.52 50.96 -15.75
CA ARG A 20 0.13 50.90 -15.31
C ARG A 20 -0.59 52.23 -15.54
N THR A 21 0.14 53.34 -15.54
CA THR A 21 -0.48 54.62 -15.86
C THR A 21 -0.66 54.80 -17.36
N ASN A 22 0.02 53.99 -18.18
CA ASN A 22 0.03 54.21 -19.62
C ASN A 22 -0.97 53.33 -20.37
N PHE A 23 -0.84 52.01 -20.26
CA PHE A 23 -1.43 51.11 -21.23
C PHE A 23 -2.82 50.62 -20.81
N ASN A 24 -3.43 49.86 -21.72
CA ASN A 24 -4.71 49.21 -21.47
C ASN A 24 -4.54 48.07 -20.46
N PRO A 25 -5.60 47.71 -19.74
CA PRO A 25 -5.48 46.61 -18.77
C PRO A 25 -5.33 45.24 -19.40
N MET A 26 -5.70 45.06 -20.68
CA MET A 26 -5.50 43.78 -21.35
C MET A 26 -4.02 43.48 -21.55
N ILE A 27 -3.27 44.48 -22.02
CA ILE A 27 -1.83 44.33 -22.21
C ILE A 27 -1.13 44.11 -20.87
N LEU A 28 -1.60 44.78 -19.82
CA LEU A 28 -1.02 44.60 -18.49
C LEU A 28 -1.32 43.21 -17.94
N GLU A 29 -2.53 42.70 -18.19
CA GLU A 29 -2.89 41.36 -17.73
C GLU A 29 -2.08 40.29 -18.44
N ARG A 30 -1.88 40.46 -19.75
CA ARG A 30 -1.04 39.53 -20.50
C ARG A 30 0.41 39.60 -20.06
N ALA A 31 0.91 40.81 -19.75
CA ALA A 31 2.27 40.97 -19.27
C ALA A 31 2.47 40.37 -17.89
N GLU A 32 1.45 40.48 -17.04
CA GLU A 32 1.54 39.88 -15.71
C GLU A 32 1.47 38.37 -15.77
N LYS A 33 0.65 37.82 -16.67
CA LYS A 33 0.64 36.37 -16.89
C LYS A 33 1.99 35.86 -17.40
N THR A 34 2.60 36.58 -18.34
CA THR A 34 3.89 36.15 -18.87
C THR A 34 5.00 36.28 -17.83
N MET A 35 4.97 37.35 -17.02
CA MET A 35 5.99 37.53 -15.99
C MET A 35 5.82 36.56 -14.83
N LYS A 36 4.58 36.16 -14.53
CA LYS A 36 4.39 35.15 -13.50
C LYS A 36 4.75 33.76 -14.00
N GLU A 37 4.57 33.52 -15.30
CA GLU A 37 4.94 32.22 -15.86
C GLU A 37 6.46 32.08 -15.95
N TYR A 38 7.15 33.10 -16.46
CA TYR A 38 8.58 32.99 -16.71
C TYR A 38 9.42 33.10 -15.45
N GLY A 39 8.85 33.56 -14.34
CA GLY A 39 9.61 33.65 -13.11
C GLY A 39 10.09 35.06 -12.81
N GLU A 40 9.28 36.05 -13.16
CA GLU A 40 9.62 37.44 -12.89
C GLU A 40 8.48 38.11 -12.11
N ASN A 41 8.55 39.43 -11.96
CA ASN A 41 7.54 40.19 -11.23
C ASN A 41 7.61 41.63 -11.69
N PRO A 42 6.48 42.35 -11.75
CA PRO A 42 6.54 43.79 -12.07
C PRO A 42 7.17 44.63 -10.98
N GLN A 43 7.14 44.17 -9.72
CA GLN A 43 7.66 44.97 -8.62
C GLN A 43 9.17 44.92 -8.52
N ASN A 44 9.84 44.07 -9.30
CA ASN A 44 11.29 43.93 -9.24
C ASN A 44 11.93 44.47 -10.50
N GLU A 45 11.40 44.16 -11.67
CA GLU A 45 11.96 44.65 -12.92
C GLU A 45 11.03 45.66 -13.56
N GLY A 46 11.59 46.79 -13.99
CA GLY A 46 10.81 47.82 -14.63
C GLY A 46 11.06 47.89 -16.13
N ASN A 47 12.28 47.52 -16.54
CA ASN A 47 12.59 47.53 -17.97
C ASN A 47 12.01 46.31 -18.67
N LYS A 48 12.09 45.14 -18.03
CA LYS A 48 11.60 43.92 -18.66
C LYS A 48 10.08 43.88 -18.70
N PHE A 49 9.43 44.41 -17.66
CA PHE A 49 7.97 44.49 -17.62
C PHE A 49 7.45 45.42 -18.72
N ALA A 50 8.07 46.59 -18.86
CA ALA A 50 7.67 47.52 -19.92
C ALA A 50 8.03 46.98 -21.30
N ALA A 51 9.08 46.17 -21.40
CA ALA A 51 9.45 45.57 -22.68
C ALA A 51 8.46 44.50 -23.11
N ILE A 52 8.02 43.67 -22.15
CA ILE A 52 7.01 42.66 -22.44
C ILE A 52 5.68 43.33 -22.78
N SER A 53 5.35 44.42 -22.07
CA SER A 53 4.15 45.19 -22.39
C SER A 53 4.25 45.83 -23.77
N THR A 54 5.45 46.26 -24.16
CA THR A 54 5.65 46.86 -25.48
C THR A 54 5.49 45.83 -26.59
N HIS A 55 6.08 44.65 -26.40
CA HIS A 55 5.92 43.55 -27.36
C HIS A 55 4.46 43.13 -27.49
N MET A 56 3.76 43.00 -26.36
CA MET A 56 2.36 42.61 -26.38
C MET A 56 1.48 43.68 -27.02
N GLU A 57 1.77 44.95 -26.76
CA GLU A 57 0.99 46.04 -27.33
C GLU A 57 1.19 46.16 -28.83
N VAL A 58 2.44 45.99 -29.31
CA VAL A 58 2.70 46.03 -30.74
C VAL A 58 2.03 44.83 -31.44
N CYS A 59 2.08 43.64 -30.82
CA CYS A 59 1.43 42.48 -31.43
C CYS A 59 -0.09 42.61 -31.42
N PHE A 60 -0.65 43.22 -30.39
CA PHE A 60 -2.10 43.39 -30.34
C PHE A 60 -2.59 44.45 -31.32
N MET A 61 -1.83 45.53 -31.49
CA MET A 61 -2.18 46.51 -32.50
C MET A 61 -1.93 45.97 -33.91
N TYR A 62 -1.01 45.01 -34.05
CA TYR A 62 -0.82 44.33 -35.32
C TYR A 62 -1.98 43.41 -35.64
N SER A 63 -2.54 42.74 -34.63
CA SER A 63 -3.55 41.73 -34.88
C SER A 63 -4.96 42.31 -34.98
N ASP A 64 -5.28 43.33 -34.20
CA ASP A 64 -6.64 43.81 -34.08
C ASP A 64 -7.05 44.62 -35.32
N PHE A 65 -8.37 44.70 -35.53
CA PHE A 65 -9.02 45.40 -36.65
C PHE A 65 -8.55 44.86 -38.00
N HIS A 66 -8.51 43.53 -38.13
CA HIS A 66 -8.24 42.85 -39.39
C HIS A 66 -9.18 41.66 -39.47
N PHE A 67 -10.06 41.64 -40.46
CA PHE A 67 -11.07 40.61 -40.57
C PHE A 67 -11.03 39.98 -41.96
N ILE A 68 -11.50 38.75 -42.05
CA ILE A 68 -11.69 38.07 -43.32
C ILE A 68 -13.17 37.76 -43.45
N ASP A 69 -13.78 38.22 -44.54
CA ASP A 69 -15.21 38.08 -44.74
C ASP A 69 -15.53 36.67 -45.25
N LEU A 70 -16.77 36.49 -45.73
CA LEU A 70 -17.16 35.19 -46.27
C LEU A 70 -16.56 34.93 -47.65
N GLU A 71 -15.97 35.93 -48.29
CA GLU A 71 -15.33 35.72 -49.58
C GLU A 71 -13.83 35.48 -49.41
N GLY A 72 -13.15 36.34 -48.64
CA GLY A 72 -11.73 36.12 -48.41
C GLY A 72 -10.87 37.36 -48.36
N ASN A 73 -11.46 38.54 -48.53
CA ASN A 73 -10.68 39.76 -48.58
C ASN A 73 -10.58 40.41 -47.20
N THR A 74 -9.43 41.03 -46.95
CA THR A 74 -9.12 41.64 -45.66
C THR A 74 -9.91 42.94 -45.51
N ILE A 75 -10.85 42.96 -44.57
CA ILE A 75 -11.60 44.15 -44.23
C ILE A 75 -11.02 44.74 -42.95
N VAL A 76 -10.69 46.02 -42.97
CA VAL A 76 -10.19 46.73 -41.80
C VAL A 76 -11.27 47.70 -41.34
N LYS A 77 -11.73 47.51 -40.10
CA LYS A 77 -12.76 48.38 -39.53
C LYS A 77 -12.30 48.99 -38.21
N MET A 85 -20.58 39.98 -38.60
CA MET A 85 -20.46 38.54 -38.41
C MET A 85 -19.43 37.95 -39.38
N LEU A 86 -18.16 38.17 -39.07
CA LEU A 86 -17.05 37.67 -39.85
C LEU A 86 -16.12 36.87 -38.94
N LYS A 87 -14.93 36.58 -39.44
CA LYS A 87 -13.87 35.97 -38.65
C LYS A 87 -12.64 36.86 -38.70
N HIS A 88 -11.72 36.61 -37.78
CA HIS A 88 -10.50 37.41 -37.72
C HIS A 88 -9.53 36.99 -38.82
N ARG A 89 -8.49 37.81 -39.02
CA ARG A 89 -7.43 37.49 -39.96
C ARG A 89 -6.20 36.91 -39.26
N PHE A 90 -5.92 37.35 -38.04
CA PHE A 90 -4.74 36.92 -37.31
C PHE A 90 -5.14 36.09 -36.10
N GLU A 91 -4.44 34.98 -35.91
CA GLU A 91 -4.53 34.18 -34.70
C GLU A 91 -3.30 34.48 -33.84
N ILE A 92 -3.54 34.99 -32.64
CA ILE A 92 -2.45 35.45 -31.77
C ILE A 92 -1.86 34.24 -31.05
N ILE A 93 -0.55 34.07 -31.17
CA ILE A 93 0.16 32.93 -30.58
C ILE A 93 1.06 33.48 -29.48
N GLU A 94 1.42 34.76 -29.58
CA GLU A 94 2.16 35.42 -28.52
C GLU A 94 1.21 35.80 -27.40
N GLY A 95 1.70 35.75 -26.16
CA GLY A 95 0.92 36.06 -24.98
C GLY A 95 0.17 34.87 -24.41
N GLN A 96 -0.23 33.93 -25.25
CA GLN A 96 -0.76 32.66 -24.78
C GLN A 96 0.35 31.85 -24.12
N GLU A 97 -0.05 31.01 -23.16
CA GLU A 97 0.89 30.14 -22.48
C GLU A 97 1.47 29.12 -23.45
N ARG A 98 2.67 28.63 -23.13
CA ARG A 98 3.47 27.88 -24.10
C ARG A 98 2.82 26.57 -24.50
N ASN A 99 2.09 25.92 -23.58
CA ASN A 99 1.34 24.73 -23.95
C ASN A 99 0.13 25.09 -24.80
N ILE A 100 -0.56 26.18 -24.45
CA ILE A 100 -1.70 26.67 -25.23
C ILE A 100 -1.24 27.13 -26.61
N ALA A 101 -0.13 27.88 -26.65
CA ALA A 101 0.40 28.36 -27.92
C ALA A 101 0.88 27.22 -28.80
N TRP A 102 1.53 26.21 -28.21
CA TRP A 102 1.97 25.07 -29.00
C TRP A 102 0.79 24.22 -29.45
N THR A 103 -0.30 24.20 -28.68
CA THR A 103 -1.52 23.53 -29.12
C THR A 103 -2.11 24.21 -30.34
N ILE A 104 -2.14 25.55 -30.32
CA ILE A 104 -2.61 26.33 -31.46
C ILE A 104 -1.72 26.10 -32.68
N VAL A 105 -0.40 26.08 -32.46
CA VAL A 105 0.57 25.89 -33.54
C VAL A 105 0.44 24.51 -34.16
N ASN A 106 0.27 23.47 -33.33
CA ASN A 106 0.11 22.11 -33.85
C ASN A 106 -1.22 21.94 -34.58
N SER A 107 -2.28 22.60 -34.09
CA SER A 107 -3.58 22.49 -34.77
C SER A 107 -3.56 23.20 -36.12
N ILE A 108 -2.86 24.34 -36.21
CA ILE A 108 -2.72 25.04 -37.48
C ILE A 108 -1.85 24.23 -38.43
N CYS A 109 -0.72 23.70 -37.94
CA CYS A 109 0.20 22.93 -38.77
C CYS A 109 -0.39 21.60 -39.22
N ASN A 110 -1.37 21.08 -38.48
CA ASN A 110 -2.05 19.87 -38.92
C ASN A 110 -3.25 20.16 -39.80
N MET A 111 -3.82 21.37 -39.72
CA MET A 111 -4.85 21.75 -40.68
C MET A 111 -4.27 21.91 -42.08
N THR A 112 -3.17 22.66 -42.19
CA THR A 112 -2.45 22.77 -43.45
C THR A 112 -1.39 21.67 -43.53
N GLU A 113 -0.46 21.79 -44.49
CA GLU A 113 0.55 20.77 -44.67
C GLU A 113 1.92 21.23 -44.18
N ASN A 114 2.02 22.46 -43.66
CA ASN A 114 3.30 23.03 -43.30
C ASN A 114 3.85 22.39 -42.03
N SER A 115 5.17 22.22 -42.00
CA SER A 115 5.84 21.68 -40.83
C SER A 115 5.89 22.72 -39.73
N LYS A 116 6.17 22.26 -38.52
CA LYS A 116 6.13 23.13 -37.35
C LYS A 116 7.38 24.00 -37.29
N PRO A 117 7.30 25.21 -36.77
CA PRO A 117 8.51 26.01 -36.53
C PRO A 117 9.30 25.47 -35.36
N ARG A 118 10.57 25.86 -35.28
CA ARG A 118 11.43 25.44 -34.18
C ARG A 118 11.06 26.14 -32.88
N PHE A 119 10.62 27.38 -32.95
CA PHE A 119 10.21 28.15 -31.79
C PHE A 119 8.81 28.71 -32.02
N LEU A 120 8.27 29.34 -30.99
CA LEU A 120 6.91 29.83 -31.03
C LEU A 120 6.85 31.15 -31.81
N PRO A 121 6.02 31.25 -32.84
CA PRO A 121 5.82 32.55 -33.49
C PRO A 121 4.90 33.46 -32.70
N ASP A 122 4.60 34.64 -33.25
CA ASP A 122 3.71 35.58 -32.57
C ASP A 122 2.30 35.57 -33.13
N LEU A 123 2.16 35.66 -34.45
CA LEU A 123 0.85 35.68 -35.08
C LEU A 123 0.80 34.62 -36.17
N TYR A 124 -0.42 34.27 -36.57
CA TYR A 124 -0.63 33.45 -37.76
C TYR A 124 -1.62 34.17 -38.65
N ASP A 125 -1.25 34.33 -39.92
CA ASP A 125 -2.11 34.94 -40.92
C ASP A 125 -2.76 33.84 -41.74
N TYR A 126 -4.10 33.78 -41.69
CA TYR A 126 -4.84 32.77 -42.41
C TYR A 126 -4.87 33.03 -43.92
N LYS A 127 -4.80 34.30 -44.32
CA LYS A 127 -4.84 34.64 -45.74
C LYS A 127 -3.54 34.26 -46.43
N THR A 128 -2.42 34.82 -45.96
CA THR A 128 -1.12 34.43 -46.47
C THR A 128 -0.64 33.10 -45.91
N ASN A 129 -1.31 32.61 -44.85
CA ASN A 129 -0.95 31.38 -44.12
C ASN A 129 0.50 31.43 -43.64
N LYS A 130 0.81 32.45 -42.85
CA LYS A 130 2.19 32.74 -42.50
C LYS A 130 2.34 32.93 -41.01
N PHE A 131 3.43 32.39 -40.45
CA PHE A 131 3.79 32.65 -39.07
C PHE A 131 4.57 33.96 -38.98
N ILE A 132 3.98 34.93 -38.29
CA ILE A 132 4.55 36.27 -38.16
C ILE A 132 5.28 36.34 -36.83
N GLU A 133 6.52 36.82 -36.86
CA GLU A 133 7.30 37.06 -35.66
C GLU A 133 7.55 38.56 -35.55
N ILE A 134 7.21 39.13 -34.41
CA ILE A 134 7.32 40.57 -34.18
C ILE A 134 8.31 40.82 -33.05
N GLY A 135 9.44 41.44 -33.39
CA GLY A 135 10.44 41.78 -32.39
C GLY A 135 10.66 43.26 -32.29
N VAL A 136 10.39 43.84 -31.12
CA VAL A 136 10.53 45.27 -30.88
C VAL A 136 11.74 45.45 -29.98
N THR A 137 12.73 46.21 -30.47
CA THR A 137 13.96 46.44 -29.75
C THR A 137 14.10 47.91 -29.38
N ARG A 138 15.17 48.21 -28.66
CA ARG A 138 15.57 49.57 -28.36
C ARG A 138 16.69 50.06 -29.26
N ARG A 139 17.40 49.15 -29.91
CA ARG A 139 18.49 49.48 -30.81
C ARG A 139 17.98 49.73 -32.23
N LYS A 140 18.89 49.75 -33.20
CA LYS A 140 18.56 49.96 -34.60
C LYS A 140 17.80 48.74 -35.14
N VAL A 141 17.01 48.97 -36.17
CA VAL A 141 16.17 47.93 -36.76
C VAL A 141 17.02 46.87 -37.47
N GLU A 142 18.14 47.30 -38.06
CA GLU A 142 18.90 46.43 -38.95
C GLU A 142 19.66 45.35 -38.18
N ASP A 143 20.29 45.73 -37.06
CA ASP A 143 21.10 44.78 -36.30
C ASP A 143 20.24 43.74 -35.59
N TYR A 144 19.15 44.19 -34.97
CA TYR A 144 18.21 43.27 -34.33
C TYR A 144 17.49 42.41 -35.36
N TYR A 145 17.22 42.96 -36.55
CA TYR A 145 16.62 42.16 -37.62
C TYR A 145 17.57 41.08 -38.11
N TYR A 146 18.86 41.40 -38.25
CA TYR A 146 19.80 40.38 -38.69
C TYR A 146 20.05 39.34 -37.60
N GLU A 147 19.98 39.75 -36.33
CA GLU A 147 20.04 38.79 -35.23
C GLU A 147 18.88 37.82 -35.26
N LYS A 148 17.66 38.33 -35.39
CA LYS A 148 16.48 37.46 -35.42
C LYS A 148 16.36 36.70 -36.74
N ALA A 149 17.02 37.16 -37.81
CA ALA A 149 17.03 36.41 -39.05
C ALA A 149 18.04 35.28 -39.02
N SER A 150 19.19 35.49 -38.37
CA SER A 150 20.13 34.40 -38.17
C SER A 150 19.60 33.38 -37.17
N LYS A 151 18.83 33.83 -36.18
CA LYS A 151 18.23 32.90 -35.22
C LYS A 151 17.11 32.08 -35.85
N LEU A 152 16.10 32.75 -36.38
CA LEU A 152 14.98 32.08 -37.05
C LEU A 152 15.35 31.85 -38.51
N LYS A 153 16.23 30.88 -38.73
CA LYS A 153 16.75 30.56 -40.04
C LYS A 153 16.55 29.07 -40.30
N GLY A 154 16.05 28.73 -41.49
CA GLY A 154 15.83 27.35 -41.85
C GLY A 154 14.36 27.02 -41.99
N GLU A 155 13.50 27.99 -41.70
CA GLU A 155 12.06 27.81 -41.76
C GLU A 155 11.43 29.02 -42.41
N ASN A 156 10.19 28.85 -42.87
CA ASN A 156 9.46 29.91 -43.55
C ASN A 156 8.67 30.76 -42.57
N VAL A 157 9.35 31.32 -41.57
CA VAL A 157 8.71 32.21 -40.62
C VAL A 157 8.98 33.65 -41.06
N TYR A 158 7.90 34.36 -41.38
CA TYR A 158 7.99 35.79 -41.69
C TYR A 158 8.40 36.57 -40.45
N ILE A 159 9.28 37.55 -40.63
CA ILE A 159 9.75 38.41 -39.55
C ILE A 159 9.27 39.82 -39.82
N HIS A 160 9.06 40.59 -38.76
CA HIS A 160 8.71 42.00 -38.86
C HIS A 160 9.22 42.72 -37.63
N ILE A 161 10.23 43.57 -37.81
CA ILE A 161 10.93 44.23 -36.71
C ILE A 161 10.47 45.66 -36.62
N PHE A 162 10.05 46.07 -35.42
CA PHE A 162 9.73 47.45 -35.10
C PHE A 162 10.82 48.03 -34.21
N SER A 163 10.66 49.32 -33.90
CA SER A 163 11.60 50.03 -33.04
C SER A 163 10.92 51.28 -32.51
N PHE A 164 11.67 52.05 -31.72
CA PHE A 164 11.20 53.35 -31.29
C PHE A 164 11.63 54.47 -32.22
N ASP A 165 12.50 54.19 -33.19
CA ASP A 165 12.92 55.20 -34.14
C ASP A 165 11.89 55.41 -35.25
N GLY A 166 11.10 54.39 -35.55
CA GLY A 166 10.08 54.51 -36.58
C GLY A 166 10.31 53.59 -37.77
N GLU A 167 11.57 53.26 -38.02
CA GLU A 167 11.92 52.44 -39.16
C GLU A 167 11.53 50.98 -38.92
N GLU A 168 11.38 50.25 -40.02
CA GLU A 168 11.03 48.83 -39.97
C GLU A 168 11.87 48.08 -40.98
N MET A 169 12.00 46.78 -40.77
CA MET A 169 12.72 45.91 -41.70
C MET A 169 12.17 44.50 -41.55
N ALA A 170 11.31 44.10 -42.49
CA ALA A 170 10.69 42.78 -42.45
C ALA A 170 11.50 41.80 -43.29
N THR A 171 10.92 40.63 -43.56
CA THR A 171 11.59 39.59 -44.34
C THR A 171 11.66 40.03 -45.80
N ASP A 172 12.88 40.35 -46.26
CA ASP A 172 13.19 40.81 -47.61
C ASP A 172 12.43 42.09 -47.98
N ASP A 173 12.16 42.92 -46.96
CA ASP A 173 11.46 44.21 -47.08
C ASP A 173 10.07 44.05 -47.73
N GLU A 174 9.40 42.94 -47.46
CA GLU A 174 8.05 42.69 -47.94
C GLU A 174 7.10 42.76 -46.77
N TYR A 175 5.91 43.32 -46.99
CA TYR A 175 4.98 43.63 -45.91
C TYR A 175 3.56 43.22 -46.30
N ILE A 176 3.00 42.29 -45.54
CA ILE A 176 1.64 41.81 -45.76
C ILE A 176 0.59 42.74 -45.18
N LEU A 177 0.97 43.67 -44.31
CA LEU A 177 0.02 44.53 -43.62
C LEU A 177 -0.19 45.82 -44.40
N ASP A 178 -1.33 46.47 -44.15
CA ASP A 178 -1.61 47.76 -44.74
C ASP A 178 -0.72 48.84 -44.12
N GLU A 179 -0.52 49.92 -44.88
CA GLU A 179 0.40 50.97 -44.47
C GLU A 179 -0.19 51.82 -43.34
N GLU A 180 -1.52 51.91 -43.25
CA GLU A 180 -2.15 52.73 -42.22
C GLU A 180 -1.95 52.13 -40.84
N SER A 181 -2.11 50.80 -40.71
CA SER A 181 -1.89 50.12 -39.44
C SER A 181 -0.42 50.15 -39.04
N ARG A 182 0.48 49.98 -40.02
CA ARG A 182 1.92 50.06 -39.75
C ARG A 182 2.31 51.45 -39.28
N ALA A 183 1.78 52.50 -39.93
CA ALA A 183 2.06 53.87 -39.49
C ALA A 183 1.44 54.16 -38.14
N ARG A 184 0.30 53.52 -37.83
CA ARG A 184 -0.33 53.70 -36.52
C ARG A 184 0.50 53.08 -35.40
N ILE A 185 1.07 51.90 -35.64
CA ILE A 185 1.93 51.28 -34.65
C ILE A 185 3.25 52.04 -34.53
N LYS A 186 3.77 52.57 -35.64
CA LYS A 186 4.96 53.42 -35.60
C LYS A 186 4.71 54.69 -34.81
N THR A 187 3.53 55.28 -34.97
CA THR A 187 3.16 56.48 -34.21
C THR A 187 2.99 56.16 -32.73
N ARG A 188 2.42 54.99 -32.41
CA ARG A 188 2.28 54.58 -31.02
C ARG A 188 3.64 54.36 -30.36
N LEU A 189 4.58 53.74 -31.08
CA LEU A 189 5.91 53.52 -30.53
C LEU A 189 6.70 54.82 -30.40
N PHE A 190 6.52 55.76 -31.34
CA PHE A 190 7.19 57.05 -31.22
C PHE A 190 6.61 57.87 -30.08
N VAL A 191 5.30 57.81 -29.87
CA VAL A 191 4.66 58.50 -28.76
C VAL A 191 5.09 57.86 -27.43
N LEU A 192 5.29 56.54 -27.42
CA LEU A 192 5.80 55.86 -26.23
C LEU A 192 7.23 56.27 -25.92
N ARG A 193 8.07 56.40 -26.95
CA ARG A 193 9.43 56.89 -26.76
C ARG A 193 9.46 58.33 -26.25
N GLN A 194 8.56 59.18 -26.78
CA GLN A 194 8.51 60.56 -26.32
C GLN A 194 7.96 60.68 -24.91
N GLU A 195 7.01 59.82 -24.53
CA GLU A 195 6.53 59.82 -23.15
C GLU A 195 7.59 59.31 -22.19
N LEU A 196 8.42 58.35 -22.62
CA LEU A 196 9.54 57.94 -21.79
C LEU A 196 10.63 59.01 -21.73
N ALA A 197 10.76 59.82 -22.78
CA ALA A 197 11.72 60.92 -22.77
C ALA A 197 11.27 62.04 -21.84
N THR A 198 9.97 62.34 -21.83
CA THR A 198 9.44 63.29 -20.85
C THR A 198 9.47 62.71 -19.44
N ALA A 199 9.37 61.38 -19.31
CA ALA A 199 9.50 60.72 -18.03
C ALA A 199 10.95 60.54 -17.61
N GLY A 200 11.90 60.68 -18.53
CA GLY A 200 13.30 60.54 -18.20
C GLY A 200 13.78 59.12 -18.01
N LEU A 201 12.95 58.13 -18.33
CA LEU A 201 13.31 56.73 -18.18
C LEU A 201 13.78 56.10 -19.48
N TRP A 202 13.85 56.87 -20.57
CA TRP A 202 14.32 56.34 -21.85
C TRP A 202 15.83 56.11 -21.84
N ASP A 203 16.56 56.79 -20.93
CA ASP A 203 18.00 56.67 -20.87
C ASP A 203 18.45 55.27 -20.43
N SER A 204 17.85 54.74 -19.36
CA SER A 204 18.23 53.41 -18.87
C SER A 204 17.50 52.28 -19.59
N PHE A 205 16.78 52.57 -20.67
CA PHE A 205 16.05 51.52 -21.38
C PHE A 205 16.94 50.81 -22.40
N ARG A 206 17.77 51.56 -23.13
CA ARG A 206 18.64 50.93 -24.12
C ARG A 206 19.82 50.22 -23.46
N GLN A 207 20.19 50.61 -22.24
CA GLN A 207 21.29 49.94 -21.54
C GLN A 207 20.86 48.60 -20.97
N SER A 208 19.55 48.34 -20.91
CA SER A 208 19.02 47.11 -20.35
C SER A 208 19.04 45.93 -21.32
N GLU A 209 19.45 46.16 -22.57
CA GLU A 209 19.46 45.10 -23.58
C GLU A 209 20.60 44.11 -23.33
N GLU A 216 20.83 32.39 -9.78
CA GLU A 216 20.35 31.04 -10.03
C GLU A 216 19.23 30.68 -9.05
N GLU A 217 19.31 29.48 -8.48
CA GLU A 217 18.31 29.04 -7.52
C GLU A 217 18.50 29.75 -6.18
N GLU A 218 17.39 29.96 -5.48
CA GLU A 218 17.41 30.67 -4.21
C GLU A 218 16.52 29.93 -3.23
N PHE A 219 16.98 29.80 -1.98
CA PHE A 219 16.18 29.21 -0.93
C PHE A 219 16.62 29.83 0.39
N SER A 220 15.89 30.84 0.85
CA SER A 220 16.23 31.57 2.05
C SER A 220 15.31 31.15 3.20
N TYR A 221 15.67 31.60 4.40
CA TYR A 221 14.89 31.32 5.60
C TYR A 221 14.19 32.59 6.06
N PRO A 222 12.86 32.59 6.15
CA PRO A 222 12.15 33.69 6.80
C PRO A 222 12.46 33.72 8.28
N PRO A 223 12.26 34.87 8.96
CA PRO A 223 12.70 35.01 10.37
C PRO A 223 12.07 34.04 11.35
N THR A 224 10.85 33.56 11.10
CA THR A 224 10.27 32.55 11.98
C THR A 224 11.01 31.23 11.85
N PHE A 225 11.28 30.79 10.63
CA PHE A 225 12.05 29.56 10.47
C PHE A 225 13.52 29.77 10.78
N GLN A 226 14.03 31.00 10.74
CA GLN A 226 15.39 31.25 11.18
C GLN A 226 15.50 31.12 12.70
N ARG A 227 14.50 31.61 13.43
CA ARG A 227 14.49 31.39 14.87
C ARG A 227 14.17 29.95 15.24
N LEU A 228 13.51 29.20 14.36
CA LEU A 228 13.39 27.76 14.58
C LEU A 228 14.71 27.05 14.33
N ALA A 229 15.49 27.53 13.35
CA ALA A 229 16.76 26.91 13.03
C ALA A 229 17.82 27.20 14.08
N ASN A 230 17.74 28.36 14.72
CA ASN A 230 18.66 28.70 15.81
C ASN A 230 18.36 27.96 17.10
N GLN A 231 17.35 27.10 17.15
CA GLN A 231 17.01 26.32 18.33
C GLN A 231 17.05 24.82 18.05
N SER A 232 17.68 24.40 16.97
CA SER A 232 17.76 22.99 16.60
C SER A 232 19.21 22.57 16.43
N LEU A 233 20.10 23.15 17.23
CA LEU A 233 21.53 22.98 17.15
C LEU A 233 22.05 22.17 18.34
N PRO A 234 23.30 21.73 18.29
CA PRO A 234 23.98 21.33 19.52
C PRO A 234 24.03 22.48 20.51
N PRO A 235 24.06 22.19 21.81
CA PRO A 235 23.77 23.23 22.82
C PRO A 235 24.84 24.29 22.99
N SER A 236 26.03 24.12 22.41
CA SER A 236 27.07 25.13 22.50
C SER A 236 26.93 26.21 21.42
N PHE A 237 25.96 26.06 20.52
CA PHE A 237 25.78 26.97 19.41
C PHE A 237 24.52 27.81 19.62
N LYS A 238 24.48 28.98 18.96
CA LYS A 238 23.36 29.88 19.08
C LYS A 238 22.91 30.44 17.74
N ASP A 239 23.55 30.06 16.64
CA ASP A 239 23.20 30.53 15.31
C ASP A 239 23.35 29.37 14.35
N TYR A 240 22.44 29.26 13.40
CA TYR A 240 22.46 28.14 12.47
C TYR A 240 23.62 28.25 11.48
N HIS A 241 23.96 29.47 11.06
CA HIS A 241 25.07 29.64 10.13
C HIS A 241 26.42 29.43 10.81
N GLN A 242 26.50 29.74 12.10
CA GLN A 242 27.71 29.46 12.87
C GLN A 242 27.97 27.96 12.96
N PHE A 243 26.93 27.19 13.26
CA PHE A 243 27.04 25.74 13.31
C PHE A 243 27.28 25.15 11.92
N LYS A 244 26.71 25.76 10.89
CA LYS A 244 26.91 25.28 9.52
C LYS A 244 28.34 25.52 9.05
N ALA A 245 28.91 26.67 9.41
CA ALA A 245 30.32 26.93 9.15
C ALA A 245 31.23 26.02 9.97
N TYR A 246 30.80 25.65 11.18
CA TYR A 246 31.57 24.70 11.98
C TYR A 246 31.57 23.31 11.34
N VAL A 247 30.43 22.88 10.81
CA VAL A 247 30.34 21.56 10.19
C VAL A 247 31.15 21.54 8.89
N SER A 248 31.05 22.60 8.09
CA SER A 248 31.78 22.63 6.82
C SER A 248 33.28 22.77 7.02
N SER A 249 33.70 23.57 8.01
CA SER A 249 35.12 23.67 8.36
C SER A 249 35.44 22.80 9.57
N PHE A 250 35.27 21.49 9.42
CA PHE A 250 35.56 20.53 10.47
C PHE A 250 36.59 19.54 9.97
N LYS A 251 37.55 19.20 10.83
CA LYS A 251 38.56 18.20 10.55
C LYS A 251 38.67 17.25 11.73
N ALA A 252 38.62 15.96 11.45
CA ALA A 252 38.70 14.96 12.49
C ALA A 252 40.14 14.85 13.01
N ASN A 253 40.27 14.85 14.33
CA ASN A 253 41.57 14.77 14.99
C ASN A 253 41.52 13.74 16.12
N GLY A 254 41.02 12.56 15.81
CA GLY A 254 40.91 11.51 16.80
C GLY A 254 39.90 11.77 17.88
N ASN A 255 38.72 12.30 17.51
CA ASN A 255 37.70 12.60 18.50
C ASN A 255 37.03 11.34 19.03
N ILE A 256 36.92 10.31 18.18
CA ILE A 256 36.30 9.05 18.58
C ILE A 256 37.13 8.37 19.65
N GLU A 257 38.46 8.28 19.46
CA GLU A 257 39.31 7.67 20.46
C GLU A 257 39.41 8.51 21.73
N ALA A 258 39.33 9.83 21.59
CA ALA A 258 39.35 10.69 22.77
C ALA A 258 38.06 10.57 23.57
N LYS A 259 36.95 10.24 22.92
CA LYS A 259 35.72 9.98 23.66
C LYS A 259 35.66 8.54 24.16
N LEU A 260 36.35 7.62 23.50
CA LEU A 260 36.38 6.24 23.96
C LEU A 260 37.27 6.09 25.18
N GLY A 261 38.34 6.88 25.28
CA GLY A 261 39.18 6.83 26.46
C GLY A 261 38.53 7.46 27.67
N ALA A 262 37.60 8.38 27.45
CA ALA A 262 36.93 9.10 28.53
C ALA A 262 35.60 8.49 28.94
N MET A 263 35.16 7.43 28.26
CA MET A 263 33.93 6.77 28.64
C MET A 263 34.20 5.73 29.71
N SER A 264 33.15 5.39 30.46
CA SER A 264 33.26 4.39 31.52
C SER A 264 33.50 3.01 30.93
N GLU A 265 34.22 2.17 31.67
CA GLU A 265 34.47 0.81 31.24
C GLU A 265 33.26 -0.10 31.44
N LYS A 266 32.24 0.37 32.16
CA LYS A 266 31.01 -0.40 32.34
C LYS A 266 30.15 -0.44 31.08
N VAL A 267 30.48 0.33 30.06
CA VAL A 267 29.78 0.29 28.78
C VAL A 267 30.58 -0.67 27.89
N ASN A 268 30.17 -1.94 27.88
CA ASN A 268 30.88 -2.96 27.13
C ASN A 268 29.91 -4.06 26.74
N ALA A 269 30.26 -4.78 25.69
CA ALA A 269 29.51 -5.93 25.21
C ALA A 269 30.38 -7.17 25.44
N GLN A 270 30.25 -7.77 26.61
CA GLN A 270 31.02 -8.96 26.97
C GLN A 270 30.33 -10.19 26.41
N ILE A 271 31.11 -11.05 25.77
CA ILE A 271 30.58 -12.22 25.08
C ILE A 271 30.59 -13.39 26.06
N GLU A 272 29.43 -13.70 26.62
CA GLU A 272 29.28 -14.90 27.43
C GLU A 272 29.14 -16.11 26.51
N SER A 273 29.89 -17.17 26.82
CA SER A 273 29.85 -18.36 25.97
C SER A 273 28.56 -19.13 26.18
N PHE A 274 27.97 -19.60 25.08
CA PHE A 274 26.70 -20.30 25.12
C PHE A 274 26.92 -21.80 25.05
N ASP A 275 26.33 -22.51 25.98
CA ASP A 275 26.38 -23.96 26.06
C ASP A 275 24.99 -24.45 26.47
N PRO A 276 24.30 -25.21 25.63
CA PRO A 276 22.94 -25.65 25.98
C PRO A 276 22.89 -26.64 27.13
N ARG A 277 23.99 -27.33 27.44
CA ARG A 277 24.01 -28.21 28.60
C ARG A 277 24.00 -27.44 29.91
N THR A 278 24.37 -26.17 29.90
CA THR A 278 24.43 -25.37 31.12
C THR A 278 23.26 -24.40 31.26
N ILE A 279 22.51 -24.15 30.19
CA ILE A 279 21.38 -23.23 30.30
C ILE A 279 20.21 -23.92 30.98
N ARG A 280 19.33 -23.11 31.55
CA ARG A 280 18.15 -23.61 32.22
C ARG A 280 17.03 -23.83 31.21
N GLU A 281 15.89 -24.26 31.71
CA GLU A 281 14.67 -24.38 30.90
C GLU A 281 13.80 -23.16 31.11
N LEU A 282 12.77 -23.05 30.29
CA LEU A 282 11.86 -21.91 30.38
C LEU A 282 11.00 -22.01 31.61
N GLU A 283 10.80 -20.89 32.29
CA GLU A 283 10.00 -20.85 33.50
C GLU A 283 8.54 -20.72 33.09
N LEU A 284 7.81 -21.83 33.10
CA LEU A 284 6.40 -21.80 32.79
C LEU A 284 5.61 -21.23 33.97
N PRO A 285 4.53 -20.50 33.71
CA PRO A 285 3.77 -19.88 34.80
C PRO A 285 2.97 -20.87 35.62
N GLU A 286 2.38 -20.38 36.71
CA GLU A 286 1.62 -21.21 37.64
C GLU A 286 0.24 -20.60 37.83
N GLY A 287 -0.62 -21.35 38.52
CA GLY A 287 -1.96 -20.87 38.79
C GLY A 287 -3.01 -21.89 38.46
N LYS A 288 -4.18 -21.45 38.02
CA LYS A 288 -5.20 -22.37 37.55
C LYS A 288 -4.78 -22.96 36.22
N PHE A 289 -5.45 -24.04 35.83
CA PHE A 289 -5.14 -24.68 34.57
C PHE A 289 -5.69 -23.88 33.41
N CYS A 290 -5.04 -24.02 32.25
CA CYS A 290 -5.50 -23.37 31.04
C CYS A 290 -6.75 -24.07 30.51
N THR A 291 -7.76 -23.29 30.16
CA THR A 291 -9.03 -23.79 29.69
C THR A 291 -9.09 -23.75 28.17
N GLN A 292 -10.07 -24.46 27.62
CA GLN A 292 -10.29 -24.45 26.18
C GLN A 292 -10.85 -23.11 25.74
N ARG A 293 -10.30 -22.57 24.66
CA ARG A 293 -10.78 -21.29 24.14
C ARG A 293 -10.94 -21.29 22.63
N SER A 294 -10.96 -22.46 22.00
CA SER A 294 -11.27 -22.52 20.58
C SER A 294 -12.75 -22.24 20.36
N LYS A 295 -13.08 -21.80 19.14
CA LYS A 295 -14.45 -21.43 18.82
C LYS A 295 -15.35 -22.63 18.60
N PHE A 296 -14.79 -23.82 18.38
CA PHE A 296 -15.56 -25.04 18.28
C PHE A 296 -14.81 -26.17 18.96
N LEU A 297 -15.52 -27.25 19.25
CA LEU A 297 -14.90 -28.42 19.86
C LEU A 297 -14.04 -29.15 18.84
N LEU A 298 -12.83 -29.53 19.24
CA LEU A 298 -11.92 -30.11 18.26
C LEU A 298 -11.94 -31.64 18.27
N MET A 299 -11.52 -32.26 19.37
CA MET A 299 -11.48 -33.72 19.42
C MET A 299 -12.64 -34.30 20.18
N ASP A 300 -13.39 -33.47 20.91
CA ASP A 300 -14.54 -33.90 21.67
C ASP A 300 -15.84 -33.61 20.94
N ALA A 301 -15.77 -33.31 19.64
CA ALA A 301 -16.94 -33.04 18.83
C ALA A 301 -17.37 -34.30 18.10
N MET A 302 -18.63 -34.67 18.28
CA MET A 302 -19.23 -35.73 17.47
C MET A 302 -20.12 -35.09 16.40
N LYS A 303 -20.40 -35.85 15.37
CA LYS A 303 -21.14 -35.34 14.23
C LYS A 303 -22.29 -36.27 13.88
N LEU A 304 -23.45 -35.67 13.62
CA LEU A 304 -24.58 -36.39 13.04
C LEU A 304 -24.44 -36.32 11.53
N SER A 305 -24.33 -37.47 10.89
CA SER A 305 -23.94 -37.54 9.48
C SER A 305 -25.05 -38.15 8.65
N VAL A 306 -25.19 -37.64 7.42
CA VAL A 306 -26.04 -38.26 6.40
C VAL A 306 -25.17 -38.64 5.23
N LEU A 307 -25.46 -39.80 4.64
CA LEU A 307 -24.70 -40.35 3.54
C LEU A 307 -25.54 -40.25 2.27
N ASN A 308 -24.97 -39.63 1.23
CA ASN A 308 -25.59 -39.26 -0.04
C ASN A 308 -26.88 -38.48 0.20
N PRO A 309 -26.80 -37.21 0.61
CA PRO A 309 -28.00 -36.48 0.98
C PRO A 309 -28.81 -36.06 -0.25
N ALA A 310 -30.11 -36.38 -0.22
CA ALA A 310 -31.04 -36.01 -1.28
C ALA A 310 -32.37 -35.58 -0.68
N HIS A 311 -32.30 -34.72 0.35
CA HIS A 311 -33.46 -34.34 1.14
C HIS A 311 -34.12 -33.06 0.63
N GLU A 312 -33.98 -32.76 -0.66
CA GLU A 312 -34.65 -31.68 -1.40
C GLU A 312 -34.22 -30.26 -0.99
N GLY A 313 -33.41 -30.12 0.06
CA GLY A 313 -32.70 -28.88 0.28
C GLY A 313 -31.36 -28.94 -0.41
N GLU A 314 -30.52 -29.91 0.01
CA GLU A 314 -29.28 -30.32 -0.63
C GLU A 314 -28.31 -29.14 -0.85
N GLY A 315 -27.81 -28.63 0.27
CA GLY A 315 -26.82 -27.58 0.22
C GLY A 315 -27.15 -26.43 1.13
N ILE A 316 -28.44 -26.18 1.31
CA ILE A 316 -28.90 -25.14 2.24
C ILE A 316 -28.59 -25.60 3.66
N PRO A 317 -27.99 -24.73 4.51
CA PRO A 317 -27.50 -25.20 5.81
C PRO A 317 -28.58 -25.66 6.78
N MET A 318 -29.73 -25.00 6.82
CA MET A 318 -30.78 -25.42 7.75
C MET A 318 -31.48 -26.69 7.28
N LYS A 319 -31.59 -26.90 5.97
CA LYS A 319 -32.16 -28.14 5.46
C LYS A 319 -31.27 -29.33 5.78
N ASP A 320 -29.95 -29.19 5.59
CA ASP A 320 -29.03 -30.25 5.96
C ASP A 320 -28.95 -30.42 7.46
N ALA A 321 -29.15 -29.33 8.22
CA ALA A 321 -29.18 -29.43 9.67
C ALA A 321 -30.38 -30.25 10.14
N LYS A 322 -31.55 -30.03 9.54
CA LYS A 322 -32.72 -30.85 9.88
C LYS A 322 -32.56 -32.29 9.41
N ALA A 323 -31.93 -32.48 8.26
CA ALA A 323 -31.71 -33.84 7.74
C ALA A 323 -30.72 -34.61 8.60
N CYS A 324 -29.76 -33.93 9.23
CA CYS A 324 -28.87 -34.60 10.15
C CYS A 324 -29.47 -34.72 11.55
N LEU A 325 -30.37 -33.81 11.93
CA LEU A 325 -31.04 -33.94 13.21
C LEU A 325 -32.07 -35.05 13.21
N ASP A 326 -32.62 -35.38 12.03
CA ASP A 326 -33.62 -36.44 11.95
C ASP A 326 -33.02 -37.83 12.07
N THR A 327 -31.71 -37.97 11.94
CA THR A 327 -31.05 -39.26 12.02
C THR A 327 -30.66 -39.63 13.45
N PHE A 328 -31.17 -38.92 14.44
CA PHE A 328 -30.84 -39.17 15.84
C PHE A 328 -32.13 -39.22 16.65
N TRP A 329 -32.50 -40.42 17.07
CA TRP A 329 -33.60 -40.59 18.02
C TRP A 329 -33.00 -40.87 19.39
N GLY A 330 -33.65 -40.36 20.43
CA GLY A 330 -33.13 -40.54 21.76
C GLY A 330 -32.95 -39.24 22.50
N TRP A 331 -33.63 -38.19 22.04
CA TRP A 331 -33.64 -36.93 22.76
C TRP A 331 -34.36 -37.10 24.09
N LYS A 332 -33.78 -36.52 25.14
CA LYS A 332 -34.37 -36.55 26.47
C LYS A 332 -34.63 -35.13 26.92
N LYS A 333 -35.28 -35.02 28.08
CA LYS A 333 -35.40 -33.73 28.74
C LYS A 333 -34.01 -33.28 29.18
N ALA A 334 -33.57 -32.14 28.67
CA ALA A 334 -32.21 -31.67 28.92
C ALA A 334 -32.06 -31.22 30.37
N THR A 335 -30.88 -31.50 30.92
CA THR A 335 -30.55 -31.17 32.30
C THR A 335 -29.13 -30.65 32.37
N ILE A 336 -28.93 -29.62 33.18
CA ILE A 336 -27.60 -29.04 33.36
C ILE A 336 -26.74 -30.02 34.16
N ILE A 337 -25.73 -30.58 33.50
CA ILE A 337 -24.88 -31.57 34.15
C ILE A 337 -23.52 -31.00 34.57
N LYS A 338 -23.14 -29.84 34.05
CA LYS A 338 -21.92 -29.17 34.44
C LYS A 338 -22.16 -27.68 34.26
N LYS A 339 -22.09 -26.92 35.34
CA LYS A 339 -22.50 -25.53 35.32
C LYS A 339 -21.37 -24.62 34.89
N HIS A 340 -21.72 -23.58 34.14
CA HIS A 340 -20.82 -22.45 33.91
C HIS A 340 -20.83 -21.60 35.17
N GLU A 341 -19.69 -21.53 35.86
CA GLU A 341 -19.65 -21.02 37.22
C GLU A 341 -19.86 -19.50 37.31
N LYS A 342 -19.62 -18.77 36.23
CA LYS A 342 -19.80 -17.32 36.24
C LYS A 342 -21.09 -16.88 35.56
N GLY A 343 -21.96 -17.82 35.17
CA GLY A 343 -23.15 -17.44 34.44
C GLY A 343 -24.46 -17.97 35.00
N VAL A 344 -25.51 -17.82 34.22
CA VAL A 344 -26.86 -18.26 34.57
C VAL A 344 -27.16 -19.47 33.68
N ASN A 345 -27.08 -20.67 34.26
CA ASN A 345 -27.16 -21.89 33.47
C ASN A 345 -28.58 -22.23 33.05
N THR A 346 -29.58 -21.76 33.79
CA THR A 346 -30.97 -21.91 33.37
C THR A 346 -31.24 -21.17 32.07
N ASN A 347 -30.55 -20.05 31.84
CA ASN A 347 -30.66 -19.34 30.57
C ASN A 347 -30.13 -20.19 29.43
N TYR A 348 -29.05 -20.93 29.66
CA TYR A 348 -28.51 -21.80 28.62
C TYR A 348 -29.44 -22.97 28.34
N LEU A 349 -30.08 -23.51 29.39
CA LEU A 349 -31.07 -24.57 29.22
C LEU A 349 -32.26 -24.09 28.39
N MET A 350 -32.75 -22.88 28.69
CA MET A 350 -33.87 -22.31 27.94
C MET A 350 -33.46 -21.95 26.51
N ILE A 351 -32.20 -21.57 26.30
CA ILE A 351 -31.69 -21.29 24.96
C ILE A 351 -31.71 -22.55 24.10
N TRP A 352 -31.27 -23.68 24.67
CA TRP A 352 -31.30 -24.93 23.91
C TRP A 352 -32.73 -25.39 23.65
N GLU A 353 -33.63 -25.24 24.62
CA GLU A 353 -35.02 -25.63 24.41
C GLU A 353 -35.69 -24.77 23.34
N GLN A 354 -35.45 -23.45 23.37
CA GLN A 354 -36.01 -22.54 22.37
C GLN A 354 -35.44 -22.83 20.98
N LEU A 355 -34.15 -23.15 20.91
CA LEU A 355 -33.53 -23.46 19.63
C LEU A 355 -34.06 -24.75 19.03
N LEU A 356 -34.21 -25.79 19.85
CA LEU A 356 -34.73 -27.06 19.35
C LEU A 356 -36.20 -26.94 18.93
N GLU A 357 -36.98 -26.17 19.70
CA GLU A 357 -38.38 -25.96 19.33
C GLU A 357 -38.52 -25.12 18.07
N SER A 358 -37.63 -24.14 17.87
CA SER A 358 -37.72 -23.33 16.66
C SER A 358 -37.22 -24.07 15.42
N ILE A 359 -36.25 -24.98 15.58
CA ILE A 359 -35.88 -25.87 14.48
C ILE A 359 -37.04 -26.80 14.15
N LYS A 360 -37.81 -27.22 15.16
CA LYS A 360 -38.97 -28.08 14.94
C LYS A 360 -40.05 -27.38 14.10
N GLU A 361 -40.21 -26.08 14.27
CA GLU A 361 -41.31 -25.34 13.62
C GLU A 361 -40.85 -24.37 12.54
N MET A 362 -39.62 -24.50 12.04
CA MET A 362 -39.08 -23.49 11.14
C MET A 362 -39.68 -23.61 9.74
N GLU A 363 -39.71 -22.49 9.03
CA GLU A 363 -40.16 -22.40 7.65
C GLU A 363 -39.15 -21.59 6.85
N GLY A 364 -38.75 -22.12 5.71
CA GLY A 364 -37.87 -21.41 4.82
C GLY A 364 -36.44 -21.92 4.86
N LYS A 365 -35.51 -21.04 4.46
CA LYS A 365 -34.11 -21.39 4.38
C LYS A 365 -33.30 -20.87 5.55
N PHE A 366 -33.76 -19.84 6.24
CA PHE A 366 -33.04 -19.24 7.34
CA PHE A 366 -33.06 -19.20 7.34
C PHE A 366 -33.92 -19.26 8.59
N LEU A 367 -33.27 -19.38 9.74
CA LEU A 367 -33.97 -19.42 11.02
C LEU A 367 -33.45 -18.29 11.89
N ASN A 368 -34.33 -17.33 12.21
CA ASN A 368 -34.02 -16.24 13.11
C ASN A 368 -34.85 -16.39 14.37
N LEU A 369 -34.19 -16.49 15.51
CA LEU A 369 -34.87 -16.76 16.77
C LEU A 369 -35.53 -15.50 17.32
N LYS A 370 -36.62 -15.71 18.04
CA LYS A 370 -37.26 -14.64 18.78
C LYS A 370 -36.36 -14.21 19.93
N LYS A 371 -36.10 -12.92 20.04
CA LYS A 371 -35.18 -12.42 21.04
C LYS A 371 -35.82 -12.44 22.43
N THR A 372 -35.70 -13.58 23.11
CA THR A 372 -36.21 -13.74 24.45
C THR A 372 -35.20 -13.16 25.46
N ASN A 373 -35.54 -13.22 26.74
CA ASN A 373 -34.68 -12.65 27.76
C ASN A 373 -33.45 -13.50 28.03
N HIS A 374 -33.58 -14.83 27.96
CA HIS A 374 -32.41 -15.68 28.15
C HIS A 374 -31.46 -15.61 26.96
N LEU A 375 -32.01 -15.45 25.75
CA LEU A 375 -31.17 -15.24 24.58
C LEU A 375 -30.50 -13.87 24.62
N LYS A 376 -31.18 -12.87 25.17
CA LYS A 376 -30.58 -11.55 25.35
C LYS A 376 -29.47 -11.56 26.39
N TRP A 377 -29.60 -12.39 27.43
CA TRP A 377 -28.49 -12.53 28.36
C TRP A 377 -27.34 -13.31 27.72
N GLY A 378 -27.65 -14.39 27.00
CA GLY A 378 -26.61 -15.21 26.41
C GLY A 378 -25.89 -14.58 25.26
N LEU A 379 -26.45 -13.54 24.65
CA LEU A 379 -25.80 -12.82 23.58
C LEU A 379 -25.31 -11.45 24.00
N GLY A 380 -25.54 -11.05 25.25
CA GLY A 380 -24.95 -9.85 25.78
C GLY A 380 -25.60 -8.56 25.38
N GLU A 381 -26.88 -8.59 25.01
CA GLU A 381 -27.58 -7.39 24.59
C GLU A 381 -27.91 -6.52 25.79
N GLY A 382 -27.46 -5.27 25.77
CA GLY A 382 -27.66 -4.35 26.86
C GLY A 382 -26.46 -4.17 27.78
N GLN A 383 -25.36 -4.85 27.49
CA GLN A 383 -24.20 -4.82 28.38
C GLN A 383 -23.25 -3.67 28.08
N ALA A 384 -23.30 -3.11 26.91
CA ALA A 384 -22.51 -1.92 26.64
C ALA A 384 -23.16 -0.70 27.29
N PRO A 385 -22.39 0.13 27.98
CA PRO A 385 -22.91 1.43 28.42
C PRO A 385 -23.22 2.32 27.22
N GLU A 386 -24.19 3.21 27.39
CA GLU A 386 -24.63 4.05 26.29
C GLU A 386 -23.58 5.12 25.99
N LYS A 387 -23.01 5.05 24.80
CA LYS A 387 -21.93 5.96 24.44
C LYS A 387 -22.48 7.34 24.11
N MET A 388 -22.14 8.31 24.96
CA MET A 388 -22.46 9.70 24.73
C MET A 388 -21.21 10.48 24.33
N ASP A 389 -21.41 11.72 23.94
CA ASP A 389 -20.29 12.62 23.72
C ASP A 389 -19.94 13.32 25.02
N PHE A 390 -18.67 13.74 25.12
CA PHE A 390 -18.17 14.28 26.38
C PHE A 390 -18.79 15.62 26.72
N GLU A 391 -19.24 16.38 25.71
CA GLU A 391 -19.77 17.72 25.96
C GLU A 391 -21.11 17.70 26.68
N ASP A 392 -21.80 16.57 26.71
CA ASP A 392 -23.02 16.42 27.51
C ASP A 392 -22.74 15.81 28.87
N CYS A 393 -21.66 15.05 29.01
CA CYS A 393 -21.38 14.27 30.21
C CYS A 393 -20.20 14.83 31.01
N LYS A 394 -19.99 16.14 30.96
CA LYS A 394 -18.95 16.74 31.79
C LYS A 394 -19.32 16.74 33.26
N GLU A 395 -20.63 16.70 33.55
CA GLU A 395 -21.15 16.89 34.91
C GLU A 395 -21.49 15.58 35.61
N VAL A 396 -20.97 14.46 35.10
CA VAL A 396 -21.12 13.17 35.77
C VAL A 396 -19.95 13.00 36.72
N PRO A 397 -20.19 12.69 38.00
CA PRO A 397 -19.08 12.62 38.97
C PRO A 397 -18.20 11.39 38.82
N ASP A 398 -18.81 10.21 38.65
CA ASP A 398 -18.07 8.94 38.69
C ASP A 398 -17.63 8.47 37.31
N LEU A 399 -16.94 9.35 36.58
CA LEU A 399 -16.53 9.08 35.21
C LEU A 399 -15.10 8.56 35.24
N PHE A 400 -14.96 7.24 35.36
CA PHE A 400 -13.66 6.60 35.52
C PHE A 400 -13.21 5.93 34.23
N GLN A 401 -11.90 5.91 34.04
CA GLN A 401 -11.30 5.39 32.81
C GLN A 401 -11.43 3.86 32.74
N TYR A 402 -11.48 3.35 31.51
CA TYR A 402 -11.47 1.91 31.25
C TYR A 402 -10.18 1.28 31.78
N LYS A 403 -10.33 0.31 32.67
CA LYS A 403 -9.17 -0.33 33.25
C LYS A 403 -8.53 -1.27 32.24
N SER A 404 -7.20 -1.39 32.34
CA SER A 404 -6.42 -2.15 31.37
C SER A 404 -5.48 -3.06 32.15
N GLU A 405 -5.94 -4.23 32.47
CA GLU A 405 -5.20 -5.16 33.28
C GLU A 405 -4.51 -6.20 32.40
N PRO A 406 -3.35 -6.71 32.82
CA PRO A 406 -2.71 -7.81 32.08
C PRO A 406 -3.48 -9.10 32.27
N PRO A 407 -3.30 -10.08 31.38
CA PRO A 407 -3.98 -11.37 31.57
C PRO A 407 -3.47 -12.12 32.77
N GLU A 408 -4.39 -12.82 33.44
CA GLU A 408 -4.03 -13.62 34.60
C GLU A 408 -3.37 -14.91 34.13
N LYS A 409 -2.26 -15.28 34.76
CA LYS A 409 -1.46 -16.40 34.29
C LYS A 409 -2.15 -17.73 34.57
N ARG A 410 -1.87 -18.71 33.72
CA ARG A 410 -2.46 -20.04 33.81
C ARG A 410 -1.39 -21.11 33.66
N LYS A 411 -1.63 -22.24 34.29
CA LYS A 411 -0.73 -23.38 34.23
C LYS A 411 -1.09 -24.28 33.05
N LEU A 412 -0.10 -25.05 32.60
CA LEU A 412 -0.28 -25.96 31.48
C LEU A 412 -0.99 -27.23 31.94
N ALA A 413 -1.97 -27.66 31.16
CA ALA A 413 -2.67 -28.92 31.39
C ALA A 413 -2.46 -29.86 30.21
N SER A 414 -2.73 -31.15 30.45
CA SER A 414 -2.43 -32.19 29.46
C SER A 414 -3.41 -32.25 28.31
N TRP A 415 -4.53 -31.51 28.39
CA TRP A 415 -5.55 -31.63 27.36
C TRP A 415 -5.10 -31.06 26.04
N ILE A 416 -4.26 -30.02 26.04
CA ILE A 416 -3.84 -29.42 24.78
C ILE A 416 -2.82 -30.31 24.08
N GLN A 417 -1.99 -31.02 24.86
CA GLN A 417 -1.13 -32.06 24.28
C GLN A 417 -1.95 -33.20 23.72
N SER A 418 -3.04 -33.59 24.40
CA SER A 418 -3.92 -34.61 23.87
C SER A 418 -4.61 -34.16 22.59
N GLU A 419 -4.99 -32.88 22.52
CA GLU A 419 -5.63 -32.33 21.34
C GLU A 419 -4.68 -32.33 20.16
N PHE A 420 -3.42 -31.95 20.38
CA PHE A 420 -2.46 -31.97 19.29
C PHE A 420 -2.10 -33.40 18.91
N ASN A 421 -2.15 -34.34 19.86
CA ASN A 421 -1.94 -35.75 19.52
C ASN A 421 -3.06 -36.28 18.63
N LYS A 422 -4.29 -35.88 18.90
CA LYS A 422 -5.41 -36.33 18.08
C LYS A 422 -5.47 -35.62 16.73
N ALA A 423 -4.96 -34.39 16.65
CA ALA A 423 -5.04 -33.63 15.42
C ALA A 423 -4.05 -34.09 14.36
N SER A 424 -3.06 -34.90 14.71
CA SER A 424 -2.10 -35.40 13.75
C SER A 424 -2.46 -36.78 13.21
N GLU A 425 -3.61 -37.32 13.58
CA GLU A 425 -3.99 -38.67 13.24
C GLU A 425 -4.84 -38.69 11.97
N LEU A 426 -4.96 -39.88 11.40
CA LEU A 426 -5.72 -40.08 10.17
C LEU A 426 -7.18 -40.39 10.49
N THR A 427 -8.06 -39.91 9.62
CA THR A 427 -9.47 -40.24 9.66
C THR A 427 -9.80 -41.18 8.50
N ASN A 428 -11.08 -41.50 8.36
CA ASN A 428 -11.56 -42.28 7.23
C ASN A 428 -12.09 -41.42 6.10
N SER A 429 -12.29 -40.12 6.35
CA SER A 429 -12.87 -39.24 5.37
C SER A 429 -11.80 -38.44 4.65
N ASN A 430 -12.09 -38.10 3.41
CA ASN A 430 -11.25 -37.21 2.60
C ASN A 430 -11.79 -35.80 2.80
N TRP A 431 -10.99 -34.92 3.40
CA TRP A 431 -11.52 -33.67 3.92
C TRP A 431 -11.22 -32.45 3.07
N ILE A 432 -10.31 -32.54 2.10
CA ILE A 432 -10.00 -31.42 1.23
C ILE A 432 -10.25 -31.85 -0.21
N GLU A 433 -11.04 -31.05 -0.93
CA GLU A 433 -11.28 -31.24 -2.35
C GLU A 433 -10.60 -30.10 -3.08
N PHE A 434 -9.55 -30.41 -3.82
CA PHE A 434 -8.83 -29.41 -4.58
C PHE A 434 -9.40 -29.31 -5.99
N ASP A 435 -9.37 -28.10 -6.53
CA ASP A 435 -9.81 -27.90 -7.90
C ASP A 435 -8.74 -28.38 -8.87
N GLU A 436 -9.13 -28.50 -10.14
CA GLU A 436 -8.24 -29.04 -11.14
C GLU A 436 -7.23 -28.00 -11.59
N LEU A 437 -6.13 -28.48 -12.14
CA LEU A 437 -5.10 -27.64 -12.73
C LEU A 437 -5.19 -27.73 -14.25
N GLY A 438 -4.30 -27.01 -14.92
CA GLY A 438 -4.03 -27.29 -16.31
C GLY A 438 -3.18 -28.55 -16.43
N ASN A 439 -3.08 -29.05 -17.66
CA ASN A 439 -2.29 -30.25 -17.90
C ASN A 439 -0.82 -29.93 -17.72
N ASP A 440 -0.06 -30.95 -17.31
CA ASP A 440 1.36 -30.79 -17.07
C ASP A 440 2.12 -31.10 -18.35
N VAL A 441 2.87 -30.11 -18.85
CA VAL A 441 3.70 -30.26 -20.03
C VAL A 441 5.17 -30.10 -19.71
N ALA A 442 5.51 -29.08 -18.92
CA ALA A 442 6.88 -28.87 -18.49
C ALA A 442 7.32 -29.99 -17.54
N PRO A 443 8.60 -30.37 -17.56
CA PRO A 443 9.07 -31.40 -16.62
C PRO A 443 9.02 -30.95 -15.18
N ILE A 444 9.25 -29.66 -14.91
CA ILE A 444 9.15 -29.15 -13.56
C ILE A 444 7.70 -29.14 -13.09
N GLU A 445 6.73 -29.10 -14.01
CA GLU A 445 5.34 -29.28 -13.63
C GLU A 445 5.05 -30.71 -13.23
N HIS A 446 5.70 -31.67 -13.87
CA HIS A 446 5.56 -33.07 -13.45
C HIS A 446 6.20 -33.31 -12.09
N ILE A 447 7.35 -32.70 -11.84
CA ILE A 447 8.02 -32.82 -10.55
C ILE A 447 7.17 -32.19 -9.45
N ALA A 448 6.62 -31.01 -9.71
CA ALA A 448 5.77 -30.34 -8.72
C ALA A 448 4.46 -31.08 -8.49
N SER A 449 3.90 -31.70 -9.54
CA SER A 449 2.67 -32.47 -9.37
C SER A 449 2.93 -33.75 -8.59
N ARG A 450 4.09 -34.37 -8.80
CA ARG A 450 4.47 -35.55 -8.01
C ARG A 450 4.62 -35.19 -6.54
N ARG A 451 5.31 -34.08 -6.25
CA ARG A 451 5.51 -33.62 -4.88
C ARG A 451 4.18 -33.26 -4.22
N ARG A 452 3.33 -32.52 -4.95
CA ARG A 452 2.05 -32.06 -4.42
C ARG A 452 1.09 -33.23 -4.19
N ASN A 453 1.11 -34.23 -5.08
CA ASN A 453 0.24 -35.38 -4.91
C ASN A 453 0.72 -36.28 -3.78
N PHE A 454 2.04 -36.36 -3.55
CA PHE A 454 2.56 -37.07 -2.37
C PHE A 454 2.09 -36.41 -1.08
N PHE A 455 2.20 -35.08 -1.01
CA PHE A 455 1.76 -34.35 0.19
C PHE A 455 0.25 -34.45 0.39
N THR A 456 -0.52 -34.37 -0.70
CA THR A 456 -1.97 -34.44 -0.60
C THR A 456 -2.46 -35.84 -0.27
N ALA A 457 -1.76 -36.88 -0.72
CA ALA A 457 -2.10 -38.23 -0.30
C ALA A 457 -1.76 -38.45 1.17
N GLU A 458 -0.66 -37.87 1.64
CA GLU A 458 -0.30 -38.06 3.04
C GLU A 458 -1.07 -37.16 3.99
N VAL A 459 -1.80 -36.16 3.50
CA VAL A 459 -2.34 -35.12 4.38
C VAL A 459 -3.85 -34.96 4.30
N SER A 460 -4.54 -35.56 3.33
CA SER A 460 -5.95 -35.24 3.11
C SER A 460 -6.87 -35.85 4.16
N GLN A 461 -6.56 -37.06 4.63
CA GLN A 461 -7.41 -37.75 5.59
C GLN A 461 -7.06 -37.42 7.03
N CYS A 462 -6.46 -36.27 7.29
CA CYS A 462 -6.00 -35.88 8.61
C CYS A 462 -7.11 -35.15 9.37
N ARG A 463 -6.98 -35.14 10.70
CA ARG A 463 -7.95 -34.43 11.53
C ARG A 463 -7.78 -32.92 11.42
N ALA A 464 -6.57 -32.46 11.12
CA ALA A 464 -6.33 -31.03 10.93
C ALA A 464 -7.04 -30.50 9.71
N SER A 465 -7.19 -31.32 8.66
CA SER A 465 -7.96 -30.92 7.49
C SER A 465 -9.44 -30.81 7.82
N GLU A 466 -9.94 -31.65 8.72
CA GLU A 466 -11.30 -31.51 9.20
C GLU A 466 -11.47 -30.23 10.01
N TYR A 467 -10.46 -29.85 10.80
CA TYR A 467 -10.53 -28.59 11.52
C TYR A 467 -10.47 -27.39 10.58
N ILE A 468 -9.72 -27.51 9.49
CA ILE A 468 -9.68 -26.47 8.45
C ILE A 468 -11.07 -26.30 7.85
N MET A 469 -11.73 -27.42 7.50
CA MET A 469 -13.08 -27.38 6.95
C MET A 469 -14.07 -26.77 7.92
N LYS A 470 -13.99 -27.14 9.20
CA LYS A 470 -14.88 -26.59 10.22
C LYS A 470 -14.70 -25.09 10.39
N ALA A 471 -13.46 -24.62 10.43
CA ALA A 471 -13.20 -23.21 10.64
C ALA A 471 -13.60 -22.38 9.42
N VAL A 472 -13.33 -22.90 8.22
CA VAL A 472 -13.70 -22.23 6.98
C VAL A 472 -15.22 -22.08 6.90
N TYR A 473 -15.95 -23.16 7.17
CA TYR A 473 -17.42 -23.11 7.08
C TYR A 473 -18.02 -22.21 8.16
N ILE A 474 -17.53 -22.31 9.40
CA ILE A 474 -18.08 -21.51 10.48
C ILE A 474 -17.81 -20.03 10.27
N ASN A 475 -16.58 -19.67 9.85
CA ASN A 475 -16.27 -18.26 9.69
C ASN A 475 -16.92 -17.67 8.44
N THR A 476 -17.07 -18.46 7.37
CA THR A 476 -17.79 -17.99 6.19
C THR A 476 -19.25 -17.74 6.50
N ALA A 477 -19.89 -18.68 7.21
CA ALA A 477 -21.31 -18.55 7.51
C ALA A 477 -21.56 -17.43 8.53
N LEU A 478 -20.65 -17.28 9.49
CA LEU A 478 -20.76 -16.19 10.46
C LEU A 478 -20.54 -14.84 9.82
N LEU A 479 -19.64 -14.75 8.82
CA LEU A 479 -19.42 -13.49 8.12
C LEU A 479 -20.62 -13.11 7.25
N ASN A 480 -21.17 -14.09 6.52
CA ASN A 480 -22.35 -13.84 5.70
C ASN A 480 -23.55 -13.43 6.55
N SER A 481 -23.76 -14.12 7.68
CA SER A 481 -24.89 -13.77 8.53
C SER A 481 -24.64 -12.46 9.28
N SER A 482 -23.40 -12.12 9.57
CA SER A 482 -23.11 -10.88 10.27
C SER A 482 -23.27 -9.68 9.36
N CYS A 483 -23.02 -9.85 8.07
CA CYS A 483 -23.08 -8.74 7.13
C CYS A 483 -24.36 -8.71 6.33
N THR A 484 -25.25 -9.68 6.46
CA THR A 484 -26.58 -9.56 5.89
C THR A 484 -27.69 -9.39 6.91
N ALA A 485 -27.62 -10.11 8.04
CA ALA A 485 -28.66 -10.06 9.07
C ALA A 485 -28.04 -9.51 10.34
N MET A 486 -27.99 -8.19 10.44
CA MET A 486 -27.31 -7.56 11.57
C MET A 486 -28.20 -7.50 12.80
N GLU A 487 -29.50 -7.35 12.62
CA GLU A 487 -30.46 -7.25 13.72
C GLU A 487 -31.25 -8.53 13.91
N GLU A 488 -30.65 -9.68 13.64
CA GLU A 488 -31.34 -10.96 13.68
C GLU A 488 -30.54 -11.96 14.50
N TYR A 489 -31.25 -12.75 15.30
CA TYR A 489 -30.63 -13.81 16.08
C TYR A 489 -30.64 -15.08 15.23
N GLN A 490 -29.69 -15.15 14.31
CA GLN A 490 -29.69 -16.11 13.23
C GLN A 490 -29.01 -17.41 13.66
N VAL A 491 -29.66 -18.53 13.41
CA VAL A 491 -29.12 -19.84 13.74
C VAL A 491 -28.19 -20.29 12.62
N ILE A 492 -26.94 -20.59 12.98
CA ILE A 492 -25.92 -21.00 12.02
C ILE A 492 -25.51 -22.42 12.34
N PRO A 493 -25.87 -23.41 11.54
CA PRO A 493 -25.47 -24.79 11.85
C PRO A 493 -24.05 -25.08 11.42
N ILE A 494 -23.33 -25.78 12.29
CA ILE A 494 -21.95 -26.19 12.04
C ILE A 494 -22.00 -27.40 11.11
N ILE A 495 -21.73 -27.18 9.82
CA ILE A 495 -21.83 -28.20 8.79
C ILE A 495 -20.45 -28.40 8.19
N THR A 496 -20.08 -29.66 7.94
CA THR A 496 -18.97 -29.97 7.04
C THR A 496 -19.43 -31.03 6.05
N LYS A 497 -18.63 -31.20 5.00
CA LYS A 497 -18.90 -32.19 3.98
C LYS A 497 -17.60 -32.91 3.65
N CYS A 498 -17.71 -34.20 3.36
CA CYS A 498 -16.52 -35.00 3.10
C CYS A 498 -16.87 -36.13 2.13
N ARG A 499 -15.85 -36.87 1.73
CA ARG A 499 -16.00 -38.06 0.91
C ARG A 499 -15.43 -39.25 1.66
N ASP A 500 -16.01 -40.42 1.44
CA ASP A 500 -15.55 -41.64 2.08
C ASP A 500 -14.37 -42.23 1.31
N THR A 501 -13.99 -43.45 1.66
CA THR A 501 -12.99 -44.17 0.89
C THR A 501 -13.54 -44.65 -0.45
N SER A 502 -14.85 -44.70 -0.60
CA SER A 502 -15.51 -45.10 -1.84
C SER A 502 -16.08 -43.92 -2.61
N GLY A 503 -15.80 -42.69 -2.18
CA GLY A 503 -16.25 -41.50 -2.89
C GLY A 503 -17.66 -41.07 -2.60
N GLN A 504 -18.33 -41.67 -1.62
CA GLN A 504 -19.69 -41.28 -1.26
C GLN A 504 -19.67 -39.99 -0.46
N ARG A 505 -20.53 -39.05 -0.84
CA ARG A 505 -20.60 -37.78 -0.13
C ARG A 505 -21.26 -37.95 1.22
N ARG A 506 -20.71 -37.28 2.22
CA ARG A 506 -21.25 -37.31 3.57
C ARG A 506 -21.35 -35.88 4.09
N THR A 507 -22.47 -35.57 4.73
CA THR A 507 -22.70 -34.25 5.32
C THR A 507 -22.81 -34.42 6.82
N ASN A 508 -21.94 -33.74 7.55
CA ASN A 508 -21.84 -33.85 9.00
C ASN A 508 -22.31 -32.57 9.66
N LEU A 509 -23.02 -32.72 10.77
CA LEU A 509 -23.49 -31.62 11.59
C LEU A 509 -22.88 -31.75 12.98
N TYR A 510 -22.26 -30.68 13.46
CA TYR A 510 -21.59 -30.68 14.75
C TYR A 510 -22.30 -29.88 15.81
N GLY A 511 -23.22 -29.02 15.45
CA GLY A 511 -23.88 -28.18 16.42
C GLY A 511 -24.45 -26.95 15.74
N PHE A 512 -24.74 -25.95 16.56
CA PHE A 512 -25.40 -24.75 16.10
C PHE A 512 -24.75 -23.52 16.72
N ILE A 513 -24.77 -22.43 15.97
CA ILE A 513 -24.27 -21.15 16.43
C ILE A 513 -25.40 -20.15 16.32
N ILE A 514 -25.78 -19.55 17.44
CA ILE A 514 -26.79 -18.51 17.46
C ILE A 514 -26.06 -17.18 17.48
N LYS A 515 -26.21 -16.40 16.41
CA LYS A 515 -25.49 -15.17 16.21
C LYS A 515 -26.24 -14.02 16.86
N GLY A 516 -25.50 -13.12 17.50
CA GLY A 516 -26.07 -11.96 18.14
C GLY A 516 -26.28 -10.82 17.17
N ARG A 517 -26.33 -9.61 17.72
CA ARG A 517 -26.42 -8.42 16.89
C ARG A 517 -25.03 -8.01 16.44
N SER A 518 -24.84 -7.89 15.13
CA SER A 518 -23.52 -7.67 14.53
C SER A 518 -23.54 -6.39 13.71
N HIS A 519 -23.38 -5.26 14.40
CA HIS A 519 -23.15 -3.98 13.73
C HIS A 519 -21.66 -3.69 13.84
N LEU A 520 -20.89 -4.33 12.96
CA LEU A 520 -19.44 -4.31 13.05
C LEU A 520 -18.88 -3.12 12.26
N ARG A 521 -18.26 -2.18 12.97
CA ARG A 521 -17.66 -1.01 12.36
C ARG A 521 -16.14 -1.08 12.35
N ASN A 522 -15.51 -1.31 13.51
CA ASN A 522 -14.08 -1.54 13.55
C ASN A 522 -13.77 -2.95 13.05
N ASP A 523 -12.47 -3.21 12.87
CA ASP A 523 -12.02 -4.56 12.58
C ASP A 523 -11.97 -5.44 13.82
N THR A 524 -12.04 -4.84 15.01
CA THR A 524 -11.96 -5.56 16.26
C THR A 524 -13.25 -5.53 17.04
N ASP A 525 -14.35 -5.07 16.44
CA ASP A 525 -15.64 -5.12 17.09
C ASP A 525 -16.12 -6.57 17.18
N VAL A 526 -16.61 -6.95 18.34
CA VAL A 526 -16.94 -8.34 18.62
C VAL A 526 -18.41 -8.57 18.35
N VAL A 527 -18.71 -9.59 17.56
CA VAL A 527 -20.04 -10.16 17.51
C VAL A 527 -20.08 -11.33 18.48
N ASN A 528 -21.01 -11.28 19.43
CA ASN A 528 -21.19 -12.36 20.38
C ASN A 528 -22.06 -13.44 19.76
N PHE A 529 -21.69 -14.69 19.98
CA PHE A 529 -22.53 -15.79 19.55
C PHE A 529 -22.58 -16.83 20.65
N ILE A 530 -23.44 -17.82 20.44
CA ILE A 530 -23.61 -18.93 21.36
C ILE A 530 -23.36 -20.20 20.56
N SER A 531 -22.40 -21.00 21.00
CA SER A 531 -22.15 -22.29 20.36
C SER A 531 -22.75 -23.40 21.20
N LEU A 532 -23.45 -24.32 20.53
CA LEU A 532 -24.08 -25.48 21.13
C LEU A 532 -23.62 -26.69 20.33
N GLU A 533 -22.71 -27.47 20.90
CA GLU A 533 -22.01 -28.50 20.16
C GLU A 533 -22.29 -29.88 20.73
N PHE A 534 -22.55 -30.84 19.86
CA PHE A 534 -22.79 -32.21 20.28
C PHE A 534 -21.49 -32.86 20.72
N SER A 535 -21.59 -33.79 21.68
CA SER A 535 -20.40 -34.46 22.17
C SER A 535 -20.76 -35.79 22.81
N LEU A 536 -19.78 -36.70 22.84
CA LEU A 536 -19.89 -37.94 23.57
C LEU A 536 -18.94 -37.99 24.76
N THR A 537 -18.27 -36.89 25.06
CA THR A 537 -17.24 -36.84 26.09
C THR A 537 -17.82 -36.23 27.36
N ASP A 538 -17.67 -36.94 28.48
CA ASP A 538 -18.17 -36.45 29.75
C ASP A 538 -17.32 -35.28 30.24
N PRO A 539 -17.92 -34.13 30.55
CA PRO A 539 -17.13 -32.96 30.97
C PRO A 539 -16.63 -33.02 32.40
N ARG A 540 -17.03 -34.02 33.18
CA ARG A 540 -16.63 -34.12 34.57
C ARG A 540 -15.31 -34.85 34.75
N ASN A 541 -14.76 -35.43 33.69
CA ASN A 541 -13.45 -36.08 33.78
C ASN A 541 -12.32 -35.06 33.76
N GLU A 542 -12.46 -33.97 33.02
CA GLU A 542 -11.44 -32.92 32.94
C GLU A 542 -12.15 -31.58 33.08
N ILE A 543 -12.38 -31.16 34.31
CA ILE A 543 -13.33 -30.07 34.54
C ILE A 543 -12.66 -28.69 34.44
N HIS A 544 -11.33 -28.64 34.48
CA HIS A 544 -10.63 -27.37 34.30
C HIS A 544 -10.60 -26.95 32.84
N LYS A 545 -10.73 -27.93 31.94
CA LYS A 545 -10.74 -27.64 30.51
C LYS A 545 -11.99 -26.88 30.12
N TRP A 546 -13.13 -27.22 30.70
CA TRP A 546 -14.42 -26.67 30.32
C TRP A 546 -14.87 -25.57 31.27
N GLU A 547 -14.11 -24.47 31.31
CA GLU A 547 -14.41 -23.42 32.28
C GLU A 547 -15.54 -22.50 31.83
N LYS A 548 -15.52 -22.08 30.58
CA LYS A 548 -16.51 -21.15 30.04
C LYS A 548 -17.76 -21.86 29.52
N TYR A 549 -17.81 -23.18 29.58
CA TYR A 549 -18.90 -23.96 29.02
C TYR A 549 -19.96 -24.26 30.08
N CYS A 550 -21.18 -24.53 29.61
CA CYS A 550 -22.26 -25.05 30.43
C CYS A 550 -22.80 -26.27 29.70
N VAL A 551 -22.44 -27.45 30.19
CA VAL A 551 -22.69 -28.69 29.47
C VAL A 551 -24.00 -29.30 29.95
N LEU A 552 -24.85 -29.65 29.00
CA LEU A 552 -26.11 -30.34 29.26
C LEU A 552 -25.96 -31.80 28.89
N GLU A 553 -26.99 -32.58 29.19
CA GLU A 553 -27.06 -33.98 28.80
C GLU A 553 -28.35 -34.15 28.02
N ILE A 554 -28.26 -34.14 26.70
CA ILE A 554 -29.46 -34.04 25.87
C ILE A 554 -29.95 -35.39 25.35
N GLY A 555 -29.12 -36.42 25.32
CA GLY A 555 -29.62 -37.64 24.74
C GLY A 555 -28.84 -38.87 25.14
N ASP A 556 -29.19 -39.98 24.49
CA ASP A 556 -28.51 -41.26 24.62
C ASP A 556 -28.32 -41.86 23.24
N MET A 557 -27.16 -42.45 22.99
CA MET A 557 -26.83 -43.04 21.70
C MET A 557 -26.36 -44.47 21.89
N GLU A 558 -26.92 -45.39 21.11
CA GLU A 558 -26.47 -46.78 21.09
C GLU A 558 -25.23 -46.85 20.22
N ILE A 559 -24.07 -46.75 20.86
CA ILE A 559 -22.79 -46.78 20.17
C ILE A 559 -22.38 -48.23 19.98
N ARG A 560 -22.22 -48.63 18.72
CA ARG A 560 -21.80 -49.98 18.36
C ARG A 560 -20.28 -50.02 18.33
N THR A 561 -19.67 -50.68 19.31
CA THR A 561 -18.23 -50.93 19.29
C THR A 561 -17.94 -52.18 18.45
N SER A 562 -16.71 -52.71 18.56
CA SER A 562 -16.32 -53.85 17.72
C SER A 562 -17.06 -55.12 18.12
N ILE A 563 -17.31 -55.31 19.41
CA ILE A 563 -18.02 -56.52 19.86
C ILE A 563 -19.33 -56.12 20.54
N SER A 564 -19.24 -55.37 21.63
CA SER A 564 -20.40 -55.01 22.42
C SER A 564 -21.01 -53.69 21.94
N THR A 565 -22.27 -53.48 22.29
CA THR A 565 -23.00 -52.26 21.97
C THR A 565 -23.37 -51.56 23.27
N ILE A 566 -22.88 -50.33 23.46
CA ILE A 566 -23.06 -49.62 24.72
C ILE A 566 -24.05 -48.48 24.51
N MET A 567 -24.56 -47.96 25.62
CA MET A 567 -25.54 -46.88 25.60
C MET A 567 -24.89 -45.66 26.24
N LYS A 568 -24.35 -44.77 25.41
CA LYS A 568 -23.58 -43.69 25.99
C LYS A 568 -24.36 -42.37 25.94
N PRO A 569 -24.25 -41.54 26.97
CA PRO A 569 -24.99 -40.28 26.97
C PRO A 569 -24.37 -39.25 26.04
N VAL A 570 -25.24 -38.55 25.31
CA VAL A 570 -24.87 -37.51 24.37
C VAL A 570 -25.05 -36.17 25.06
N TYR A 571 -23.95 -35.45 25.23
CA TYR A 571 -23.91 -34.16 25.88
C TYR A 571 -23.94 -33.05 24.84
N LEU A 572 -24.22 -31.84 25.31
CA LEU A 572 -24.26 -30.65 24.47
C LEU A 572 -23.50 -29.55 25.20
N TYR A 573 -22.37 -29.14 24.64
CA TYR A 573 -21.54 -28.10 25.21
C TYR A 573 -22.04 -26.74 24.72
N VAL A 574 -22.51 -25.91 25.65
CA VAL A 574 -23.12 -24.63 25.33
C VAL A 574 -22.27 -23.55 25.98
N ARG A 575 -21.78 -22.62 25.17
CA ARG A 575 -21.05 -21.48 25.72
C ARG A 575 -21.32 -20.23 24.91
N THR A 576 -21.10 -19.10 25.55
CA THR A 576 -21.09 -17.80 24.89
C THR A 576 -19.67 -17.52 24.43
N ASN A 577 -19.50 -17.30 23.13
CA ASN A 577 -18.21 -16.95 22.57
C ASN A 577 -18.36 -15.64 21.80
N GLY A 578 -17.29 -15.23 21.14
CA GLY A 578 -17.34 -14.01 20.35
C GLY A 578 -16.22 -14.01 19.35
N THR A 579 -16.42 -13.25 18.28
CA THR A 579 -15.40 -13.21 17.24
C THR A 579 -15.42 -11.83 16.59
N SER A 580 -14.33 -11.52 15.89
CA SER A 580 -14.17 -10.24 15.21
C SER A 580 -14.22 -10.45 13.70
N LYS A 581 -14.25 -9.33 12.97
CA LYS A 581 -14.19 -9.40 11.52
C LYS A 581 -12.82 -9.86 11.04
N ILE A 582 -11.76 -9.49 11.77
CA ILE A 582 -10.41 -9.91 11.44
C ILE A 582 -10.23 -11.40 11.72
N LYS A 583 -10.82 -11.89 12.82
CA LYS A 583 -10.71 -13.31 13.15
C LYS A 583 -11.50 -14.17 12.18
N MET A 584 -12.70 -13.72 11.80
CA MET A 584 -13.48 -14.44 10.78
C MET A 584 -12.78 -14.40 9.44
N LYS A 585 -12.13 -13.27 9.11
CA LYS A 585 -11.41 -13.14 7.86
C LYS A 585 -10.23 -14.11 7.80
N TRP A 586 -9.51 -14.27 8.91
CA TRP A 586 -8.40 -15.22 8.93
C TRP A 586 -8.85 -16.66 9.10
N GLY A 587 -10.04 -16.90 9.64
CA GLY A 587 -10.56 -18.25 9.69
C GLY A 587 -11.06 -18.75 8.36
N MET A 588 -11.63 -17.85 7.54
CA MET A 588 -12.01 -18.22 6.18
C MET A 588 -10.80 -18.57 5.32
N GLU A 589 -9.66 -17.95 5.60
CA GLU A 589 -8.41 -18.27 4.92
C GLU A 589 -7.64 -19.24 5.81
N MET A 590 -8.06 -20.50 5.80
CA MET A 590 -7.44 -21.52 6.62
C MET A 590 -6.70 -22.57 5.82
N ARG A 591 -6.82 -22.55 4.50
CA ARG A 591 -6.08 -23.49 3.66
C ARG A 591 -4.65 -23.04 3.40
N ARG A 592 -4.29 -21.84 3.85
CA ARG A 592 -2.89 -21.46 3.88
C ARG A 592 -2.10 -22.25 4.92
N CYS A 593 -2.76 -22.92 5.85
CA CYS A 593 -2.10 -23.94 6.66
C CYS A 593 -1.61 -25.09 5.81
N LEU A 594 -2.45 -25.55 4.87
CA LEU A 594 -2.03 -26.56 3.90
C LEU A 594 -0.96 -26.03 2.97
N LEU A 595 -0.98 -24.73 2.70
CA LEU A 595 0.08 -24.14 1.88
C LEU A 595 1.40 -24.09 2.65
N GLN A 596 1.36 -23.71 3.93
CA GLN A 596 2.57 -23.54 4.71
C GLN A 596 3.23 -24.88 5.04
N SER A 597 2.43 -25.90 5.33
CA SER A 597 3.00 -27.23 5.60
C SER A 597 3.66 -27.81 4.36
N LEU A 598 3.03 -27.66 3.19
CA LEU A 598 3.65 -28.08 1.94
C LEU A 598 4.90 -27.26 1.64
N GLN A 599 4.88 -25.97 2.00
CA GLN A 599 6.05 -25.11 1.83
C GLN A 599 7.22 -25.57 2.68
N GLN A 600 6.95 -26.00 3.92
CA GLN A 600 8.00 -26.52 4.79
C GLN A 600 8.59 -27.83 4.26
N VAL A 601 7.73 -28.76 3.85
CA VAL A 601 8.20 -30.04 3.33
C VAL A 601 8.94 -29.85 2.01
N GLU A 602 8.46 -28.92 1.18
CA GLU A 602 9.10 -28.66 -0.10
C GLU A 602 10.42 -27.93 0.07
N SER A 603 10.55 -27.09 1.10
CA SER A 603 11.84 -26.46 1.36
C SER A 603 12.84 -27.46 1.90
N MET A 604 12.39 -28.46 2.66
CA MET A 604 13.27 -29.57 3.04
C MET A 604 13.75 -30.34 1.80
N ILE A 605 12.83 -30.66 0.89
CA ILE A 605 13.20 -31.34 -0.36
C ILE A 605 14.12 -30.49 -1.24
N GLU A 606 13.90 -29.18 -1.28
CA GLU A 606 14.71 -28.29 -2.11
C GLU A 606 16.11 -28.13 -1.53
N ALA A 607 16.22 -28.00 -0.20
CA ALA A 607 17.54 -27.97 0.43
C ALA A 607 18.26 -29.30 0.33
N GLU A 608 17.54 -30.41 0.21
CA GLU A 608 18.22 -31.69 -0.09
C GLU A 608 18.72 -31.71 -1.53
N SER A 609 17.88 -31.34 -2.48
CA SER A 609 18.23 -31.43 -3.90
C SER A 609 19.25 -30.39 -4.33
N ALA A 610 19.42 -29.30 -3.56
CA ALA A 610 20.48 -28.35 -3.82
C ALA A 610 21.86 -28.87 -3.50
N VAL A 611 21.96 -30.00 -2.79
CA VAL A 611 23.22 -30.64 -2.46
C VAL A 611 23.41 -31.96 -3.19
N LYS A 612 22.35 -32.77 -3.28
CA LYS A 612 22.46 -34.06 -3.95
C LYS A 612 22.34 -33.98 -5.46
N GLU A 613 21.89 -32.83 -5.99
CA GLU A 613 21.90 -32.50 -7.43
C GLU A 613 21.07 -33.48 -8.27
N LYS A 614 19.93 -33.89 -7.73
CA LYS A 614 18.95 -34.65 -8.47
C LYS A 614 17.60 -34.42 -7.81
N ASP A 615 16.54 -34.89 -8.46
CA ASP A 615 15.18 -34.77 -7.92
C ASP A 615 15.07 -35.71 -6.73
N MET A 616 15.24 -35.16 -5.53
CA MET A 616 15.19 -35.94 -4.30
C MET A 616 13.80 -36.03 -3.71
N THR A 617 12.75 -35.86 -4.52
CA THR A 617 11.39 -35.99 -4.02
C THR A 617 11.05 -37.46 -3.77
N GLU A 618 11.48 -38.35 -4.65
CA GLU A 618 11.20 -39.78 -4.53
C GLU A 618 12.02 -40.46 -3.42
N PRO A 619 13.32 -40.12 -3.16
CA PRO A 619 13.90 -40.57 -1.87
C PRO A 619 13.62 -39.62 -0.72
N PHE A 620 12.39 -39.14 -0.63
CA PHE A 620 11.91 -38.36 0.51
C PHE A 620 10.52 -38.76 0.98
N PHE A 621 9.69 -39.33 0.10
CA PHE A 621 8.35 -39.78 0.44
C PHE A 621 8.20 -41.28 0.41
N ARG A 622 9.04 -41.98 -0.35
CA ARG A 622 9.02 -43.43 -0.41
C ARG A 622 9.87 -44.07 0.68
N ASN A 623 10.35 -43.29 1.64
CA ASN A 623 11.00 -43.84 2.83
C ASN A 623 9.93 -44.51 3.68
N ARG A 624 9.84 -45.84 3.57
CA ARG A 624 8.85 -46.60 4.31
C ARG A 624 9.33 -47.00 5.69
N GLU A 625 10.48 -46.50 6.12
CA GLU A 625 10.96 -46.68 7.48
C GLU A 625 10.70 -45.40 8.27
N ASN A 626 10.88 -45.49 9.58
CA ASN A 626 10.71 -44.37 10.50
C ASN A 626 12.08 -43.72 10.70
N ASP A 627 12.21 -42.46 10.26
CA ASP A 627 13.48 -41.77 10.32
C ASP A 627 13.43 -40.44 11.04
N TRP A 628 12.25 -39.95 11.40
CA TRP A 628 12.14 -38.58 11.89
C TRP A 628 11.66 -38.56 13.34
N PRO A 629 12.41 -37.98 14.28
CA PRO A 629 11.93 -37.94 15.67
C PRO A 629 10.83 -36.91 15.82
N ILE A 630 9.63 -37.36 16.21
CA ILE A 630 8.50 -36.46 16.37
C ILE A 630 7.73 -36.67 17.67
N GLY A 631 8.21 -37.53 18.56
CA GLY A 631 7.46 -37.84 19.76
C GLY A 631 8.38 -38.14 20.92
N GLU A 632 7.75 -38.29 22.09
CA GLU A 632 8.46 -38.54 23.34
C GLU A 632 7.58 -39.42 24.21
N SER A 633 7.79 -40.73 24.13
CA SER A 633 7.14 -41.69 25.01
C SER A 633 7.90 -41.77 26.31
N PRO A 634 7.35 -42.47 27.33
CA PRO A 634 8.19 -42.79 28.50
C PRO A 634 9.38 -43.69 28.20
N GLN A 635 9.37 -44.43 27.09
CA GLN A 635 10.51 -45.23 26.70
C GLN A 635 11.60 -44.43 25.99
N GLY A 636 11.36 -43.15 25.71
CA GLY A 636 12.37 -42.34 25.05
C GLY A 636 11.79 -41.44 23.98
N ILE A 637 12.51 -41.28 22.88
CA ILE A 637 12.06 -40.45 21.77
C ILE A 637 11.64 -41.36 20.62
N GLU A 638 10.46 -41.09 20.07
CA GLU A 638 9.89 -41.92 19.02
C GLU A 638 10.04 -41.27 17.67
N LYS A 639 10.25 -42.10 16.65
CA LYS A 639 10.39 -41.66 15.28
C LYS A 639 9.16 -42.06 14.48
N GLY A 640 9.03 -41.42 13.33
CA GLY A 640 7.92 -41.62 12.44
C GLY A 640 8.37 -41.36 11.02
N THR A 641 7.46 -41.66 10.09
CA THR A 641 7.71 -41.52 8.67
C THR A 641 7.49 -40.07 8.24
N ILE A 642 7.63 -39.85 6.93
CA ILE A 642 7.52 -38.49 6.40
C ILE A 642 6.04 -38.05 6.31
N GLY A 643 5.12 -39.00 6.17
CA GLY A 643 3.71 -38.64 6.16
C GLY A 643 3.21 -38.21 7.53
N LYS A 644 3.72 -38.85 8.58
CA LYS A 644 3.45 -38.41 9.93
C LYS A 644 4.02 -37.01 10.17
N VAL A 645 5.19 -36.72 9.59
CA VAL A 645 5.81 -35.40 9.75
C VAL A 645 4.98 -34.33 9.05
N CYS A 646 4.48 -34.64 7.85
CA CYS A 646 3.68 -33.66 7.13
C CYS A 646 2.33 -33.44 7.80
N ARG A 647 1.75 -34.49 8.40
CA ARG A 647 0.53 -34.30 9.18
C ARG A 647 0.77 -33.50 10.46
N VAL A 648 1.94 -33.68 11.09
CA VAL A 648 2.26 -32.91 12.29
C VAL A 648 2.53 -31.45 11.94
N LEU A 649 3.14 -31.18 10.78
CA LEU A 649 3.36 -29.81 10.35
C LEU A 649 2.04 -29.14 9.98
N LEU A 650 1.12 -29.89 9.37
CA LEU A 650 -0.21 -29.35 9.10
C LEU A 650 -0.95 -29.04 10.40
N ALA A 651 -0.89 -29.95 11.37
CA ALA A 651 -1.56 -29.75 12.65
C ALA A 651 -0.95 -28.58 13.42
N LYS A 652 0.36 -28.36 13.27
CA LYS A 652 1.00 -27.22 13.90
C LYS A 652 0.55 -25.91 13.27
N SER A 653 0.42 -25.86 11.94
CA SER A 653 -0.10 -24.66 11.29
C SER A 653 -1.56 -24.41 11.65
N VAL A 654 -2.36 -25.47 11.76
CA VAL A 654 -3.78 -25.34 12.11
C VAL A 654 -3.93 -24.83 13.53
N PHE A 655 -3.12 -25.33 14.46
CA PHE A 655 -3.21 -24.85 15.83
C PHE A 655 -2.61 -23.46 15.98
N ASN A 656 -1.68 -23.08 15.11
CA ASN A 656 -1.26 -21.69 15.04
C ASN A 656 -2.39 -20.79 14.56
N SER A 657 -3.23 -21.29 13.67
CA SER A 657 -4.36 -20.50 13.19
C SER A 657 -5.49 -20.43 14.20
N ILE A 658 -5.72 -21.50 14.97
CA ILE A 658 -6.83 -21.53 15.91
C ILE A 658 -6.52 -20.68 17.13
N TYR A 659 -5.42 -20.98 17.82
CA TYR A 659 -5.03 -20.24 19.02
C TYR A 659 -4.05 -19.12 18.69
N ALA A 660 -4.39 -18.27 17.73
CA ALA A 660 -3.52 -17.16 17.39
C ALA A 660 -3.63 -16.08 18.44
N SER A 661 -2.48 -15.60 18.92
CA SER A 661 -2.45 -14.58 19.96
C SER A 661 -1.15 -13.81 19.83
N ALA A 662 -1.05 -12.73 20.61
CA ALA A 662 0.18 -11.96 20.67
C ALA A 662 1.26 -12.68 21.47
N GLN A 663 0.83 -13.53 22.41
CA GLN A 663 1.76 -14.33 23.20
C GLN A 663 2.50 -15.34 22.34
N LEU A 664 1.79 -16.00 21.42
CA LEU A 664 2.41 -16.97 20.52
C LEU A 664 3.37 -16.30 19.56
N GLU A 665 2.98 -15.14 19.04
CA GLU A 665 3.83 -14.37 18.14
C GLU A 665 5.13 -13.94 18.82
N GLY A 666 5.01 -13.36 20.02
CA GLY A 666 6.19 -12.95 20.76
C GLY A 666 7.07 -14.10 21.17
N PHE A 667 6.46 -15.22 21.59
CA PHE A 667 7.24 -16.39 22.01
C PHE A 667 8.00 -17.00 20.85
N SER A 668 7.37 -17.09 19.68
CA SER A 668 8.05 -17.65 18.52
C SER A 668 9.19 -16.77 18.07
N ALA A 669 8.96 -15.45 18.04
CA ALA A 669 10.00 -14.52 17.62
C ALA A 669 11.16 -14.48 18.61
N GLU A 670 10.92 -14.75 19.88
CA GLU A 670 12.01 -14.72 20.84
C GLU A 670 12.72 -16.07 20.97
N SER A 671 12.01 -17.18 20.87
CA SER A 671 12.65 -18.49 21.00
C SER A 671 13.29 -18.97 19.70
N ARG A 672 13.03 -18.29 18.58
CA ARG A 672 13.78 -18.55 17.35
C ARG A 672 15.27 -18.29 17.55
N LYS A 673 15.60 -17.27 18.34
CA LYS A 673 17.01 -16.95 18.61
C LYS A 673 17.68 -18.03 19.44
N LEU A 674 16.96 -18.61 20.40
CA LEU A 674 17.53 -19.68 21.21
C LEU A 674 17.70 -20.96 20.40
N LEU A 675 16.76 -21.22 19.48
CA LEU A 675 16.90 -22.35 18.56
C LEU A 675 18.12 -22.17 17.66
N LEU A 676 18.33 -20.96 17.14
CA LEU A 676 19.49 -20.70 16.29
C LEU A 676 20.80 -20.75 17.08
N LEU A 677 20.77 -20.41 18.36
CA LEU A 677 21.95 -20.55 19.21
C LEU A 677 22.30 -22.01 19.45
N ILE A 678 21.28 -22.85 19.68
CA ILE A 678 21.52 -24.29 19.85
C ILE A 678 22.05 -24.90 18.55
N GLN A 679 21.53 -24.43 17.42
CA GLN A 679 22.03 -24.90 16.12
C GLN A 679 23.46 -24.43 15.88
N ALA A 680 23.81 -23.22 16.34
CA ALA A 680 25.18 -22.74 16.22
C ALA A 680 26.12 -23.52 17.12
N PHE A 681 25.61 -24.03 18.25
CA PHE A 681 26.43 -24.90 19.08
C PHE A 681 26.65 -26.26 18.42
N ARG A 682 25.61 -26.83 17.81
CA ARG A 682 25.73 -28.14 17.20
C ARG A 682 26.60 -28.14 15.95
N ASP A 683 26.75 -27.00 15.29
CA ASP A 683 27.58 -26.89 14.10
C ASP A 683 29.04 -26.59 14.42
N ASN A 684 29.41 -26.59 15.71
CA ASN A 684 30.75 -26.23 16.20
C ASN A 684 31.14 -24.82 15.77
N LEU A 685 30.18 -23.90 15.84
CA LEU A 685 30.40 -22.53 15.42
C LEU A 685 30.64 -21.59 16.59
N ASP A 686 30.80 -22.13 17.80
CA ASP A 686 31.15 -21.45 19.05
C ASP A 686 30.20 -20.30 19.35
N PRO A 687 28.96 -20.57 19.74
CA PRO A 687 28.00 -19.47 19.93
C PRO A 687 28.30 -18.68 21.19
N GLY A 688 27.82 -17.45 21.20
CA GLY A 688 27.98 -16.58 22.35
C GLY A 688 26.82 -15.62 22.41
N THR A 689 26.61 -15.06 23.60
CA THR A 689 25.52 -14.14 23.85
C THR A 689 26.06 -12.88 24.53
N PHE A 690 25.18 -11.91 24.70
CA PHE A 690 25.51 -10.68 25.40
C PHE A 690 24.66 -10.46 26.65
N ASP A 691 23.39 -10.87 26.63
CA ASP A 691 22.54 -10.86 27.82
C ASP A 691 21.55 -12.01 27.66
N LEU A 692 21.90 -13.16 28.24
CA LEU A 692 21.06 -14.35 28.10
C LEU A 692 19.89 -14.34 29.05
N LYS A 693 20.07 -13.77 30.24
CA LYS A 693 18.98 -13.60 31.18
C LYS A 693 17.90 -12.67 30.63
N GLY A 694 18.31 -11.63 29.90
CA GLY A 694 17.33 -10.77 29.25
C GLY A 694 16.57 -11.46 28.14
N LEU A 695 17.24 -12.36 27.43
CA LEU A 695 16.57 -13.17 26.41
C LEU A 695 15.58 -14.13 27.04
N TYR A 696 15.94 -14.74 28.17
CA TYR A 696 15.00 -15.63 28.87
C TYR A 696 13.81 -14.86 29.41
N GLU A 697 14.02 -13.65 29.91
CA GLU A 697 12.91 -12.82 30.37
C GLU A 697 12.01 -12.40 29.22
N ALA A 698 12.59 -12.11 28.06
CA ALA A 698 11.79 -11.75 26.89
C ALA A 698 11.00 -12.93 26.36
N ILE A 699 11.54 -14.14 26.48
CA ILE A 699 10.79 -15.34 26.09
C ILE A 699 9.65 -15.58 27.06
N GLU A 700 9.95 -15.57 28.36
CA GLU A 700 8.96 -15.91 29.37
C GLU A 700 7.98 -14.79 29.68
N GLU A 701 8.18 -13.60 29.12
CA GLU A 701 7.18 -12.55 29.24
C GLU A 701 5.97 -12.84 28.37
N CYS A 702 6.16 -13.55 27.26
CA CYS A 702 5.11 -13.87 26.31
C CYS A 702 4.45 -15.22 26.59
N ILE A 703 4.57 -15.73 27.79
CA ILE A 703 3.95 -17.00 28.18
C ILE A 703 3.06 -16.68 29.38
N ILE A 704 1.79 -16.39 29.13
CA ILE A 704 0.93 -15.95 30.23
C ILE A 704 -0.20 -16.95 30.49
N ASN A 705 -1.14 -17.07 29.56
CA ASN A 705 -2.29 -17.92 29.81
C ASN A 705 -2.82 -18.70 28.61
N ASP A 706 -2.22 -18.59 27.45
CA ASP A 706 -2.76 -19.28 26.29
C ASP A 706 -2.29 -20.72 26.30
N PRO A 707 -3.17 -21.69 26.06
CA PRO A 707 -2.75 -23.11 26.14
C PRO A 707 -1.74 -23.53 25.09
N TRP A 708 -1.84 -22.97 23.89
CA TRP A 708 -0.97 -23.36 22.79
C TRP A 708 0.44 -22.79 22.96
N VAL A 709 0.57 -21.59 23.54
CA VAL A 709 1.90 -21.06 23.79
C VAL A 709 2.55 -21.78 24.98
N LEU A 710 1.73 -22.27 25.92
CA LEU A 710 2.26 -23.08 27.01
C LEU A 710 2.75 -24.43 26.50
N LEU A 711 2.00 -25.03 25.56
CA LEU A 711 2.45 -26.27 24.96
C LEU A 711 3.70 -26.07 24.12
N ASN A 712 3.84 -24.92 23.44
CA ASN A 712 5.05 -24.64 22.71
C ASN A 712 6.26 -24.41 23.62
N ALA A 713 6.04 -23.79 24.78
CA ALA A 713 7.11 -23.63 25.77
C ALA A 713 7.55 -24.98 26.32
N SER A 714 6.60 -25.85 26.66
CA SER A 714 6.92 -27.21 27.07
C SER A 714 7.62 -28.00 25.98
N TRP A 715 7.26 -27.75 24.72
CA TRP A 715 7.90 -28.40 23.59
C TRP A 715 9.34 -27.96 23.44
N PHE A 716 9.61 -26.66 23.65
CA PHE A 716 10.99 -26.19 23.62
C PHE A 716 11.80 -26.78 24.77
N ASN A 717 11.18 -26.92 25.94
CA ASN A 717 11.89 -27.53 27.06
C ASN A 717 12.21 -29.00 26.80
N SER A 718 11.29 -29.72 26.16
CA SER A 718 11.53 -31.12 25.81
C SER A 718 12.61 -31.25 24.74
N PHE A 719 12.61 -30.34 23.76
CA PHE A 719 13.66 -30.36 22.73
C PHE A 719 15.01 -30.01 23.32
N LEU A 720 15.04 -29.07 24.28
CA LEU A 720 16.28 -28.70 24.94
C LEU A 720 16.84 -29.85 25.74
N LYS A 721 15.99 -30.57 26.47
CA LYS A 721 16.43 -31.75 27.21
C LYS A 721 16.91 -32.84 26.27
N ALA A 722 16.26 -32.98 25.10
CA ALA A 722 16.67 -33.99 24.13
C ALA A 722 18.04 -33.68 23.53
N VAL A 723 18.27 -32.43 23.16
CA VAL A 723 19.57 -32.06 22.60
C VAL A 723 20.65 -31.97 23.67
N GLN A 724 20.28 -31.84 24.95
CA GLN A 724 21.26 -31.94 26.02
C GLN A 724 21.68 -33.39 26.24
N LEU A 725 20.72 -34.31 26.28
CA LEU A 725 21.07 -35.71 26.48
C LEU A 725 21.68 -36.34 25.24
N SER A 726 21.53 -35.71 24.07
CA SER A 726 22.20 -36.21 22.88
C SER A 726 23.70 -35.97 22.90
N MET A 727 24.18 -35.01 23.68
CA MET A 727 25.60 -34.68 23.76
C MET A 727 26.19 -35.02 25.12
N GLY A 728 25.70 -36.08 25.74
CA GLY A 728 26.23 -36.54 27.01
C GLY A 728 25.85 -35.66 28.19
N MET B 10 2.70 -41.54 23.88
CA MET B 10 3.47 -40.94 22.81
C MET B 10 2.97 -39.53 22.54
N ASP B 11 3.60 -38.55 23.19
CA ASP B 11 3.21 -37.15 23.02
C ASP B 11 4.00 -36.54 21.88
N VAL B 12 3.29 -35.90 20.97
CA VAL B 12 3.88 -35.39 19.73
C VAL B 12 4.54 -34.04 20.01
N ASN B 13 5.71 -33.83 19.42
CA ASN B 13 6.50 -32.62 19.53
C ASN B 13 7.14 -32.33 18.17
N PRO B 14 6.74 -31.24 17.51
CA PRO B 14 7.35 -30.92 16.20
C PRO B 14 8.77 -30.41 16.30
N MET B 15 9.15 -29.82 17.44
CA MET B 15 10.49 -29.26 17.60
C MET B 15 11.58 -30.33 17.57
N LEU B 16 11.23 -31.59 17.86
CA LEU B 16 12.17 -32.69 17.73
C LEU B 16 12.56 -32.97 16.28
N ILE B 17 11.83 -32.41 15.31
CA ILE B 17 12.26 -32.38 13.92
C ILE B 17 13.62 -31.69 13.78
N PHE B 18 13.90 -30.70 14.64
CA PHE B 18 15.20 -30.05 14.68
C PHE B 18 16.33 -30.96 15.15
N LEU B 19 16.04 -32.15 15.69
CA LEU B 19 17.10 -33.09 16.01
C LEU B 19 17.74 -33.67 14.77
N LYS B 20 16.96 -33.84 13.70
CA LYS B 20 17.48 -34.40 12.45
C LYS B 20 17.94 -33.30 11.50
N VAL B 21 17.03 -32.41 11.12
CA VAL B 21 17.36 -31.35 10.17
C VAL B 21 17.91 -30.15 10.91
N PRO B 22 18.74 -29.32 10.28
CA PRO B 22 19.16 -28.07 10.93
C PRO B 22 18.00 -27.10 11.10
N VAL B 23 18.23 -26.11 11.95
CA VAL B 23 17.18 -25.16 12.29
C VAL B 23 16.88 -24.24 11.11
N GLN B 24 17.91 -23.83 10.36
CA GLN B 24 17.69 -22.99 9.20
C GLN B 24 17.02 -23.74 8.05
N ASN B 25 17.09 -25.07 8.03
CA ASN B 25 16.40 -25.83 7.01
C ASN B 25 14.90 -25.97 7.29
N ALA B 26 14.49 -25.84 8.55
CA ALA B 26 13.09 -25.91 8.93
C ALA B 26 12.68 -24.69 9.75
N ILE B 27 13.19 -23.50 9.42
CA ILE B 27 12.94 -22.30 10.20
C ILE B 27 11.51 -21.80 9.99
N SER B 28 10.84 -22.27 8.94
CA SER B 28 9.47 -21.85 8.63
C SER B 28 8.46 -22.30 9.67
N THR B 29 8.81 -23.28 10.49
CA THR B 29 7.96 -23.69 11.60
C THR B 29 8.00 -22.72 12.77
N THR B 30 8.91 -21.75 12.77
CA THR B 30 8.99 -20.76 13.83
C THR B 30 8.28 -19.47 13.47
N PHE B 31 7.46 -19.47 12.42
CA PHE B 31 6.73 -18.30 11.96
C PHE B 31 5.24 -18.64 11.94
N PRO B 32 4.52 -18.44 13.04
CA PRO B 32 3.09 -18.77 13.07
C PRO B 32 2.23 -17.79 12.30
N TYR B 33 2.39 -17.75 10.97
CA TYR B 33 1.78 -16.72 10.15
C TYR B 33 0.51 -17.21 9.45
N THR B 34 -0.16 -18.20 10.03
CA THR B 34 -1.41 -18.69 9.49
C THR B 34 -2.62 -18.18 10.25
N GLY B 35 -2.43 -17.62 11.44
CA GLY B 35 -3.50 -17.02 12.19
C GLY B 35 -3.50 -15.50 12.05
N ASP B 36 -4.45 -14.88 12.73
CA ASP B 36 -4.59 -13.44 12.63
C ASP B 36 -3.48 -12.75 13.43
N PRO B 37 -2.89 -11.69 12.88
CA PRO B 37 -1.89 -10.93 13.62
C PRO B 37 -2.56 -10.06 14.67
N PRO B 38 -1.81 -9.61 15.69
CA PRO B 38 -2.44 -8.84 16.77
C PRO B 38 -2.82 -7.44 16.34
N TYR B 39 -4.00 -7.01 16.80
CA TYR B 39 -4.53 -5.68 16.54
C TYR B 39 -4.71 -4.94 17.85
N SER B 40 -4.67 -3.61 17.78
CA SER B 40 -4.91 -2.80 18.95
C SER B 40 -6.38 -2.38 19.00
N HIS B 41 -6.96 -2.43 20.18
CA HIS B 41 -8.34 -2.08 20.40
C HIS B 41 -8.38 -0.72 21.06
N GLY B 42 -9.19 0.19 20.53
CA GLY B 42 -9.31 1.50 21.13
C GLY B 42 -8.17 2.43 20.74
N THR B 43 -7.87 3.36 21.63
CA THR B 43 -7.00 4.48 21.31
C THR B 43 -5.53 4.07 21.28
N GLY B 44 -4.70 5.02 20.87
CA GLY B 44 -3.26 4.84 20.89
C GLY B 44 -2.58 5.95 21.66
N THR B 45 -3.32 6.55 22.59
CA THR B 45 -2.76 7.58 23.46
C THR B 45 -1.70 7.00 24.38
N GLY B 46 -1.89 5.76 24.82
CA GLY B 46 -0.95 5.16 25.77
C GLY B 46 0.39 4.84 25.14
N TYR B 47 0.39 4.34 23.91
CA TYR B 47 1.64 4.04 23.23
C TYR B 47 2.37 5.31 22.82
N THR B 48 1.61 6.37 22.53
CA THR B 48 2.21 7.67 22.24
C THR B 48 2.89 8.25 23.48
N MET B 49 2.20 8.19 24.62
CA MET B 49 2.80 8.67 25.86
C MET B 49 3.95 7.77 26.32
N ASP B 50 3.88 6.48 25.99
CA ASP B 50 5.00 5.58 26.23
C ASP B 50 6.22 5.99 25.44
N THR B 51 6.05 6.30 24.16
CA THR B 51 7.16 6.71 23.32
C THR B 51 7.74 8.06 23.76
N VAL B 52 6.86 8.99 24.17
CA VAL B 52 7.32 10.30 24.64
C VAL B 52 8.11 10.16 25.94
N ILE B 53 7.61 9.35 26.88
CA ILE B 53 8.28 9.16 28.17
C ILE B 53 9.59 8.41 28.00
N ARG B 54 9.62 7.40 27.14
CA ARG B 54 10.86 6.66 26.89
C ARG B 54 11.90 7.51 26.20
N THR B 55 11.48 8.39 25.27
CA THR B 55 12.44 9.23 24.58
C THR B 55 12.98 10.31 25.50
N HIS B 56 12.15 10.84 26.39
CA HIS B 56 12.65 11.83 27.33
C HIS B 56 13.39 11.21 28.52
N ASP B 57 13.27 9.91 28.75
CA ASP B 57 14.00 9.27 29.84
C ASP B 57 15.34 8.72 29.40
N TYR B 58 15.50 8.37 28.12
CA TYR B 58 16.79 7.96 27.59
C TYR B 58 17.69 9.14 27.29
N SER B 59 17.20 10.36 27.48
CA SER B 59 17.90 11.59 27.13
C SER B 59 17.87 12.60 28.26
N SER B 60 17.49 12.18 29.47
CA SER B 60 17.09 13.10 30.53
C SER B 60 18.23 13.94 31.09
N ARG B 61 19.48 13.59 30.80
CA ARG B 61 20.62 14.41 31.18
C ARG B 61 20.94 15.49 30.16
N GLY B 62 20.04 15.76 29.22
CA GLY B 62 20.20 16.86 28.29
C GLY B 62 19.81 18.18 28.92
N ILE B 63 19.67 19.19 28.06
CA ILE B 63 19.42 20.56 28.49
C ILE B 63 18.00 20.94 28.09
N TRP B 64 17.27 21.54 29.03
CA TRP B 64 15.89 21.94 28.80
C TRP B 64 15.84 23.39 28.36
N LYS B 65 15.13 23.64 27.27
CA LYS B 65 14.92 25.00 26.78
C LYS B 65 13.45 25.18 26.45
N THR B 66 13.05 26.42 26.31
CA THR B 66 11.69 26.77 25.90
C THR B 66 11.75 27.40 24.52
N ASN B 67 11.01 26.80 23.58
CA ASN B 67 11.02 27.28 22.20
C ASN B 67 10.37 28.65 22.11
N SER B 68 11.04 29.58 21.45
CA SER B 68 10.55 30.96 21.39
C SER B 68 9.34 31.10 20.47
N GLU B 69 9.11 30.12 19.60
CA GLU B 69 8.05 30.19 18.61
C GLU B 69 6.84 29.34 18.96
N THR B 70 7.04 28.16 19.53
CA THR B 70 5.93 27.28 19.90
C THR B 70 5.64 27.27 21.38
N GLY B 71 6.56 27.70 22.23
CA GLY B 71 6.37 27.61 23.65
C GLY B 71 6.56 26.23 24.23
N ALA B 72 7.10 25.30 23.45
CA ALA B 72 7.23 23.92 23.85
C ALA B 72 8.56 23.67 24.54
N GLN B 73 8.55 22.82 25.56
CA GLN B 73 9.77 22.43 26.25
C GLN B 73 10.55 21.44 25.40
N GLN B 74 11.80 21.76 25.13
CA GLN B 74 12.64 20.94 24.27
C GLN B 74 13.87 20.47 25.01
N LEU B 75 14.18 19.19 24.83
CA LEU B 75 15.31 18.55 25.49
C LEU B 75 16.43 18.32 24.48
N ASN B 76 17.63 18.72 24.84
CA ASN B 76 18.80 18.59 23.97
C ASN B 76 19.79 17.64 24.62
N PRO B 77 19.86 16.38 24.17
CA PRO B 77 20.80 15.43 24.78
C PRO B 77 22.16 15.32 24.11
N ILE B 78 22.34 15.84 22.91
CA ILE B 78 23.58 15.58 22.18
C ILE B 78 24.67 16.52 22.69
N ASP B 79 25.91 16.06 22.53
CA ASP B 79 27.11 16.64 23.16
C ASP B 79 26.95 16.77 24.67
N GLY B 80 26.28 15.78 25.27
CA GLY B 80 26.05 15.76 26.68
C GLY B 80 26.98 14.79 27.37
N PRO B 81 26.59 14.30 28.55
CA PRO B 81 27.45 13.37 29.27
C PRO B 81 27.45 11.99 28.62
N LEU B 82 28.62 11.36 28.62
CA LEU B 82 28.77 10.03 28.05
C LEU B 82 27.99 9.01 28.89
N PRO B 83 27.53 7.92 28.30
CA PRO B 83 26.80 6.91 29.08
C PRO B 83 27.70 6.19 30.07
N GLU B 84 27.14 5.87 31.23
CA GLU B 84 27.86 5.19 32.29
C GLU B 84 27.46 3.74 32.45
N ASP B 85 26.52 3.24 31.64
CA ASP B 85 26.07 1.87 31.74
C ASP B 85 25.59 1.43 30.36
N ASN B 86 25.11 0.19 30.29
CA ASN B 86 24.65 -0.41 29.04
C ASN B 86 23.17 -0.19 28.78
N GLU B 87 22.56 0.80 29.42
CA GLU B 87 21.20 1.19 29.13
C GLU B 87 21.17 1.92 27.78
N PRO B 88 20.00 2.00 27.14
CA PRO B 88 19.88 2.85 25.95
C PRO B 88 20.04 4.32 26.30
N SER B 89 20.90 5.00 25.54
CA SER B 89 21.24 6.39 25.79
C SER B 89 21.13 7.18 24.51
N GLY B 90 20.67 8.42 24.63
CA GLY B 90 20.52 9.27 23.46
C GLY B 90 21.51 10.42 23.45
N TYR B 91 22.69 10.19 24.02
CA TYR B 91 23.74 11.22 24.08
C TYR B 91 24.73 10.94 22.96
N ALA B 92 24.33 11.29 21.74
CA ALA B 92 25.20 11.18 20.60
C ALA B 92 26.17 12.35 20.58
N GLN B 93 27.40 12.10 20.17
CA GLN B 93 28.43 13.13 20.15
C GLN B 93 28.57 13.67 18.74
N THR B 94 28.59 14.99 18.61
CA THR B 94 28.58 15.63 17.30
C THR B 94 29.90 15.43 16.57
N ASP B 95 31.02 15.57 17.29
CA ASP B 95 32.34 15.40 16.68
C ASP B 95 32.57 13.97 16.22
N CYS B 96 32.03 12.99 16.93
CA CYS B 96 32.20 11.60 16.53
C CYS B 96 31.36 11.28 15.29
N VAL B 97 30.15 11.85 15.22
CA VAL B 97 29.29 11.71 14.04
C VAL B 97 29.96 12.33 12.82
N LEU B 98 30.52 13.53 12.99
CA LEU B 98 31.19 14.21 11.88
C LEU B 98 32.47 13.49 11.48
N GLU B 99 33.16 12.88 12.44
CA GLU B 99 34.35 12.09 12.13
C GLU B 99 33.99 10.83 11.33
N LEU B 100 32.86 10.20 11.67
CA LEU B 100 32.45 9.00 10.94
C LEU B 100 31.99 9.34 9.52
N ILE B 101 31.30 10.47 9.35
CA ILE B 101 30.87 10.87 8.01
C ILE B 101 32.07 11.30 7.17
N GLU B 102 33.06 11.95 7.80
CA GLU B 102 34.29 12.30 7.11
C GLU B 102 35.09 11.06 6.70
N GLY B 103 35.09 10.02 7.53
CA GLY B 103 35.72 8.78 7.16
C GLY B 103 34.98 8.04 6.07
N LEU B 104 33.65 8.15 6.05
CA LEU B 104 32.87 7.57 4.96
C LEU B 104 33.12 8.31 3.65
N ASP B 105 33.39 9.62 3.73
CA ASP B 105 33.74 10.37 2.52
C ASP B 105 35.15 10.02 2.04
N ARG B 106 36.09 9.82 2.97
CA ARG B 106 37.43 9.40 2.60
C ARG B 106 37.46 7.99 2.04
N SER B 107 36.54 7.12 2.48
CA SER B 107 36.52 5.77 1.96
C SER B 107 35.88 5.68 0.58
N HIS B 108 34.89 6.53 0.31
CA HIS B 108 34.19 6.55 -0.97
C HIS B 108 34.40 7.91 -1.63
N PRO B 109 35.46 8.07 -2.42
CA PRO B 109 35.68 9.36 -3.09
C PRO B 109 34.68 9.60 -4.22
N GLY B 110 34.07 10.77 -4.20
CA GLY B 110 33.07 11.11 -5.19
C GLY B 110 31.67 10.63 -4.90
N LEU B 111 31.44 10.00 -3.75
CA LEU B 111 30.10 9.53 -3.40
C LEU B 111 29.20 10.69 -3.04
N PHE B 112 29.67 11.57 -2.16
CA PHE B 112 28.87 12.70 -1.71
C PHE B 112 28.62 13.68 -2.84
N GLU B 113 29.64 13.90 -3.68
CA GLU B 113 29.54 14.86 -4.77
C GLU B 113 28.54 14.39 -5.83
N THR B 114 28.60 13.12 -6.23
CA THR B 114 27.67 12.60 -7.23
C THR B 114 26.26 12.50 -6.68
N ALA B 115 26.12 12.13 -5.40
CA ALA B 115 24.79 12.04 -4.81
C ALA B 115 24.14 13.41 -4.66
N CYS B 116 24.91 14.41 -4.23
CA CYS B 116 24.40 15.78 -4.15
C CYS B 116 24.11 16.34 -5.55
N GLN B 117 24.90 15.95 -6.55
CA GLN B 117 24.65 16.41 -7.92
C GLN B 117 23.34 15.84 -8.44
N GLU B 118 23.09 14.55 -8.20
CA GLU B 118 21.83 13.95 -8.63
C GLU B 118 20.65 14.50 -7.84
N THR B 119 20.85 14.86 -6.59
CA THR B 119 19.77 15.46 -5.81
C THR B 119 19.44 16.86 -6.32
N ILE B 120 20.46 17.65 -6.68
CA ILE B 120 20.21 18.96 -7.31
C ILE B 120 19.55 18.79 -8.68
N ASP B 121 19.92 17.75 -9.42
CA ASP B 121 19.30 17.46 -10.71
C ASP B 121 17.82 17.09 -10.56
N ALA B 122 17.48 16.42 -9.47
CA ALA B 122 16.10 15.97 -9.28
C ALA B 122 15.23 16.96 -8.50
N ILE B 123 15.83 17.94 -7.81
CA ILE B 123 15.04 18.95 -7.11
C ILE B 123 14.37 19.88 -8.11
N GLN B 124 15.12 20.31 -9.13
CA GLN B 124 14.62 21.25 -10.11
C GLN B 124 13.70 20.60 -11.15
N GLN B 125 13.57 19.28 -11.15
CA GLN B 125 12.73 18.56 -12.10
C GLN B 125 11.69 17.71 -11.37
N THR B 126 11.09 18.25 -10.31
CA THR B 126 10.10 17.52 -9.51
C THR B 126 8.86 18.38 -9.35
N ARG B 127 7.71 17.82 -9.71
CA ARG B 127 6.44 18.53 -9.59
C ARG B 127 5.90 18.42 -8.17
N VAL B 128 4.75 19.05 -7.94
CA VAL B 128 4.06 18.87 -6.66
C VAL B 128 3.31 17.55 -6.63
N ASP B 129 3.07 16.94 -7.80
CA ASP B 129 2.35 15.68 -7.91
C ASP B 129 3.08 14.52 -7.24
N LYS B 130 4.38 14.66 -7.02
CA LYS B 130 5.15 13.66 -6.27
C LYS B 130 4.67 13.54 -4.83
N LEU B 131 4.06 14.60 -4.29
CA LEU B 131 3.48 14.50 -2.96
C LEU B 131 2.10 13.86 -2.96
N THR B 132 1.56 13.47 -4.12
CA THR B 132 0.31 12.75 -4.17
C THR B 132 0.52 11.24 -4.12
N GLN B 133 1.74 10.78 -3.97
CA GLN B 133 2.09 9.37 -4.02
C GLN B 133 2.61 8.91 -2.68
N GLY B 134 2.25 7.71 -2.29
CA GLY B 134 2.70 7.13 -1.05
C GLY B 134 1.58 6.96 -0.04
N ARG B 135 1.99 6.93 1.24
CA ARG B 135 1.08 6.67 2.34
C ARG B 135 0.18 7.87 2.62
N GLN B 136 -0.73 7.71 3.57
CA GLN B 136 -1.62 8.79 3.96
C GLN B 136 -0.87 9.88 4.73
N THR B 137 -1.53 11.02 4.88
CA THR B 137 -0.89 12.20 5.46
C THR B 137 -1.81 12.80 6.51
N TYR B 138 -1.21 13.29 7.60
CA TYR B 138 -1.96 14.05 8.59
C TYR B 138 -2.32 15.41 7.99
N ASP B 139 -3.61 15.61 7.72
CA ASP B 139 -4.09 16.89 7.23
C ASP B 139 -4.25 17.83 8.41
N TRP B 140 -3.46 18.91 8.44
CA TRP B 140 -3.53 19.86 9.54
C TRP B 140 -4.78 20.71 9.50
N THR B 141 -5.48 20.72 8.37
CA THR B 141 -6.73 21.46 8.25
C THR B 141 -7.84 20.78 9.04
N LEU B 142 -7.92 19.45 8.96
CA LEU B 142 -9.01 18.69 9.54
C LEU B 142 -8.65 18.00 10.84
N ASN B 143 -7.40 18.10 11.29
CA ASN B 143 -6.85 17.40 12.47
C ASN B 143 -7.05 15.89 12.39
N ARG B 144 -7.02 15.36 11.17
CA ARG B 144 -7.21 13.93 10.95
C ARG B 144 -6.15 13.44 9.98
N ASN B 145 -6.27 12.21 9.54
CA ASN B 145 -5.46 11.69 8.43
C ASN B 145 -6.33 11.61 7.20
N GLN B 146 -5.86 12.22 6.12
CA GLN B 146 -6.47 12.14 4.81
C GLN B 146 -5.48 11.48 3.86
N PRO B 147 -5.93 11.05 2.68
CA PRO B 147 -4.97 10.62 1.65
C PRO B 147 -4.07 11.76 1.19
N ALA B 148 -3.04 11.38 0.43
CA ALA B 148 -1.96 12.31 0.09
C ALA B 148 -2.44 13.43 -0.82
N ALA B 149 -3.20 13.08 -1.86
CA ALA B 149 -3.70 14.09 -2.79
C ALA B 149 -4.75 14.99 -2.13
N THR B 150 -5.54 14.44 -1.22
CA THR B 150 -6.56 15.22 -0.53
C THR B 150 -5.93 16.25 0.40
N ALA B 151 -4.94 15.83 1.18
CA ALA B 151 -4.25 16.75 2.09
C ALA B 151 -3.41 17.75 1.31
N LEU B 152 -2.83 17.37 0.18
CA LEU B 152 -2.09 18.32 -0.64
C LEU B 152 -3.01 19.36 -1.26
N ALA B 153 -4.19 18.96 -1.72
CA ALA B 153 -5.15 19.90 -2.26
C ALA B 153 -5.67 20.84 -1.18
N ASN B 154 -5.88 20.32 0.04
CA ASN B 154 -6.30 21.19 1.14
C ASN B 154 -5.22 22.18 1.52
N THR B 155 -3.95 21.75 1.47
CA THR B 155 -2.83 22.64 1.76
C THR B 155 -2.71 23.74 0.72
N ILE B 156 -2.85 23.38 -0.56
CA ILE B 156 -2.73 24.34 -1.64
C ILE B 156 -3.91 25.32 -1.64
N GLU B 157 -5.11 24.83 -1.31
CA GLU B 157 -6.29 25.69 -1.23
C GLU B 157 -6.19 26.67 -0.08
N VAL B 158 -5.70 26.22 1.09
CA VAL B 158 -5.53 27.13 2.22
C VAL B 158 -4.40 28.13 1.95
N PHE B 159 -3.34 27.70 1.25
CA PHE B 159 -2.25 28.60 0.92
C PHE B 159 -2.67 29.67 -0.08
N ARG B 160 -3.44 29.29 -1.11
CA ARG B 160 -3.80 30.25 -2.13
C ARG B 160 -5.03 31.07 -1.77
N LYS B 161 -5.83 30.64 -0.78
CA LYS B 161 -6.80 31.55 -0.20
C LYS B 161 -6.13 32.61 0.66
N ASN B 162 -4.94 32.33 1.19
CA ASN B 162 -4.07 33.35 1.74
C ASN B 162 -3.13 33.82 0.63
N GLY B 163 -2.10 34.58 0.98
CA GLY B 163 -1.24 35.14 -0.05
C GLY B 163 -0.01 34.32 -0.39
N TYR B 164 -0.18 33.03 -0.67
CA TYR B 164 0.95 32.13 -0.94
C TYR B 164 0.64 31.34 -2.21
N LYS B 165 1.16 31.83 -3.34
CA LYS B 165 0.83 31.27 -4.65
C LYS B 165 2.08 30.95 -5.47
N LEU B 166 3.20 30.64 -4.80
CA LEU B 166 4.37 30.20 -5.54
C LEU B 166 4.17 28.79 -6.09
N ASN B 167 3.32 27.99 -5.45
CA ASN B 167 3.01 26.65 -5.90
C ASN B 167 2.25 26.61 -7.23
N GLU B 168 1.77 27.77 -7.71
CA GLU B 168 1.25 27.87 -9.08
C GLU B 168 2.32 27.65 -10.13
N SER B 169 3.61 27.72 -9.77
CA SER B 169 4.67 27.31 -10.68
C SER B 169 4.60 25.83 -11.01
N GLY B 170 4.05 25.02 -10.10
CA GLY B 170 3.85 23.61 -10.36
C GLY B 170 5.04 22.73 -10.10
N ARG B 171 6.08 23.24 -9.43
CA ARG B 171 7.21 22.42 -9.02
C ARG B 171 7.30 22.44 -7.50
N LEU B 172 8.04 21.45 -6.98
CA LEU B 172 7.97 21.16 -5.55
C LEU B 172 8.67 22.23 -4.71
N ILE B 173 9.78 22.77 -5.21
CA ILE B 173 10.58 23.71 -4.42
C ILE B 173 9.87 25.05 -4.23
N ASP B 174 9.00 25.46 -5.17
CA ASP B 174 8.23 26.67 -4.94
C ASP B 174 7.12 26.45 -3.93
N PHE B 175 6.55 25.25 -3.90
CA PHE B 175 5.63 24.88 -2.83
C PHE B 175 6.32 24.89 -1.48
N LEU B 176 7.57 24.44 -1.43
CA LEU B 176 8.31 24.42 -0.17
C LEU B 176 8.69 25.83 0.26
N LYS B 177 8.98 26.71 -0.71
CA LYS B 177 9.17 28.13 -0.41
C LYS B 177 7.91 28.74 0.17
N ASP B 178 6.74 28.37 -0.36
CA ASP B 178 5.49 28.85 0.21
C ASP B 178 5.23 28.29 1.60
N VAL B 179 5.65 27.04 1.84
CA VAL B 179 5.52 26.43 3.17
C VAL B 179 6.34 27.21 4.19
N LEU B 180 7.60 27.50 3.85
CA LEU B 180 8.44 28.27 4.76
C LEU B 180 8.00 29.73 4.87
N LEU B 181 7.35 30.28 3.85
CA LEU B 181 6.86 31.65 3.93
C LEU B 181 5.56 31.76 4.72
N SER B 182 4.77 30.68 4.79
CA SER B 182 3.49 30.72 5.48
C SER B 182 3.63 30.78 7.01
N PHE B 183 4.83 30.58 7.55
CA PHE B 183 5.02 30.66 9.00
C PHE B 183 4.98 32.08 9.52
N GLU B 184 5.06 33.08 8.65
CA GLU B 184 5.04 34.48 9.06
C GLU B 184 3.63 35.04 9.17
N ASN B 185 2.62 34.29 8.71
CA ASN B 185 1.25 34.77 8.72
C ASN B 185 0.71 34.78 10.14
N ASP B 186 0.30 35.95 10.62
CA ASP B 186 -0.17 36.09 11.99
C ASP B 186 -1.61 35.64 12.18
N SER B 187 -2.37 35.41 11.10
CA SER B 187 -3.73 34.89 11.20
C SER B 187 -4.04 34.10 9.93
N MET B 188 -3.86 32.79 10.01
CA MET B 188 -4.12 31.91 8.87
C MET B 188 -5.60 31.54 8.83
N GLU B 189 -6.18 31.59 7.64
CA GLU B 189 -7.61 31.33 7.45
C GLU B 189 -7.78 29.91 6.93
N VAL B 190 -8.38 29.05 7.74
CA VAL B 190 -8.53 27.64 7.40
C VAL B 190 -10.01 27.32 7.27
N THR B 191 -10.31 26.21 6.60
CA THR B 191 -11.68 25.75 6.41
C THR B 191 -11.82 24.38 7.08
N THR B 192 -12.29 24.38 8.32
CA THR B 192 -12.36 23.20 9.15
C THR B 192 -13.77 22.61 9.13
N HIS B 193 -13.86 21.29 9.22
CA HIS B 193 -15.14 20.61 9.32
C HIS B 193 -15.71 20.79 10.72
N PHE B 194 -16.93 21.33 10.81
CA PHE B 194 -17.66 21.43 12.06
C PHE B 194 -18.79 20.39 12.05
N GLN B 195 -19.63 20.40 13.08
CA GLN B 195 -20.65 19.37 13.22
C GLN B 195 -21.87 19.92 13.93
N LYS B 196 -23.04 19.69 13.35
CA LYS B 196 -24.32 19.96 14.00
C LYS B 196 -24.91 18.64 14.50
N LYS B 197 -25.53 18.67 15.68
CA LYS B 197 -26.05 17.47 16.31
C LYS B 197 -27.53 17.64 16.59
N LYS B 198 -28.35 16.73 16.07
CA LYS B 198 -29.77 16.69 16.38
C LYS B 198 -30.11 15.31 16.93
N ARG B 199 -31.23 15.21 17.64
CA ARG B 199 -31.66 13.96 18.24
C ARG B 199 -32.89 13.46 17.50
N ILE B 200 -32.78 12.31 16.85
CA ILE B 200 -33.81 11.77 15.98
C ILE B 200 -34.14 10.36 16.46
N ARG B 201 -35.43 10.04 16.55
CA ARG B 201 -35.85 8.66 16.76
C ARG B 201 -35.67 7.87 15.47
N ASP B 202 -34.96 6.74 15.57
CA ASP B 202 -34.79 5.87 14.42
C ASP B 202 -36.10 5.17 14.09
N ASN B 203 -36.32 4.91 12.80
CA ASN B 203 -37.58 4.35 12.34
C ASN B 203 -37.62 2.83 12.36
N HIS B 204 -36.49 2.16 12.60
CA HIS B 204 -36.44 0.71 12.64
C HIS B 204 -36.31 0.17 14.06
N SER B 205 -35.32 0.64 14.81
CA SER B 205 -35.10 0.16 16.17
C SER B 205 -35.92 0.92 17.19
N LYS B 206 -36.48 2.06 16.82
CA LYS B 206 -37.20 2.99 17.69
C LYS B 206 -36.34 3.40 18.89
N LYS B 207 -35.22 4.05 18.57
CA LYS B 207 -34.25 4.47 19.56
C LYS B 207 -33.79 5.88 19.23
N MET B 208 -33.41 6.64 20.27
CA MET B 208 -33.04 8.04 20.11
C MET B 208 -31.56 8.11 19.78
N ILE B 209 -31.24 8.35 18.51
CA ILE B 209 -29.88 8.49 18.06
C ILE B 209 -29.59 9.97 17.90
N THR B 210 -28.31 10.31 17.79
CA THR B 210 -27.89 11.68 17.50
C THR B 210 -27.35 11.74 16.09
N GLN B 211 -28.12 12.33 15.20
CA GLN B 211 -27.71 12.56 13.82
C GLN B 211 -26.70 13.71 13.79
N ARG B 212 -25.54 13.43 13.21
CA ARG B 212 -24.48 14.42 13.07
C ARG B 212 -24.38 14.85 11.61
N THR B 213 -24.42 16.16 11.39
CA THR B 213 -24.32 16.78 10.08
C THR B 213 -22.97 17.49 10.03
N ILE B 214 -22.04 16.96 9.26
CA ILE B 214 -20.70 17.54 9.17
C ILE B 214 -20.68 18.50 7.99
N GLY B 215 -20.36 19.77 8.27
CA GLY B 215 -20.28 20.79 7.25
C GLY B 215 -18.90 21.41 7.16
N LYS B 216 -18.84 22.70 6.83
CA LYS B 216 -17.59 23.43 6.75
C LYS B 216 -17.72 24.77 7.46
N LYS B 217 -16.59 25.29 7.92
CA LYS B 217 -16.58 26.51 8.70
C LYS B 217 -15.20 27.14 8.61
N ARG B 218 -15.14 28.44 8.32
CA ARG B 218 -13.88 29.14 8.18
C ARG B 218 -13.44 29.65 9.55
N VAL B 219 -12.26 29.21 9.98
CA VAL B 219 -11.69 29.56 11.27
C VAL B 219 -10.41 30.35 11.03
N LYS B 220 -10.01 31.11 12.05
CA LYS B 220 -8.84 31.97 11.99
C LYS B 220 -7.83 31.50 13.04
N LEU B 221 -6.82 30.76 12.60
CA LEU B 221 -5.78 30.31 13.51
C LEU B 221 -4.84 31.46 13.88
N THR B 222 -4.09 31.26 14.95
CA THR B 222 -3.05 32.18 15.32
C THR B 222 -1.74 31.76 14.65
N LYS B 223 -0.68 32.52 14.88
CA LYS B 223 0.65 32.14 14.40
C LYS B 223 1.14 30.91 15.16
N LYS B 224 0.92 30.90 16.48
CA LYS B 224 1.34 29.78 17.32
C LYS B 224 0.57 28.52 17.00
N ASN B 225 -0.75 28.63 16.81
CA ASN B 225 -1.58 27.46 16.51
C ASN B 225 -1.23 26.87 15.15
N TYR B 226 -0.97 27.73 14.17
CA TYR B 226 -0.57 27.24 12.85
C TYR B 226 0.81 26.59 12.90
N LEU B 227 1.72 27.12 13.72
CA LEU B 227 3.04 26.49 13.79
C LEU B 227 3.01 25.17 14.54
N ILE B 228 2.19 25.06 15.58
CA ILE B 228 1.97 23.79 16.28
C ILE B 228 1.37 22.76 15.34
N ARG B 229 0.40 23.18 14.52
CA ARG B 229 -0.21 22.25 13.56
C ARG B 229 0.74 21.88 12.44
N ALA B 230 1.62 22.79 12.03
CA ALA B 230 2.56 22.50 10.96
C ALA B 230 3.72 21.65 11.43
N LEU B 231 4.02 21.63 12.72
CA LEU B 231 5.07 20.76 13.26
C LEU B 231 4.55 19.44 13.79
N THR B 232 3.26 19.16 13.62
CA THR B 232 2.64 17.99 14.25
C THR B 232 2.89 16.72 13.45
N LEU B 233 3.33 15.67 14.13
CA LEU B 233 3.19 14.30 13.64
C LEU B 233 2.01 13.66 14.33
N ASN B 234 1.16 13.00 13.55
CA ASN B 234 -0.01 12.32 14.10
C ASN B 234 0.35 10.87 14.41
N THR B 235 0.10 10.45 15.65
CA THR B 235 0.48 9.12 16.10
C THR B 235 -0.73 8.20 16.12
N MET B 236 -0.50 6.94 15.75
CA MET B 236 -1.52 5.92 15.83
C MET B 236 -0.83 4.58 16.02
N THR B 237 -1.56 3.60 16.56
CA THR B 237 -0.97 2.31 16.85
C THR B 237 -0.81 1.50 15.58
N LYS B 238 0.35 0.87 15.44
CA LYS B 238 0.62 -0.01 14.31
C LYS B 238 -0.10 -1.33 14.52
N ASP B 239 -1.02 -1.66 13.63
CA ASP B 239 -1.81 -2.87 13.72
C ASP B 239 -1.29 -3.92 12.76
N ALA B 240 -1.69 -5.17 13.01
CA ALA B 240 -1.36 -6.35 12.20
C ALA B 240 0.15 -6.57 12.07
N GLU B 241 0.88 -6.32 13.16
CA GLU B 241 2.31 -6.48 13.19
C GLU B 241 2.66 -7.81 13.85
N ARG B 242 3.56 -8.57 13.22
CA ARG B 242 3.96 -9.86 13.74
C ARG B 242 5.19 -9.74 14.63
N GLY B 243 5.49 -10.82 15.34
CA GLY B 243 6.72 -10.97 16.08
C GLY B 243 6.80 -10.25 17.41
N LYS B 244 5.73 -9.63 17.87
CA LYS B 244 5.80 -8.83 19.09
C LYS B 244 4.60 -9.12 19.97
N LEU B 245 4.80 -8.99 21.28
CA LEU B 245 3.74 -9.19 22.26
C LEU B 245 2.94 -7.93 22.51
N LYS B 246 3.61 -6.79 22.65
CA LYS B 246 2.96 -5.52 22.96
C LYS B 246 3.06 -4.58 21.77
N ARG B 247 2.09 -3.68 21.67
CA ARG B 247 1.95 -2.82 20.51
C ARG B 247 2.85 -1.59 20.63
N ARG B 248 3.06 -0.95 19.49
CA ARG B 248 3.82 0.29 19.44
C ARG B 248 3.12 1.27 18.53
N ALA B 249 3.46 2.55 18.67
CA ALA B 249 2.86 3.62 17.89
C ALA B 249 3.77 4.02 16.74
N ILE B 250 3.18 4.16 15.55
CA ILE B 250 3.81 4.79 14.43
C ILE B 250 3.28 6.22 14.32
N ALA B 251 3.92 7.02 13.49
CA ALA B 251 3.50 8.39 13.25
C ALA B 251 3.49 8.68 11.76
N THR B 252 2.53 9.50 11.35
CA THR B 252 2.42 10.07 10.01
C THR B 252 2.78 11.55 10.05
N PRO B 253 3.56 12.01 9.08
CA PRO B 253 3.89 13.43 9.00
C PRO B 253 2.73 14.26 8.45
N GLY B 254 2.96 15.56 8.36
CA GLY B 254 2.02 16.48 7.76
C GLY B 254 2.42 16.84 6.34
N MET B 255 1.82 17.93 5.85
CA MET B 255 2.11 18.38 4.49
C MET B 255 3.23 19.41 4.44
N GLN B 256 3.49 20.12 5.54
CA GLN B 256 4.55 21.11 5.57
C GLN B 256 5.94 20.50 5.63
N ILE B 257 6.05 19.22 5.95
CA ILE B 257 7.33 18.55 6.13
C ILE B 257 7.58 17.49 5.08
N ARG B 258 6.57 17.10 4.28
CA ARG B 258 6.66 15.91 3.47
C ARG B 258 7.61 16.08 2.28
N GLY B 259 7.61 17.25 1.65
CA GLY B 259 8.51 17.48 0.53
C GLY B 259 9.96 17.58 0.93
N PHE B 260 10.23 18.16 2.10
CA PHE B 260 11.59 18.23 2.63
C PHE B 260 12.11 16.84 2.98
N VAL B 261 11.27 16.02 3.61
CA VAL B 261 11.61 14.64 3.91
C VAL B 261 11.84 13.86 2.62
N TYR B 262 11.08 14.16 1.56
CA TYR B 262 11.29 13.51 0.27
C TYR B 262 12.66 13.88 -0.31
N PHE B 263 13.06 15.14 -0.18
CA PHE B 263 14.36 15.54 -0.74
C PHE B 263 15.52 14.95 0.06
N VAL B 264 15.40 14.91 1.40
CA VAL B 264 16.45 14.32 2.23
C VAL B 264 16.56 12.81 1.99
N GLU B 265 15.42 12.13 1.90
CA GLU B 265 15.45 10.70 1.64
C GLU B 265 15.89 10.39 0.21
N LEU B 266 15.66 11.31 -0.73
CA LEU B 266 16.20 11.13 -2.07
C LEU B 266 17.71 11.23 -2.09
N LEU B 267 18.27 12.22 -1.35
CA LEU B 267 19.72 12.32 -1.19
C LEU B 267 20.30 11.07 -0.55
N ALA B 268 19.69 10.60 0.53
CA ALA B 268 20.23 9.45 1.25
C ALA B 268 20.02 8.15 0.47
N ARG B 269 19.00 8.08 -0.37
CA ARG B 269 18.84 6.94 -1.28
C ARG B 269 19.90 6.96 -2.36
N ASN B 270 20.29 8.16 -2.82
CA ASN B 270 21.42 8.28 -3.74
C ASN B 270 22.73 7.86 -3.08
N ILE B 271 22.87 8.11 -1.78
CA ILE B 271 24.04 7.65 -1.04
C ILE B 271 24.05 6.14 -0.95
N CYS B 272 22.97 5.55 -0.43
CA CYS B 272 22.95 4.14 -0.03
C CYS B 272 22.98 3.16 -1.20
N GLU B 273 22.72 3.60 -2.42
CA GLU B 273 22.81 2.68 -3.55
C GLU B 273 24.25 2.41 -3.94
N ARG B 274 25.15 3.33 -3.65
CA ARG B 274 26.56 3.18 -4.00
C ARG B 274 27.38 2.54 -2.88
N LEU B 275 26.75 2.23 -1.75
CA LEU B 275 27.43 1.62 -0.61
C LEU B 275 27.22 0.12 -0.64
N GLU B 276 28.31 -0.64 -0.50
CA GLU B 276 28.22 -2.09 -0.50
C GLU B 276 27.59 -2.61 0.79
N GLN B 277 27.82 -1.93 1.91
CA GLN B 277 27.44 -2.41 3.22
C GLN B 277 26.02 -1.99 3.64
N SER B 278 25.15 -1.68 2.69
CA SER B 278 23.80 -1.23 2.99
C SER B 278 22.78 -2.19 2.40
N GLY B 279 21.79 -2.55 3.21
CA GLY B 279 20.74 -3.45 2.73
C GLY B 279 19.48 -2.71 2.34
N LEU B 280 19.64 -1.46 1.89
CA LEU B 280 18.55 -0.58 1.50
C LEU B 280 19.07 0.37 0.43
N PRO B 281 18.32 0.60 -0.66
CA PRO B 281 17.06 -0.08 -1.00
C PRO B 281 17.30 -1.27 -1.92
N VAL B 282 17.11 -2.49 -1.40
CA VAL B 282 17.31 -3.71 -2.15
C VAL B 282 16.02 -4.52 -2.11
N GLY B 283 16.01 -5.61 -2.88
CA GLY B 283 14.84 -6.46 -3.02
C GLY B 283 14.99 -7.77 -2.27
N GLY B 284 14.52 -8.85 -2.89
CA GLY B 284 14.52 -10.16 -2.27
C GLY B 284 15.76 -10.98 -2.54
N ASN B 285 16.24 -10.96 -3.79
CA ASN B 285 17.44 -11.72 -4.13
C ASN B 285 18.69 -10.84 -4.10
N GLU B 286 18.51 -9.52 -4.21
CA GLU B 286 19.66 -8.61 -4.12
C GLU B 286 20.26 -8.63 -2.72
N LYS B 287 19.41 -8.76 -1.70
CA LYS B 287 19.90 -8.88 -0.33
C LYS B 287 20.63 -10.20 -0.12
N LYS B 288 20.15 -11.28 -0.76
CA LYS B 288 20.84 -12.56 -0.70
C LYS B 288 22.22 -12.47 -1.35
N ALA B 289 22.30 -11.77 -2.48
CA ALA B 289 23.59 -11.58 -3.14
C ALA B 289 24.53 -10.73 -2.30
N LYS B 290 23.99 -9.75 -1.57
CA LYS B 290 24.85 -8.95 -0.70
C LYS B 290 25.35 -9.74 0.50
N LEU B 291 24.50 -10.62 1.04
CA LEU B 291 24.94 -11.53 2.11
C LEU B 291 26.07 -12.44 1.64
N ALA B 292 25.89 -13.03 0.45
CA ALA B 292 26.93 -13.87 -0.13
C ALA B 292 28.20 -13.07 -0.43
N ASN B 293 28.06 -11.80 -0.82
CA ASN B 293 29.21 -10.96 -1.11
C ASN B 293 30.02 -10.65 0.13
N VAL B 294 29.35 -10.33 1.25
CA VAL B 294 30.13 -9.99 2.44
C VAL B 294 30.71 -11.24 3.10
N ILE B 295 30.04 -12.39 3.01
CA ILE B 295 30.64 -13.62 3.53
C ILE B 295 31.82 -14.05 2.65
N LYS B 296 31.73 -13.80 1.35
CA LYS B 296 32.85 -14.08 0.45
C LYS B 296 34.03 -13.17 0.73
N LYS B 297 33.78 -11.87 0.94
CA LYS B 297 34.89 -10.94 1.11
C LYS B 297 35.52 -11.05 2.50
N MET B 298 34.79 -11.57 3.49
CA MET B 298 35.38 -11.75 4.81
C MET B 298 35.88 -13.16 5.08
N MET B 299 35.95 -14.00 4.04
CA MET B 299 36.54 -15.33 4.14
C MET B 299 37.75 -15.47 3.22
N ALA B 300 38.59 -14.45 3.19
CA ALA B 300 39.85 -14.52 2.44
C ALA B 300 40.97 -14.70 3.46
N LYS B 301 41.19 -15.94 3.87
CA LYS B 301 42.23 -16.24 4.85
C LYS B 301 43.60 -16.17 4.22
N SER B 302 44.55 -15.60 4.96
CA SER B 302 45.94 -15.51 4.52
C SER B 302 46.89 -16.34 5.35
N THR B 303 46.82 -16.20 6.68
CA THR B 303 47.70 -16.94 7.58
C THR B 303 47.06 -18.26 7.96
N ASP B 304 47.72 -18.99 8.87
CA ASP B 304 47.30 -20.35 9.20
C ASP B 304 45.99 -20.38 9.97
N GLU B 305 45.68 -19.32 10.71
CA GLU B 305 44.46 -19.28 11.51
C GLU B 305 44.02 -17.82 11.63
N GLU B 306 43.06 -17.43 10.80
CA GLU B 306 42.41 -16.13 10.89
C GLU B 306 40.99 -16.37 11.39
N LEU B 307 40.74 -16.02 12.65
CA LEU B 307 39.41 -16.20 13.22
C LEU B 307 38.43 -15.19 12.61
N SER B 308 37.19 -15.64 12.43
CA SER B 308 36.15 -14.81 11.86
C SER B 308 34.84 -15.12 12.57
N TYR B 309 34.22 -14.11 13.16
CA TYR B 309 32.96 -14.27 13.85
C TYR B 309 31.92 -13.34 13.24
N THR B 310 30.66 -13.62 13.52
CA THR B 310 29.55 -12.85 12.99
C THR B 310 28.55 -12.59 14.10
N ILE B 311 28.15 -11.34 14.22
CA ILE B 311 27.08 -10.90 15.13
C ILE B 311 25.82 -10.74 14.32
N THR B 312 24.79 -11.48 14.71
CA THR B 312 23.42 -11.23 14.28
C THR B 312 22.84 -10.25 15.31
N GLY B 313 22.71 -8.99 14.92
CA GLY B 313 22.42 -7.93 15.88
C GLY B 313 21.18 -7.15 15.51
N ASP B 314 20.33 -6.93 16.51
CA ASP B 314 19.28 -5.92 16.46
C ASP B 314 19.72 -4.73 17.32
N ASN B 315 19.06 -3.61 17.11
CA ASN B 315 19.28 -2.42 17.91
C ASN B 315 18.06 -2.14 18.80
N THR B 316 18.31 -1.79 20.06
CA THR B 316 17.24 -1.56 21.01
C THR B 316 16.85 -0.08 21.02
N LYS B 317 15.55 0.18 20.81
CA LYS B 317 14.95 1.51 20.75
C LYS B 317 15.66 2.39 19.72
N TRP B 318 15.57 1.96 18.47
CA TRP B 318 16.36 2.56 17.40
C TRP B 318 15.92 3.99 17.09
N ASN B 319 14.62 4.23 17.05
CA ASN B 319 14.12 5.55 16.72
C ASN B 319 14.06 6.47 17.93
N GLU B 320 14.05 5.92 19.13
CA GLU B 320 13.95 6.73 20.34
C GLU B 320 15.24 7.45 20.69
N ASN B 321 16.36 7.09 20.08
CA ASN B 321 17.65 7.57 20.52
C ASN B 321 18.41 8.39 19.49
N GLN B 322 18.00 8.39 18.23
CA GLN B 322 18.65 9.21 17.22
C GLN B 322 18.01 10.58 17.18
N ASN B 323 18.78 11.61 17.43
CA ASN B 323 18.26 12.95 17.46
C ASN B 323 18.19 13.54 16.06
N PRO B 324 17.23 14.44 15.81
CA PRO B 324 17.22 15.18 14.53
C PRO B 324 18.40 16.12 14.36
N ARG B 325 19.03 16.56 15.45
CA ARG B 325 20.19 17.44 15.32
C ARG B 325 21.42 16.68 14.81
N ILE B 326 21.52 15.39 15.13
CA ILE B 326 22.55 14.54 14.54
C ILE B 326 22.31 14.38 13.05
N PHE B 327 21.05 14.25 12.64
CA PHE B 327 20.72 14.22 11.22
C PHE B 327 20.99 15.55 10.54
N LEU B 328 20.85 16.66 11.28
CA LEU B 328 21.20 17.97 10.76
C LEU B 328 22.70 18.08 10.50
N ALA B 329 23.51 17.62 11.45
CA ALA B 329 24.96 17.61 11.28
C ALA B 329 25.37 16.70 10.13
N MET B 330 24.70 15.55 9.99
CA MET B 330 25.01 14.63 8.89
C MET B 330 24.65 15.24 7.55
N VAL B 331 23.47 15.86 7.44
CA VAL B 331 23.05 16.42 6.17
C VAL B 331 23.80 17.71 5.85
N LEU B 332 24.44 18.35 6.84
CA LEU B 332 25.31 19.47 6.54
C LEU B 332 26.74 19.04 6.23
N ARG B 333 27.13 17.86 6.66
CA ARG B 333 28.46 17.34 6.33
C ARG B 333 28.48 16.62 4.99
N ILE B 334 27.40 15.93 4.62
CA ILE B 334 27.34 15.31 3.30
C ILE B 334 27.24 16.36 2.21
N THR B 335 26.44 17.40 2.44
CA THR B 335 26.32 18.51 1.48
C THR B 335 27.42 19.54 1.73
N ALA B 336 28.67 19.12 1.55
CA ALA B 336 29.83 19.96 1.76
C ALA B 336 30.44 20.31 0.41
N GLY B 337 30.69 21.61 0.20
CA GLY B 337 31.11 22.07 -1.11
C GLY B 337 29.98 22.25 -2.10
N GLN B 338 28.77 22.47 -1.60
CA GLN B 338 27.55 22.55 -2.38
C GLN B 338 26.94 23.94 -2.20
N PRO B 339 26.03 24.36 -3.10
CA PRO B 339 25.38 25.67 -2.92
C PRO B 339 24.52 25.75 -1.67
N GLU B 340 24.40 26.97 -1.15
CA GLU B 340 23.77 27.17 0.15
C GLU B 340 22.25 27.03 0.10
N TRP B 341 21.64 27.27 -1.07
CA TRP B 341 20.21 26.99 -1.21
C TRP B 341 19.94 25.50 -1.07
N PHE B 342 20.85 24.67 -1.58
CA PHE B 342 20.69 23.23 -1.49
C PHE B 342 20.90 22.75 -0.06
N ARG B 343 21.89 23.32 0.64
CA ARG B 343 22.14 22.94 2.01
C ARG B 343 21.01 23.37 2.94
N ASP B 344 20.44 24.55 2.71
CA ASP B 344 19.32 25.00 3.52
C ASP B 344 18.06 24.18 3.23
N LEU B 345 17.81 23.88 1.95
CA LEU B 345 16.65 23.06 1.58
C LEU B 345 16.74 21.66 2.14
N LEU B 346 17.93 21.05 2.12
CA LEU B 346 18.07 19.74 2.72
C LEU B 346 18.18 19.79 4.24
N ALA B 347 18.43 20.96 4.82
CA ALA B 347 18.51 21.05 6.27
C ALA B 347 17.20 21.44 6.93
N VAL B 348 16.18 21.84 6.15
CA VAL B 348 14.88 22.21 6.72
C VAL B 348 14.24 21.05 7.49
N ALA B 349 14.28 19.84 6.93
CA ALA B 349 13.60 18.69 7.55
C ALA B 349 14.17 18.22 8.89
N PRO B 350 15.50 18.20 9.13
CA PRO B 350 15.95 17.97 10.52
C PRO B 350 15.61 19.10 11.48
N ILE B 351 15.51 20.34 10.99
CA ILE B 351 15.08 21.44 11.85
C ILE B 351 13.61 21.29 12.21
N MET B 352 12.80 20.81 11.27
CA MET B 352 11.38 20.60 11.54
C MET B 352 11.17 19.40 12.45
N PHE B 353 11.98 18.35 12.30
CA PHE B 353 11.88 17.21 13.19
C PHE B 353 12.46 17.49 14.56
N SER B 354 13.36 18.45 14.68
CA SER B 354 13.87 18.80 15.99
C SER B 354 12.91 19.65 16.79
N ASN B 355 12.04 20.41 16.12
CA ASN B 355 11.03 21.23 16.78
C ASN B 355 9.65 20.60 16.72
N LYS B 356 9.57 19.29 16.49
CA LYS B 356 8.30 18.65 16.20
C LYS B 356 7.47 18.48 17.46
N VAL B 357 6.24 18.03 17.26
CA VAL B 357 5.28 17.84 18.33
C VAL B 357 4.48 16.59 17.94
N ALA B 358 3.93 15.91 18.95
CA ALA B 358 3.24 14.65 18.72
C ALA B 358 1.78 14.80 19.12
N ARG B 359 0.87 14.54 18.19
CA ARG B 359 -0.53 14.48 18.52
C ARG B 359 -0.82 13.18 19.26
N LEU B 360 -1.50 13.27 20.38
CA LEU B 360 -1.61 12.18 21.34
C LEU B 360 -2.74 11.21 21.06
N GLY B 361 -3.22 11.14 19.81
CA GLY B 361 -4.22 10.15 19.49
C GLY B 361 -5.64 10.60 19.77
N ARG B 362 -6.53 9.65 20.06
CA ARG B 362 -7.95 9.93 20.19
C ARG B 362 -8.39 10.23 21.61
N GLY B 363 -7.53 10.03 22.60
CA GLY B 363 -7.93 10.26 23.97
C GLY B 363 -8.11 8.98 24.74
N TYR B 364 -9.15 8.91 25.57
CA TYR B 364 -9.43 7.70 26.33
C TYR B 364 -10.94 7.56 26.52
N MET B 365 -11.37 6.32 26.71
CA MET B 365 -12.75 6.03 27.03
C MET B 365 -12.91 5.98 28.54
N PHE B 366 -13.93 6.67 29.04
CA PHE B 366 -14.24 6.74 30.45
C PHE B 366 -15.64 6.18 30.65
N GLU B 367 -15.90 5.67 31.85
CA GLU B 367 -17.14 4.93 32.09
C GLU B 367 -17.76 5.35 33.41
N SER B 368 -19.02 5.78 33.34
CA SER B 368 -19.85 5.99 34.52
C SER B 368 -20.70 4.75 34.76
N LYS B 369 -20.49 4.11 35.90
CA LYS B 369 -21.15 2.85 36.22
C LYS B 369 -22.41 3.03 37.05
N SER B 370 -22.78 4.27 37.37
CA SER B 370 -24.09 4.55 37.96
C SER B 370 -25.09 5.03 36.92
N MET B 371 -24.65 5.92 36.03
CA MET B 371 -25.46 6.33 34.89
C MET B 371 -25.43 5.32 33.76
N HIS B 372 -24.52 4.34 33.83
CA HIS B 372 -24.30 3.30 32.82
C HIS B 372 -24.00 3.91 31.45
N LEU B 373 -23.06 4.84 31.42
CA LEU B 373 -22.66 5.46 30.16
C LEU B 373 -21.15 5.39 30.00
N ARG B 374 -20.72 5.62 28.77
CA ARG B 374 -19.32 5.69 28.43
C ARG B 374 -19.10 6.89 27.53
N THR B 375 -17.92 7.47 27.58
CA THR B 375 -17.62 8.66 26.80
C THR B 375 -16.16 8.64 26.36
N GLN B 376 -15.93 8.93 25.09
CA GLN B 376 -14.58 9.07 24.56
C GLN B 376 -14.18 10.53 24.72
N ILE B 377 -13.31 10.81 25.68
CA ILE B 377 -12.83 12.17 25.91
C ILE B 377 -11.46 12.30 25.26
N SER B 378 -11.25 13.41 24.57
CA SER B 378 -10.11 13.55 23.68
C SER B 378 -8.85 13.93 24.45
N ALA B 379 -7.72 13.89 23.75
CA ALA B 379 -6.43 14.13 24.37
C ALA B 379 -6.24 15.59 24.78
N GLU B 380 -7.02 16.51 24.21
CA GLU B 380 -7.01 17.89 24.66
C GLU B 380 -7.76 18.04 25.99
N ASN B 381 -8.81 17.25 26.17
CA ASN B 381 -9.59 17.26 27.41
C ASN B 381 -8.91 16.53 28.56
N LEU B 382 -7.80 15.84 28.30
CA LEU B 382 -7.12 15.06 29.33
C LEU B 382 -6.27 15.91 30.26
N SER B 383 -6.20 17.22 30.03
CA SER B 383 -5.41 18.10 30.87
C SER B 383 -6.22 18.63 32.05
N ASP B 384 -7.42 19.13 31.80
CA ASP B 384 -8.28 19.68 32.85
C ASP B 384 -9.25 18.64 33.37
N ILE B 385 -8.72 17.50 33.82
CA ILE B 385 -9.49 16.44 34.44
C ILE B 385 -8.67 15.90 35.61
N ASN B 386 -9.35 15.55 36.70
CA ASN B 386 -8.68 15.10 37.90
C ASN B 386 -7.97 13.78 37.68
N LEU B 387 -6.87 13.58 38.41
CA LEU B 387 -6.06 12.38 38.32
C LEU B 387 -6.69 11.19 39.03
N ARG B 388 -7.75 11.39 39.80
CA ARG B 388 -8.41 10.29 40.48
C ARG B 388 -9.20 9.40 39.53
N TYR B 389 -9.56 9.91 38.35
CA TYR B 389 -10.39 9.17 37.42
C TYR B 389 -9.60 8.29 36.46
N PHE B 390 -8.28 8.37 36.46
CA PHE B 390 -7.47 7.49 35.66
C PHE B 390 -7.13 6.23 36.43
N ASN B 391 -6.56 5.24 35.73
CA ASN B 391 -5.98 4.10 36.41
C ASN B 391 -4.52 4.45 36.75
N GLU B 392 -3.74 3.46 37.19
CA GLU B 392 -2.43 3.76 37.73
C GLU B 392 -1.41 4.07 36.64
N ASP B 393 -1.41 3.28 35.56
CA ASP B 393 -0.45 3.48 34.48
C ASP B 393 -0.68 4.82 33.77
N THR B 394 -1.94 5.17 33.53
CA THR B 394 -2.24 6.42 32.87
C THR B 394 -2.01 7.62 33.77
N LYS B 395 -2.20 7.48 35.08
CA LYS B 395 -1.86 8.56 36.00
C LYS B 395 -0.37 8.80 36.05
N LYS B 396 0.44 7.72 36.04
CA LYS B 396 1.89 7.87 35.96
C LYS B 396 2.32 8.51 34.64
N LYS B 397 1.68 8.12 33.53
CA LYS B 397 1.99 8.69 32.22
C LYS B 397 1.68 10.18 32.17
N ILE B 398 0.51 10.58 32.68
CA ILE B 398 0.12 11.98 32.62
C ILE B 398 0.95 12.83 33.58
N GLU B 399 1.35 12.27 34.73
CA GLU B 399 2.26 12.99 35.62
C GLU B 399 3.63 13.18 34.98
N LYS B 400 4.12 12.18 34.24
CA LYS B 400 5.41 12.35 33.58
C LYS B 400 5.33 13.22 32.33
N ILE B 401 4.15 13.39 31.74
CA ILE B 401 4.03 14.08 30.46
C ILE B 401 3.42 15.47 30.56
N ARG B 402 2.92 15.88 31.74
CA ARG B 402 2.17 17.13 31.88
C ARG B 402 3.00 18.37 31.55
N HIS B 403 4.31 18.35 31.77
CA HIS B 403 5.13 19.51 31.46
C HIS B 403 5.49 19.61 29.98
N LEU B 404 5.10 18.64 29.15
CA LEU B 404 5.45 18.63 27.75
C LEU B 404 4.29 18.98 26.83
N MET B 405 3.11 19.26 27.39
CA MET B 405 1.90 19.43 26.59
C MET B 405 1.78 20.86 26.08
N VAL B 406 1.53 20.99 24.78
CA VAL B 406 1.26 22.30 24.15
C VAL B 406 0.07 22.15 23.22
N GLU B 407 -1.12 22.53 23.70
CA GLU B 407 -2.37 22.58 22.95
C GLU B 407 -2.73 21.22 22.34
N GLY B 408 -2.94 20.25 23.23
CA GLY B 408 -3.34 18.91 22.84
C GLY B 408 -2.23 18.02 22.35
N THR B 409 -1.00 18.52 22.28
CA THR B 409 0.12 17.79 21.71
C THR B 409 1.31 17.83 22.67
N ALA B 410 2.09 16.76 22.65
CA ALA B 410 3.29 16.66 23.47
C ALA B 410 4.53 16.97 22.64
N SER B 411 5.45 17.74 23.21
CA SER B 411 6.67 18.13 22.52
C SER B 411 7.66 16.98 22.57
N LEU B 412 7.87 16.33 21.43
CA LEU B 412 8.84 15.25 21.30
C LEU B 412 10.07 15.79 20.55
N SER B 413 10.88 16.57 21.25
CA SER B 413 12.07 17.13 20.63
C SER B 413 13.21 16.14 20.41
N PRO B 414 13.59 15.25 21.33
CA PRO B 414 14.60 14.24 20.98
C PRO B 414 13.96 13.06 20.26
N GLY B 415 14.83 12.21 19.73
CA GLY B 415 14.37 11.00 19.07
C GLY B 415 13.70 11.25 17.73
N MET B 416 13.35 10.16 17.07
CA MET B 416 12.59 10.16 15.84
C MET B 416 11.30 9.38 16.04
N MET B 417 10.59 9.13 14.95
CA MET B 417 9.47 8.21 14.96
C MET B 417 9.75 7.12 13.93
N MET B 418 8.84 6.14 13.88
CA MET B 418 9.09 4.91 13.13
C MET B 418 8.92 5.16 11.64
N GLY B 419 10.04 5.17 10.91
CA GLY B 419 9.99 5.22 9.47
C GLY B 419 9.89 6.60 8.87
N MET B 420 10.73 7.53 9.35
CA MET B 420 10.82 8.86 8.77
C MET B 420 12.09 9.03 7.96
N PHE B 421 13.25 8.80 8.58
CA PHE B 421 14.55 8.81 7.91
C PHE B 421 15.14 7.41 8.08
N ASN B 422 14.76 6.51 7.18
CA ASN B 422 15.32 5.17 7.21
C ASN B 422 16.69 5.12 6.55
N MET B 423 16.83 5.77 5.40
CA MET B 423 18.09 5.75 4.67
C MET B 423 19.17 6.60 5.33
N LEU B 424 18.80 7.68 6.02
CA LEU B 424 19.81 8.48 6.70
C LEU B 424 20.36 7.76 7.93
N SER B 425 19.49 7.07 8.67
CA SER B 425 19.95 6.22 9.75
C SER B 425 20.76 5.04 9.24
N THR B 426 20.42 4.54 8.04
CA THR B 426 21.25 3.54 7.38
C THR B 426 22.62 4.11 7.04
N VAL B 427 22.69 5.38 6.64
CA VAL B 427 23.96 6.04 6.34
C VAL B 427 24.83 6.12 7.60
N LEU B 428 24.22 6.47 8.73
CA LEU B 428 24.96 6.54 9.99
C LEU B 428 25.47 5.17 10.43
N GLY B 429 24.63 4.13 10.31
CA GLY B 429 25.08 2.78 10.63
C GLY B 429 26.16 2.26 9.71
N VAL B 430 26.07 2.62 8.42
CA VAL B 430 27.10 2.22 7.46
C VAL B 430 28.40 2.95 7.73
N SER B 431 28.35 4.17 8.27
CA SER B 431 29.57 4.87 8.64
C SER B 431 30.25 4.20 9.84
N VAL B 432 29.45 3.73 10.80
CA VAL B 432 30.02 2.96 11.92
C VAL B 432 30.62 1.65 11.41
N LEU B 433 29.96 0.98 10.46
CA LEU B 433 30.51 -0.24 9.86
C LEU B 433 31.77 0.03 9.06
N ASN B 434 31.86 1.20 8.44
CA ASN B 434 32.96 1.57 7.57
C ASN B 434 34.20 1.97 8.35
N LEU B 435 34.03 2.38 9.62
CA LEU B 435 35.19 2.67 10.47
C LEU B 435 36.13 1.48 10.62
N GLY B 436 35.61 0.25 10.62
CA GLY B 436 36.42 -0.89 10.97
C GLY B 436 37.16 -1.61 9.85
N GLN B 437 37.62 -0.88 8.84
CA GLN B 437 38.50 -1.49 7.85
C GLN B 437 39.89 -1.73 8.42
N ARG B 438 40.70 -2.49 7.68
CA ARG B 438 41.98 -2.95 8.20
C ARG B 438 42.97 -1.81 8.35
N GLU B 439 43.25 -1.10 7.25
CA GLU B 439 44.27 -0.06 7.26
C GLU B 439 43.70 1.32 7.57
N ILE B 440 42.43 1.39 7.97
CA ILE B 440 41.93 2.57 8.65
C ILE B 440 42.11 2.45 10.15
N LEU B 441 41.77 1.29 10.71
CA LEU B 441 41.93 1.05 12.13
C LEU B 441 43.40 0.84 12.50
N LYS B 442 44.11 0.04 11.71
CA LYS B 442 45.47 -0.45 11.99
C LYS B 442 45.52 -1.11 13.36
N ARG B 443 44.73 -2.17 13.50
CA ARG B 443 44.49 -2.81 14.78
C ARG B 443 44.64 -4.32 14.61
N THR B 444 44.43 -5.05 15.70
CA THR B 444 44.45 -6.50 15.67
C THR B 444 43.12 -7.10 15.24
N TYR B 445 42.13 -6.27 14.93
CA TYR B 445 40.81 -6.71 14.52
C TYR B 445 40.32 -5.83 13.39
N TRP B 446 39.41 -6.37 12.58
CA TRP B 446 38.80 -5.57 11.54
C TRP B 446 37.40 -6.11 11.23
N TRP B 447 36.43 -5.21 11.03
CA TRP B 447 35.07 -5.64 10.81
C TRP B 447 34.50 -5.09 9.51
N ASP B 448 33.63 -5.90 8.91
CA ASP B 448 32.82 -5.55 7.75
C ASP B 448 31.38 -5.95 8.08
N GLY B 449 30.47 -5.74 7.15
CA GLY B 449 29.14 -6.27 7.43
C GLY B 449 28.08 -5.59 6.59
N LEU B 450 26.86 -5.57 7.14
CA LEU B 450 25.69 -5.09 6.44
C LEU B 450 24.76 -4.41 7.44
N GLN B 451 24.10 -3.36 6.96
CA GLN B 451 23.28 -2.47 7.78
C GLN B 451 21.96 -2.22 7.07
N SER B 452 20.87 -2.57 7.73
CA SER B 452 19.52 -2.21 7.32
C SER B 452 19.14 -0.91 8.00
N SER B 453 17.84 -0.63 8.12
CA SER B 453 17.37 0.47 8.95
C SER B 453 17.86 0.34 10.38
N ASP B 454 17.45 -0.71 11.09
CA ASP B 454 17.95 -0.98 12.43
C ASP B 454 18.64 -2.33 12.60
N ASP B 455 18.36 -3.31 11.74
CA ASP B 455 18.99 -4.61 11.86
C ASP B 455 20.38 -4.59 11.23
N PHE B 456 21.29 -5.37 11.80
CA PHE B 456 22.64 -5.41 11.25
C PHE B 456 23.26 -6.79 11.40
N ALA B 457 24.19 -7.08 10.51
CA ALA B 457 25.04 -8.26 10.60
C ALA B 457 26.48 -7.79 10.55
N LEU B 458 27.30 -8.23 11.49
CA LEU B 458 28.63 -7.69 11.67
C LEU B 458 29.65 -8.81 11.66
N ILE B 459 30.50 -8.85 10.65
CA ILE B 459 31.58 -9.84 10.60
C ILE B 459 32.84 -9.19 11.15
N ILE B 460 33.43 -9.82 12.15
CA ILE B 460 34.66 -9.35 12.78
C ILE B 460 35.72 -10.41 12.61
N ASN B 461 36.79 -10.06 11.91
CA ASN B 461 37.94 -10.94 11.79
C ASN B 461 39.05 -10.50 12.72
N GLY B 462 39.83 -11.47 13.17
CA GLY B 462 40.94 -11.22 14.05
C GLY B 462 41.85 -12.41 14.10
N HIS B 463 42.83 -12.34 14.99
CA HIS B 463 43.79 -13.41 15.17
C HIS B 463 43.51 -14.28 16.38
N PHE B 464 42.95 -13.72 17.44
CA PHE B 464 42.56 -14.48 18.62
C PHE B 464 41.15 -14.05 19.03
N LYS B 465 40.53 -14.87 19.87
CA LYS B 465 39.19 -14.57 20.36
C LYS B 465 39.17 -13.34 21.27
N GLU B 466 40.30 -13.02 21.90
CA GLU B 466 40.42 -11.77 22.63
C GLU B 466 40.39 -10.57 21.70
N ASP B 467 40.94 -10.70 20.50
CA ASP B 467 40.84 -9.64 19.51
C ASP B 467 39.42 -9.52 18.98
N ILE B 468 38.69 -10.63 18.89
CA ILE B 468 37.28 -10.61 18.53
C ILE B 468 36.48 -9.87 19.59
N GLN B 469 36.80 -10.12 20.87
CA GLN B 469 36.13 -9.42 21.96
C GLN B 469 36.46 -7.94 21.96
N GLN B 470 37.71 -7.58 21.66
CA GLN B 470 38.10 -6.17 21.58
C GLN B 470 37.40 -5.47 20.41
N GLY B 471 37.22 -6.18 19.30
CA GLY B 471 36.50 -5.60 18.17
C GLY B 471 35.02 -5.41 18.45
N VAL B 472 34.40 -6.36 19.15
CA VAL B 472 33.01 -6.22 19.57
C VAL B 472 32.85 -5.03 20.51
N ASN B 473 33.78 -4.87 21.45
CA ASN B 473 33.71 -3.75 22.38
C ASN B 473 33.95 -2.42 21.70
N HIS B 474 34.87 -2.39 20.72
CA HIS B 474 35.14 -1.15 19.98
C HIS B 474 33.94 -0.74 19.14
N PHE B 475 33.33 -1.69 18.43
CA PHE B 475 32.12 -1.42 17.65
C PHE B 475 30.97 -0.97 18.55
N TYR B 476 30.80 -1.63 19.69
CA TYR B 476 29.71 -1.32 20.60
C TYR B 476 29.85 0.07 21.19
N ARG B 477 31.06 0.43 21.62
CA ARG B 477 31.25 1.75 22.21
C ARG B 477 31.22 2.85 21.16
N THR B 478 31.67 2.57 19.93
CA THR B 478 31.54 3.54 18.86
C THR B 478 30.07 3.77 18.48
N CYS B 479 29.26 2.70 18.53
CA CYS B 479 27.82 2.87 18.36
C CYS B 479 27.22 3.68 19.48
N LYS B 480 27.67 3.46 20.73
CA LYS B 480 27.15 4.23 21.86
C LYS B 480 27.58 5.70 21.79
N LEU B 481 28.66 6.00 21.08
CA LEU B 481 29.08 7.39 20.92
C LEU B 481 28.12 8.16 20.00
N VAL B 482 27.48 7.47 19.06
CA VAL B 482 26.65 8.12 18.07
C VAL B 482 25.16 7.84 18.30
N GLY B 483 24.78 7.44 19.51
CA GLY B 483 23.38 7.24 19.83
C GLY B 483 22.78 5.98 19.29
N ILE B 484 23.60 4.99 18.95
CA ILE B 484 23.13 3.69 18.50
C ILE B 484 23.30 2.72 19.65
N ASN B 485 22.23 2.00 19.99
CA ASN B 485 22.24 1.10 21.13
C ASN B 485 21.99 -0.32 20.63
N MET B 486 23.02 -1.16 20.65
CA MET B 486 22.87 -2.55 20.27
C MET B 486 22.10 -3.29 21.34
N SER B 487 21.11 -4.07 20.93
CA SER B 487 20.33 -4.86 21.88
C SER B 487 21.15 -6.05 22.34
N GLN B 488 21.57 -6.03 23.60
CA GLN B 488 22.34 -7.15 24.11
C GLN B 488 21.46 -8.38 24.31
N LYS B 489 20.17 -8.18 24.57
CA LYS B 489 19.28 -9.30 24.80
C LYS B 489 18.94 -10.04 23.50
N LYS B 490 18.89 -9.34 22.38
CA LYS B 490 18.43 -9.93 21.13
C LYS B 490 19.51 -9.96 20.05
N SER B 491 20.78 -9.87 20.43
CA SER B 491 21.88 -10.10 19.51
C SER B 491 22.68 -11.31 19.96
N TYR B 492 23.30 -11.99 19.02
CA TYR B 492 24.18 -13.09 19.36
C TYR B 492 25.34 -13.12 18.37
N ILE B 493 26.30 -14.00 18.64
CA ILE B 493 27.53 -14.04 17.88
C ILE B 493 27.99 -15.49 17.81
N ASN B 494 28.43 -15.89 16.61
CA ASN B 494 28.95 -17.23 16.39
C ASN B 494 30.06 -17.14 15.36
N LYS B 495 30.61 -18.28 14.96
CA LYS B 495 31.61 -18.20 13.89
C LYS B 495 30.92 -17.98 12.56
N THR B 496 31.71 -17.53 11.58
CA THR B 496 31.16 -17.13 10.30
C THR B 496 30.73 -18.35 9.50
N GLY B 497 29.53 -18.28 8.92
CA GLY B 497 28.98 -19.35 8.13
C GLY B 497 27.48 -19.50 8.27
N THR B 498 26.94 -19.13 9.43
CA THR B 498 25.49 -19.05 9.63
C THR B 498 25.18 -17.76 10.38
N PHE B 499 24.22 -16.99 9.86
CA PHE B 499 23.75 -15.81 10.56
C PHE B 499 22.36 -15.44 10.03
N GLU B 500 21.83 -14.33 10.52
CA GLU B 500 20.52 -13.84 10.13
C GLU B 500 20.56 -12.33 9.91
N PHE B 501 19.96 -11.89 8.81
CA PHE B 501 19.84 -10.46 8.53
C PHE B 501 18.45 -10.20 7.96
N THR B 502 17.62 -9.48 8.73
CA THR B 502 16.26 -9.07 8.37
C THR B 502 15.40 -10.25 7.93
N SER B 503 15.36 -11.29 8.77
CA SER B 503 14.69 -12.57 8.51
C SER B 503 15.17 -13.23 7.23
N PHE B 504 16.44 -13.02 6.89
CA PHE B 504 17.16 -13.85 5.93
C PHE B 504 18.12 -14.72 6.72
N PHE B 505 18.07 -16.03 6.50
CA PHE B 505 18.84 -16.97 7.30
C PHE B 505 19.88 -17.62 6.41
N TYR B 506 21.14 -17.27 6.63
CA TYR B 506 22.27 -17.76 5.84
C TYR B 506 22.90 -18.93 6.58
N ARG B 507 23.00 -20.07 5.90
CA ARG B 507 23.68 -21.25 6.42
C ARG B 507 24.52 -21.82 5.28
N TYR B 508 25.83 -21.57 5.32
CA TYR B 508 26.84 -22.15 4.42
C TYR B 508 26.56 -21.87 2.95
N GLY B 509 25.93 -20.75 2.66
CA GLY B 509 25.59 -20.43 1.28
C GLY B 509 24.10 -20.48 1.03
N PHE B 510 23.43 -21.44 1.67
CA PHE B 510 21.98 -21.55 1.54
C PHE B 510 21.31 -20.41 2.28
N VAL B 511 20.55 -19.59 1.58
CA VAL B 511 19.83 -18.48 2.17
C VAL B 511 18.35 -18.80 2.15
N ALA B 512 17.71 -18.68 3.30
CA ALA B 512 16.28 -18.83 3.44
C ALA B 512 15.66 -17.45 3.63
N ASN B 513 14.76 -17.07 2.72
CA ASN B 513 14.07 -15.79 2.79
C ASN B 513 12.76 -15.98 3.54
N PHE B 514 12.61 -15.25 4.66
CA PHE B 514 11.35 -15.23 5.40
C PHE B 514 11.06 -13.82 5.89
N SER B 515 11.51 -12.81 5.14
CA SER B 515 11.26 -11.43 5.49
C SER B 515 9.82 -11.01 5.21
N MET B 516 9.17 -11.68 4.27
CA MET B 516 7.81 -11.35 3.88
C MET B 516 6.85 -12.43 4.34
N GLU B 517 5.68 -12.02 4.80
CA GLU B 517 4.63 -12.96 5.13
C GLU B 517 4.02 -13.52 3.84
N LEU B 518 3.76 -14.82 3.84
CA LEU B 518 3.15 -15.46 2.68
C LEU B 518 1.70 -14.99 2.54
N PRO B 519 1.28 -14.56 1.35
CA PRO B 519 -0.07 -14.02 1.19
C PRO B 519 -1.13 -15.12 1.27
N SER B 520 -2.39 -14.68 1.33
CA SER B 520 -3.49 -15.63 1.39
C SER B 520 -3.73 -16.32 0.06
N PHE B 521 -3.28 -15.71 -1.04
CA PHE B 521 -3.55 -16.14 -2.41
C PHE B 521 -5.05 -16.25 -2.69
N GLY B 522 -5.83 -15.37 -2.08
CA GLY B 522 -7.26 -15.35 -2.26
C GLY B 522 -7.68 -14.30 -3.28
N VAL B 523 -8.97 -14.03 -3.28
CA VAL B 523 -9.53 -13.05 -4.21
C VAL B 523 -9.12 -11.65 -3.76
N ALA B 524 -8.83 -10.78 -4.73
CA ALA B 524 -8.41 -9.42 -4.40
C ALA B 524 -9.59 -8.53 -4.07
N GLY B 525 -10.68 -8.68 -4.80
CA GLY B 525 -11.91 -7.99 -4.49
C GLY B 525 -12.26 -6.80 -5.36
N ASN B 526 -11.86 -6.80 -6.63
CA ASN B 526 -12.21 -5.71 -7.54
C ASN B 526 -13.35 -6.08 -8.47
N ASN B 527 -13.14 -7.10 -9.30
CA ASN B 527 -14.17 -7.71 -10.15
C ASN B 527 -13.67 -9.11 -10.48
N GLU B 528 -14.28 -9.76 -11.47
CA GLU B 528 -13.91 -11.15 -11.74
C GLU B 528 -12.62 -11.25 -12.54
N SER B 529 -12.56 -10.56 -13.70
CA SER B 529 -11.39 -10.64 -14.58
C SER B 529 -10.15 -10.04 -13.92
N ALA B 530 -10.33 -8.93 -13.21
CA ALA B 530 -9.22 -8.29 -12.52
C ALA B 530 -8.67 -9.17 -11.42
N ASP B 531 -9.53 -9.88 -10.69
CA ASP B 531 -9.05 -10.75 -9.63
C ASP B 531 -8.36 -11.98 -10.20
N MET B 532 -8.82 -12.49 -11.34
CA MET B 532 -8.14 -13.60 -11.99
C MET B 532 -6.72 -13.21 -12.42
N SER B 533 -6.59 -12.04 -13.06
CA SER B 533 -5.29 -11.58 -13.51
C SER B 533 -4.37 -11.24 -12.34
N ILE B 534 -4.90 -10.58 -11.30
CA ILE B 534 -4.13 -10.23 -10.11
C ILE B 534 -3.69 -11.48 -9.36
N GLY B 535 -4.54 -12.52 -9.29
CA GLY B 535 -4.16 -13.74 -8.60
C GLY B 535 -3.07 -14.51 -9.29
N THR B 536 -3.16 -14.64 -10.63
CA THR B 536 -2.07 -15.33 -11.33
C THR B 536 -0.78 -14.52 -11.31
N THR B 537 -0.87 -13.20 -11.38
CA THR B 537 0.32 -12.36 -11.29
C THR B 537 0.95 -12.41 -9.90
N VAL B 538 0.13 -12.53 -8.85
CA VAL B 538 0.65 -12.63 -7.49
C VAL B 538 1.38 -13.95 -7.29
N ILE B 539 0.80 -15.05 -7.80
CA ILE B 539 1.47 -16.35 -7.73
C ILE B 539 2.80 -16.32 -8.48
N LYS B 540 2.81 -15.68 -9.66
CA LYS B 540 4.02 -15.63 -10.46
C LYS B 540 5.11 -14.75 -9.82
N THR B 541 4.73 -13.60 -9.25
CA THR B 541 5.72 -12.74 -8.63
C THR B 541 6.25 -13.32 -7.33
N ASN B 542 5.43 -14.07 -6.58
CA ASN B 542 5.94 -14.75 -5.40
C ASN B 542 6.83 -15.92 -5.79
N MET B 543 6.59 -16.56 -6.94
CA MET B 543 7.53 -17.55 -7.44
C MET B 543 8.87 -16.93 -7.79
N ILE B 544 8.85 -15.76 -8.46
CA ILE B 544 10.08 -15.16 -8.94
C ILE B 544 10.88 -14.54 -7.80
N ASN B 545 10.25 -13.73 -6.98
CA ASN B 545 10.97 -12.94 -5.99
C ASN B 545 11.12 -13.64 -4.64
N ASN B 546 10.05 -14.26 -4.14
CA ASN B 546 9.98 -14.68 -2.75
C ASN B 546 10.14 -16.18 -2.57
N ASP B 547 10.82 -16.84 -3.52
CA ASP B 547 11.30 -18.23 -3.41
C ASP B 547 10.17 -19.24 -3.22
N LEU B 548 9.01 -18.98 -3.83
CA LEU B 548 7.89 -19.90 -3.70
C LEU B 548 8.14 -21.13 -4.55
N GLY B 549 8.12 -22.29 -3.92
CA GLY B 549 8.38 -23.55 -4.58
C GLY B 549 7.31 -23.88 -5.60
N PRO B 550 7.65 -24.76 -6.56
CA PRO B 550 6.68 -25.04 -7.64
C PRO B 550 5.45 -25.80 -7.20
N ALA B 551 5.58 -26.78 -6.28
CA ALA B 551 4.40 -27.49 -5.80
C ALA B 551 3.54 -26.61 -4.91
N THR B 552 4.18 -25.73 -4.13
CA THR B 552 3.43 -24.74 -3.34
C THR B 552 2.73 -23.75 -4.26
N ALA B 553 3.34 -23.42 -5.39
CA ALA B 553 2.66 -22.56 -6.36
C ALA B 553 1.50 -23.27 -7.04
N GLN B 554 1.62 -24.59 -7.30
CA GLN B 554 0.51 -25.33 -7.88
C GLN B 554 -0.67 -25.43 -6.91
N MET B 555 -0.38 -25.72 -5.64
CA MET B 555 -1.43 -25.70 -4.64
C MET B 555 -1.98 -24.29 -4.43
N ALA B 556 -1.16 -23.25 -4.62
CA ALA B 556 -1.65 -21.89 -4.56
C ALA B 556 -2.60 -21.58 -5.71
N ILE B 557 -2.34 -22.11 -6.90
CA ILE B 557 -3.28 -21.98 -8.01
C ILE B 557 -4.60 -22.67 -7.68
N GLN B 558 -4.52 -23.86 -7.09
CA GLN B 558 -5.74 -24.59 -6.72
C GLN B 558 -6.54 -23.86 -5.63
N LEU B 559 -5.85 -23.30 -4.63
CA LEU B 559 -6.53 -22.57 -3.57
C LEU B 559 -7.12 -21.26 -4.08
N PHE B 560 -6.43 -20.60 -5.02
CA PHE B 560 -6.96 -19.38 -5.61
C PHE B 560 -8.18 -19.66 -6.47
N ILE B 561 -8.15 -20.75 -7.23
CA ILE B 561 -9.30 -21.09 -8.08
C ILE B 561 -10.49 -21.51 -7.23
N LYS B 562 -10.24 -22.20 -6.12
CA LYS B 562 -11.31 -22.54 -5.17
C LYS B 562 -11.92 -21.30 -4.53
N ASP B 563 -11.08 -20.38 -4.06
CA ASP B 563 -11.59 -19.16 -3.45
C ASP B 563 -12.27 -18.25 -4.46
N TYR B 564 -11.78 -18.24 -5.69
CA TYR B 564 -12.38 -17.45 -6.77
C TYR B 564 -13.74 -18.00 -7.15
N ARG B 565 -13.86 -19.33 -7.28
CA ARG B 565 -15.13 -19.94 -7.61
C ARG B 565 -16.13 -19.81 -6.46
N TYR B 566 -15.67 -19.76 -5.22
CA TYR B 566 -16.62 -19.53 -4.14
C TYR B 566 -17.09 -18.08 -4.12
N THR B 567 -16.16 -17.13 -4.24
CA THR B 567 -16.48 -15.73 -4.02
C THR B 567 -17.45 -15.19 -5.07
N TYR B 568 -17.21 -15.51 -6.34
CA TYR B 568 -18.07 -15.01 -7.40
C TYR B 568 -19.17 -15.99 -7.78
N ARG B 569 -19.31 -17.09 -7.02
CA ARG B 569 -20.39 -18.07 -7.16
C ARG B 569 -20.38 -18.71 -8.54
N CYS B 570 -19.18 -18.97 -9.04
CA CYS B 570 -19.00 -19.36 -10.44
C CYS B 570 -18.38 -20.74 -10.54
N HIS B 571 -18.94 -21.70 -9.80
CA HIS B 571 -18.53 -23.10 -9.90
C HIS B 571 -18.84 -23.65 -11.29
N ARG B 572 -18.22 -24.78 -11.62
CA ARG B 572 -18.32 -25.36 -12.95
C ARG B 572 -19.75 -25.84 -13.24
N GLY B 573 -20.04 -26.00 -14.53
CA GLY B 573 -21.38 -26.35 -14.94
C GLY B 573 -21.77 -27.77 -14.61
N ASP B 574 -20.79 -28.67 -14.52
CA ASP B 574 -21.05 -30.06 -14.21
C ASP B 574 -20.98 -30.35 -12.71
N THR B 575 -21.12 -29.33 -11.87
CA THR B 575 -21.08 -29.52 -10.43
C THR B 575 -22.46 -29.80 -9.88
N ASN B 576 -22.49 -30.27 -8.63
CA ASN B 576 -23.73 -30.53 -7.92
C ASN B 576 -24.09 -29.45 -6.91
N LEU B 577 -23.19 -28.49 -6.67
CA LEU B 577 -23.55 -27.33 -5.87
C LEU B 577 -24.54 -26.46 -6.64
N GLU B 578 -25.55 -25.98 -5.93
CA GLU B 578 -26.61 -25.17 -6.54
C GLU B 578 -26.66 -23.83 -5.81
N THR B 579 -25.90 -22.86 -6.28
CA THR B 579 -25.87 -21.54 -5.68
C THR B 579 -26.91 -20.64 -6.35
N ARG B 580 -26.82 -19.33 -6.13
CA ARG B 580 -27.76 -18.39 -6.73
C ARG B 580 -27.58 -18.28 -8.24
N ARG B 581 -26.35 -18.46 -8.73
CA ARG B 581 -26.05 -18.27 -10.14
C ARG B 581 -25.95 -19.57 -10.92
N THR B 582 -26.24 -20.71 -10.30
CA THR B 582 -25.90 -21.98 -10.92
C THR B 582 -26.84 -22.36 -12.06
N LYS B 583 -28.06 -21.84 -12.07
CA LYS B 583 -28.99 -22.16 -13.15
C LYS B 583 -28.58 -21.52 -14.46
N SER B 584 -28.19 -20.24 -14.42
CA SER B 584 -27.74 -19.56 -15.63
C SER B 584 -26.40 -20.10 -16.11
N ILE B 585 -25.52 -20.45 -15.17
CA ILE B 585 -24.23 -21.01 -15.53
C ILE B 585 -24.40 -22.40 -16.14
N LYS B 586 -25.35 -23.17 -15.63
CA LYS B 586 -25.61 -24.48 -16.23
C LYS B 586 -26.30 -24.37 -17.58
N ARG B 587 -27.15 -23.35 -17.76
CA ARG B 587 -27.73 -23.08 -19.08
C ARG B 587 -26.65 -22.69 -20.08
N LEU B 588 -25.66 -21.91 -19.64
CA LEU B 588 -24.51 -21.62 -20.48
C LEU B 588 -23.66 -22.86 -20.74
N TRP B 589 -23.59 -23.76 -19.76
CA TRP B 589 -22.77 -24.97 -19.91
C TRP B 589 -23.39 -25.94 -20.89
N THR B 590 -24.72 -26.02 -20.95
CA THR B 590 -25.37 -27.03 -21.77
C THR B 590 -25.32 -26.69 -23.25
N GLU B 591 -25.53 -25.42 -23.61
CA GLU B 591 -25.58 -25.02 -25.01
C GLU B 591 -24.23 -24.61 -25.57
N THR B 592 -23.15 -24.75 -24.80
CA THR B 592 -21.82 -24.46 -25.29
C THR B 592 -21.21 -25.73 -25.85
N ILE B 593 -20.70 -25.67 -27.08
CA ILE B 593 -20.12 -26.85 -27.71
C ILE B 593 -18.76 -27.15 -27.10
N SER B 594 -17.81 -26.23 -27.23
CA SER B 594 -16.48 -26.39 -26.67
C SER B 594 -16.51 -25.83 -25.26
N LYS B 595 -16.64 -26.71 -24.27
CA LYS B 595 -16.74 -26.30 -22.88
C LYS B 595 -15.42 -25.85 -22.29
N ALA B 596 -14.29 -26.16 -22.95
CA ALA B 596 -12.99 -25.73 -22.45
C ALA B 596 -12.73 -24.25 -22.66
N GLY B 597 -13.53 -23.56 -23.47
CA GLY B 597 -13.38 -22.15 -23.73
C GLY B 597 -14.16 -21.23 -22.82
N LEU B 598 -15.04 -21.76 -21.99
CA LEU B 598 -15.73 -20.92 -21.03
C LEU B 598 -14.75 -20.45 -19.96
N LEU B 599 -14.87 -19.20 -19.56
CA LEU B 599 -14.04 -18.66 -18.50
C LEU B 599 -14.45 -19.27 -17.15
N VAL B 600 -13.56 -19.13 -16.17
CA VAL B 600 -13.83 -19.62 -14.81
C VAL B 600 -14.99 -18.87 -14.19
N ALA B 601 -15.16 -17.60 -14.54
CA ALA B 601 -16.33 -16.84 -14.10
C ALA B 601 -17.59 -17.22 -14.86
N ASP B 602 -17.49 -18.01 -15.92
CA ASP B 602 -18.65 -18.51 -16.66
C ASP B 602 -18.89 -19.99 -16.43
N GLY B 603 -18.22 -20.58 -15.46
CA GLY B 603 -18.36 -21.99 -15.19
C GLY B 603 -17.43 -22.90 -15.95
N GLY B 604 -16.38 -22.36 -16.55
CA GLY B 604 -15.45 -23.15 -17.31
C GLY B 604 -14.33 -23.70 -16.47
N PRO B 605 -13.54 -24.60 -17.05
CA PRO B 605 -12.44 -25.22 -16.29
C PRO B 605 -11.29 -24.25 -16.07
N ASN B 606 -10.40 -24.66 -15.19
CA ASN B 606 -9.21 -23.88 -14.90
C ASN B 606 -8.12 -24.18 -15.93
N PRO B 607 -7.61 -23.18 -16.65
CA PRO B 607 -6.59 -23.47 -17.66
C PRO B 607 -5.18 -23.40 -17.11
N TYR B 608 -5.02 -22.84 -15.92
CA TYR B 608 -3.73 -22.42 -15.44
C TYR B 608 -2.92 -23.56 -14.85
N ASN B 609 -1.60 -23.39 -14.93
CA ASN B 609 -0.61 -24.25 -14.33
C ASN B 609 0.63 -23.39 -14.13
N LEU B 610 1.79 -24.01 -13.93
CA LEU B 610 3.00 -23.24 -13.71
C LEU B 610 3.49 -22.57 -14.99
N ARG B 611 3.19 -23.13 -16.15
CA ARG B 611 3.85 -22.63 -17.37
C ARG B 611 3.15 -21.43 -17.97
N ASN B 612 1.86 -21.23 -17.74
CA ASN B 612 1.11 -20.15 -18.37
C ASN B 612 0.55 -19.17 -17.35
N LEU B 613 1.35 -18.82 -16.34
CA LEU B 613 0.94 -17.81 -15.37
C LEU B 613 1.08 -16.40 -15.90
N HIS B 614 1.91 -16.20 -16.93
CA HIS B 614 2.19 -14.88 -17.47
C HIS B 614 1.23 -14.50 -18.59
N ILE B 615 0.16 -15.28 -18.80
CA ILE B 615 -0.76 -15.12 -19.91
C ILE B 615 -2.14 -14.88 -19.34
N PRO B 616 -2.86 -13.85 -19.79
CA PRO B 616 -4.22 -13.61 -19.28
C PRO B 616 -5.20 -14.68 -19.72
N GLU B 617 -6.31 -14.76 -19.00
CA GLU B 617 -7.24 -15.87 -19.16
C GLU B 617 -8.06 -15.77 -20.44
N VAL B 618 -8.39 -14.56 -20.88
CA VAL B 618 -9.13 -14.39 -22.13
C VAL B 618 -8.24 -14.74 -23.31
N CYS B 619 -6.96 -14.40 -23.24
CA CYS B 619 -6.01 -14.78 -24.27
C CYS B 619 -5.74 -16.29 -24.24
N LEU B 620 -5.75 -16.88 -23.05
CA LEU B 620 -5.41 -18.29 -22.89
C LEU B 620 -6.49 -19.23 -23.41
N LYS B 621 -7.75 -18.80 -23.38
CA LYS B 621 -8.88 -19.62 -23.81
C LYS B 621 -9.47 -19.17 -25.14
N TRP B 622 -8.77 -18.32 -25.90
CA TRP B 622 -9.38 -17.70 -27.07
C TRP B 622 -9.55 -18.70 -28.21
N SER B 623 -8.58 -19.59 -28.40
CA SER B 623 -8.71 -20.61 -29.43
C SER B 623 -9.73 -21.68 -29.08
N LEU B 624 -10.10 -21.80 -27.81
CA LEU B 624 -11.03 -22.81 -27.34
C LEU B 624 -12.47 -22.30 -27.27
N MET B 625 -12.70 -21.00 -27.44
CA MET B 625 -14.03 -20.45 -27.27
C MET B 625 -14.92 -20.81 -28.45
N ASP B 626 -16.23 -20.81 -28.18
CA ASP B 626 -17.19 -20.78 -29.26
C ASP B 626 -17.12 -19.41 -29.95
N PRO B 627 -17.42 -19.37 -31.25
CA PRO B 627 -17.51 -18.05 -31.91
C PRO B 627 -18.64 -17.19 -31.36
N ASP B 628 -19.79 -17.80 -31.08
CA ASP B 628 -20.91 -17.07 -30.50
C ASP B 628 -20.62 -16.64 -29.07
N TYR B 629 -19.96 -17.52 -28.30
CA TYR B 629 -19.63 -17.17 -26.92
C TYR B 629 -18.58 -16.07 -26.86
N ARG B 630 -17.56 -16.13 -27.71
CA ARG B 630 -16.57 -15.06 -27.73
C ARG B 630 -17.12 -13.78 -28.32
N GLY B 631 -18.17 -13.86 -29.15
CA GLY B 631 -18.83 -12.64 -29.60
C GLY B 631 -19.67 -12.00 -28.51
N ARG B 632 -20.34 -12.83 -27.69
CA ARG B 632 -21.16 -12.28 -26.61
C ARG B 632 -20.30 -11.78 -25.45
N LEU B 633 -19.22 -12.50 -25.13
CA LEU B 633 -18.37 -12.13 -24.02
C LEU B 633 -17.56 -10.88 -24.32
N CYS B 634 -17.01 -10.80 -25.53
CA CYS B 634 -16.22 -9.65 -25.96
C CYS B 634 -17.03 -8.73 -26.87
N ASN B 635 -18.30 -8.56 -26.55
CA ASN B 635 -19.15 -7.62 -27.28
C ASN B 635 -18.77 -6.20 -26.91
N PRO B 636 -18.43 -5.35 -27.87
CA PRO B 636 -18.01 -3.98 -27.54
C PRO B 636 -19.14 -3.06 -27.11
N ASN B 637 -20.40 -3.46 -27.29
CA ASN B 637 -21.54 -2.69 -26.84
C ASN B 637 -22.04 -3.15 -25.48
N ASN B 638 -21.14 -3.63 -24.63
CA ASN B 638 -21.56 -4.23 -23.36
C ASN B 638 -22.02 -3.16 -22.39
N PRO B 639 -23.01 -3.46 -21.56
CA PRO B 639 -23.55 -2.44 -20.62
C PRO B 639 -22.95 -2.46 -19.22
N PHE B 640 -22.00 -3.34 -18.94
CA PHE B 640 -21.41 -3.40 -17.60
C PHE B 640 -20.23 -2.47 -17.43
N VAL B 641 -19.47 -2.24 -18.49
CA VAL B 641 -18.28 -1.40 -18.46
C VAL B 641 -18.67 0.00 -18.93
N HIS B 642 -18.11 1.02 -18.27
CA HIS B 642 -18.41 2.40 -18.61
C HIS B 642 -17.79 2.78 -19.95
N HIS B 643 -18.58 3.41 -20.81
CA HIS B 643 -18.13 3.84 -22.12
C HIS B 643 -17.86 5.34 -22.13
N MET B 644 -16.78 5.73 -22.80
CA MET B 644 -16.44 7.14 -22.97
C MET B 644 -16.84 7.59 -24.37
N GLU B 645 -17.38 8.80 -24.47
CA GLU B 645 -17.91 9.29 -25.72
C GLU B 645 -16.78 9.72 -26.66
N VAL B 646 -17.15 9.95 -27.92
CA VAL B 646 -16.22 10.37 -28.95
C VAL B 646 -15.77 11.82 -28.74
N LEU B 664 -22.91 9.05 -29.20
CA LEU B 664 -22.05 7.96 -29.62
C LEU B 664 -20.83 7.80 -28.72
N GLU B 665 -20.43 6.55 -28.49
CA GLU B 665 -19.27 6.21 -27.68
C GLU B 665 -18.35 5.31 -28.48
N TYR B 666 -17.20 4.99 -27.88
CA TYR B 666 -16.26 4.10 -28.53
C TYR B 666 -16.61 2.64 -28.26
N ASP B 667 -16.06 1.76 -29.09
CA ASP B 667 -16.23 0.33 -28.90
C ASP B 667 -15.34 -0.15 -27.77
N ALA B 668 -15.92 -0.93 -26.87
CA ALA B 668 -15.17 -1.47 -25.75
C ALA B 668 -14.23 -2.59 -26.21
N VAL B 669 -13.15 -2.77 -25.46
CA VAL B 669 -12.19 -3.83 -25.77
C VAL B 669 -11.93 -4.64 -24.51
N ALA B 670 -12.87 -4.61 -23.58
CA ALA B 670 -12.79 -5.40 -22.36
C ALA B 670 -13.99 -6.35 -22.30
N THR B 671 -13.87 -7.37 -21.44
CA THR B 671 -14.91 -8.38 -21.33
C THR B 671 -16.00 -7.93 -20.37
N THR B 672 -17.07 -8.72 -20.32
CA THR B 672 -18.23 -8.40 -19.50
C THR B 672 -18.00 -8.68 -18.02
N HIS B 673 -16.92 -9.36 -17.66
CA HIS B 673 -16.59 -9.63 -16.27
C HIS B 673 -15.79 -8.50 -15.63
N SER B 674 -15.55 -7.42 -16.35
CA SER B 674 -14.94 -6.22 -15.78
C SER B 674 -16.00 -5.22 -15.34
N TRP B 675 -16.95 -5.69 -14.52
CA TRP B 675 -18.02 -4.82 -14.03
C TRP B 675 -17.54 -4.04 -12.82
N THR B 676 -18.47 -3.36 -12.14
CA THR B 676 -18.13 -2.49 -11.04
C THR B 676 -18.99 -2.86 -9.83
N PRO B 677 -18.40 -3.12 -8.68
CA PRO B 677 -19.20 -3.42 -7.49
C PRO B 677 -19.90 -2.20 -6.96
N LYS B 678 -21.00 -2.44 -6.25
CA LYS B 678 -21.74 -1.37 -5.59
C LYS B 678 -20.90 -0.79 -4.46
N ARG B 679 -20.63 0.51 -4.53
CA ARG B 679 -19.73 1.16 -3.59
C ARG B 679 -20.52 1.75 -2.43
N ASN B 680 -19.88 1.73 -1.26
CA ASN B 680 -20.51 2.22 -0.04
C ASN B 680 -19.46 2.81 0.87
N ARG B 681 -19.55 4.13 1.09
CA ARG B 681 -18.65 4.83 2.00
C ARG B 681 -19.41 5.55 3.10
N SER B 682 -20.60 5.06 3.45
CA SER B 682 -21.44 5.74 4.43
C SER B 682 -20.93 5.51 5.85
N ILE B 683 -21.17 6.50 6.69
CA ILE B 683 -20.79 6.48 8.09
C ILE B 683 -22.06 6.48 8.93
N LEU B 684 -22.04 5.75 10.05
CA LEU B 684 -23.23 5.59 10.88
C LEU B 684 -23.68 6.92 11.49
N ASN B 685 -24.96 7.25 11.25
CA ASN B 685 -25.64 8.45 11.75
C ASN B 685 -24.97 9.75 11.31
N THR B 686 -24.24 9.73 10.18
CA THR B 686 -23.45 10.86 9.74
C THR B 686 -23.95 11.32 8.37
N ASN B 687 -24.37 12.57 8.29
CA ASN B 687 -24.69 13.21 7.01
C ASN B 687 -23.47 14.05 6.63
N GLN B 688 -22.81 13.66 5.54
CA GLN B 688 -21.60 14.34 5.11
C GLN B 688 -21.69 14.76 3.65
N ARG B 689 -22.89 15.14 3.19
CA ARG B 689 -23.04 15.64 1.84
C ARG B 689 -22.53 17.07 1.67
N GLY B 690 -22.36 17.80 2.77
CA GLY B 690 -21.80 19.13 2.70
C GLY B 690 -20.30 19.15 2.47
N ILE B 691 -19.62 18.04 2.71
CA ILE B 691 -18.17 17.96 2.51
C ILE B 691 -17.80 17.01 1.37
N LEU B 692 -18.74 16.24 0.84
CA LEU B 692 -18.47 15.32 -0.25
C LEU B 692 -18.78 15.92 -1.61
N GLU B 693 -19.26 17.17 -1.67
CA GLU B 693 -19.61 17.79 -2.94
C GLU B 693 -18.38 18.13 -3.76
N ASP B 694 -17.28 18.52 -3.09
CA ASP B 694 -16.09 19.01 -3.79
C ASP B 694 -15.40 17.90 -4.58
N GLU B 695 -15.48 16.66 -4.12
CA GLU B 695 -14.92 15.55 -4.87
C GLU B 695 -15.69 15.33 -6.18
N ARG B 696 -17.01 15.47 -6.13
CA ARG B 696 -17.83 15.34 -7.33
C ARG B 696 -17.59 16.50 -8.29
N ILE B 697 -17.38 17.70 -7.75
CA ILE B 697 -17.09 18.86 -8.60
C ILE B 697 -15.73 18.72 -9.28
N TYR B 698 -14.72 18.24 -8.53
CA TYR B 698 -13.41 17.96 -9.12
C TYR B 698 -13.49 16.89 -10.19
N GLN B 699 -14.33 15.87 -9.98
CA GLN B 699 -14.51 14.83 -10.97
C GLN B 699 -15.18 15.36 -12.24
N LYS B 700 -16.20 16.23 -12.08
CA LYS B 700 -16.88 16.79 -13.24
C LYS B 700 -15.95 17.72 -14.02
N CYS B 701 -15.11 18.48 -13.31
CA CYS B 701 -14.14 19.34 -13.97
C CYS B 701 -13.11 18.52 -14.74
N CYS B 702 -12.64 17.41 -14.16
CA CYS B 702 -11.70 16.55 -14.88
C CYS B 702 -12.35 15.86 -16.07
N GLN B 703 -13.64 15.53 -15.97
CA GLN B 703 -14.33 14.90 -17.10
C GLN B 703 -14.52 15.88 -18.25
N VAL B 704 -14.87 17.13 -17.95
CA VAL B 704 -15.06 18.08 -19.05
C VAL B 704 -13.71 18.54 -19.62
N PHE B 705 -12.65 18.52 -18.81
CA PHE B 705 -11.32 18.79 -19.35
C PHE B 705 -10.85 17.65 -20.25
N GLU B 706 -11.19 16.41 -19.89
CA GLU B 706 -10.88 15.28 -20.78
C GLU B 706 -11.78 15.27 -22.01
N LYS B 707 -12.96 15.90 -21.94
CA LYS B 707 -13.72 16.15 -23.15
C LYS B 707 -12.97 17.07 -24.09
N PHE B 708 -12.44 18.17 -23.55
CA PHE B 708 -11.71 19.11 -24.40
C PHE B 708 -10.32 18.64 -24.80
N PHE B 709 -9.73 17.71 -24.06
CA PHE B 709 -8.37 17.22 -24.35
C PHE B 709 -8.36 15.70 -24.35
N PRO B 710 -8.17 15.06 -25.50
CA PRO B 710 -8.23 13.58 -25.56
C PRO B 710 -7.10 12.88 -24.84
N SER B 711 -5.99 13.56 -24.56
CA SER B 711 -4.85 12.89 -23.96
C SER B 711 -4.52 13.49 -22.61
N SER B 712 -5.55 13.70 -21.78
CA SER B 712 -5.36 14.09 -20.40
C SER B 712 -5.32 12.90 -19.46
N THR B 713 -5.76 11.74 -19.92
CA THR B 713 -5.75 10.53 -19.11
C THR B 713 -4.77 9.48 -19.62
N TYR B 714 -4.19 9.68 -20.80
CA TYR B 714 -3.07 8.87 -21.26
C TYR B 714 -1.73 9.43 -20.80
N ARG B 715 -1.57 10.75 -20.89
CA ARG B 715 -0.40 11.46 -20.44
C ARG B 715 -0.87 12.65 -19.63
N ARG B 716 -0.16 12.98 -18.56
CA ARG B 716 -0.61 14.07 -17.70
C ARG B 716 -0.37 15.42 -18.38
N PRO B 717 -1.35 16.32 -18.36
CA PRO B 717 -1.17 17.62 -19.02
C PRO B 717 -0.36 18.58 -18.18
N ILE B 718 0.33 19.48 -18.87
CA ILE B 718 1.17 20.49 -18.24
C ILE B 718 0.56 21.86 -18.51
N GLY B 719 0.92 22.82 -17.66
CA GLY B 719 0.54 24.19 -17.92
C GLY B 719 0.32 25.03 -16.67
N MET B 720 0.84 26.26 -16.69
CA MET B 720 0.57 27.21 -15.63
C MET B 720 -0.71 28.01 -15.88
N ALA B 721 -1.32 27.86 -17.06
CA ALA B 721 -2.58 28.51 -17.32
C ALA B 721 -3.71 27.79 -16.61
N SER B 722 -4.84 28.49 -16.47
CA SER B 722 -6.00 27.92 -15.82
C SER B 722 -6.64 26.84 -16.69
N MET B 723 -7.54 26.07 -16.09
CA MET B 723 -8.26 25.05 -16.86
C MET B 723 -9.25 25.70 -17.80
N LEU B 724 -9.91 26.78 -17.36
CA LEU B 724 -10.91 27.43 -18.19
C LEU B 724 -10.26 28.17 -19.36
N ASP B 725 -9.11 28.80 -19.11
CA ASP B 725 -8.37 29.47 -20.18
C ASP B 725 -7.89 28.47 -21.23
N ALA B 726 -7.39 27.31 -20.78
CA ALA B 726 -6.92 26.28 -21.71
C ALA B 726 -8.08 25.68 -22.50
N MET B 727 -9.23 25.48 -21.86
CA MET B 727 -10.37 24.90 -22.56
C MET B 727 -10.98 25.86 -23.56
N LEU B 728 -11.06 27.15 -23.22
CA LEU B 728 -11.56 28.14 -24.17
C LEU B 728 -10.59 28.34 -25.33
N SER B 729 -9.29 28.31 -25.05
CA SER B 729 -8.29 28.43 -26.10
C SER B 729 -8.30 27.22 -27.03
N ARG B 730 -8.61 26.04 -26.51
CA ARG B 730 -8.77 24.87 -27.38
C ARG B 730 -10.05 24.98 -28.19
N ALA B 731 -11.14 25.47 -27.58
CA ALA B 731 -12.44 25.50 -28.25
C ALA B 731 -12.46 26.49 -29.40
N ARG B 732 -11.89 27.68 -29.20
CA ARG B 732 -11.85 28.69 -30.26
C ARG B 732 -11.01 28.22 -31.44
N ILE B 733 -9.85 27.61 -31.17
CA ILE B 733 -8.98 27.20 -32.25
C ILE B 733 -9.53 25.95 -32.95
N ASP B 734 -10.27 25.09 -32.23
CA ASP B 734 -10.87 23.95 -32.90
C ASP B 734 -12.06 24.37 -33.76
N ALA B 735 -12.82 25.38 -33.31
CA ALA B 735 -13.87 25.94 -34.14
C ALA B 735 -13.29 26.58 -35.40
N ARG B 736 -12.18 27.31 -35.27
CA ARG B 736 -11.57 27.95 -36.43
C ARG B 736 -10.97 26.93 -37.39
N ILE B 737 -10.39 25.83 -36.88
CA ILE B 737 -9.83 24.82 -37.77
C ILE B 737 -10.94 24.04 -38.47
N ASP B 738 -12.02 23.70 -37.75
CA ASP B 738 -13.14 23.03 -38.39
C ASP B 738 -13.88 23.93 -39.37
N LEU B 739 -13.84 25.25 -39.15
CA LEU B 739 -14.42 26.17 -40.13
C LEU B 739 -13.55 26.28 -41.37
N GLU B 740 -12.24 26.39 -41.19
CA GLU B 740 -11.33 26.51 -42.32
C GLU B 740 -11.10 25.20 -43.07
N SER B 741 -11.58 24.08 -42.54
CA SER B 741 -11.50 22.80 -43.23
C SER B 741 -12.83 22.34 -43.78
N GLY B 742 -13.91 23.07 -43.53
CA GLY B 742 -15.21 22.77 -44.08
C GLY B 742 -16.04 21.77 -43.29
N ARG B 743 -15.57 21.31 -42.13
CA ARG B 743 -16.29 20.35 -41.32
C ARG B 743 -17.29 21.02 -40.37
N ILE B 744 -17.48 22.33 -40.47
CA ILE B 744 -18.47 23.04 -39.66
C ILE B 744 -18.90 24.27 -40.43
N SER B 745 -20.10 24.76 -40.11
CA SER B 745 -20.64 25.94 -40.75
C SER B 745 -20.26 27.20 -39.96
N SER B 746 -20.59 28.35 -40.54
CA SER B 746 -20.30 29.62 -39.88
C SER B 746 -21.27 29.94 -38.76
N GLN B 747 -22.47 29.37 -38.78
CA GLN B 747 -23.42 29.58 -37.69
C GLN B 747 -22.95 28.87 -36.42
N ASP B 748 -22.46 27.64 -36.56
CA ASP B 748 -21.90 26.92 -35.42
C ASP B 748 -20.63 27.59 -34.91
N PHE B 749 -19.83 28.14 -35.83
CA PHE B 749 -18.64 28.89 -35.47
C PHE B 749 -18.99 30.13 -34.66
N SER B 750 -20.01 30.87 -35.09
CA SER B 750 -20.45 32.06 -34.35
C SER B 750 -21.06 31.68 -33.01
N GLU B 751 -21.77 30.54 -32.96
CA GLU B 751 -22.34 30.07 -31.70
C GLU B 751 -21.25 29.70 -30.70
N ILE B 752 -20.19 29.03 -31.17
CA ILE B 752 -19.07 28.67 -30.31
C ILE B 752 -18.34 29.92 -29.81
N THR B 753 -18.13 30.89 -30.70
CA THR B 753 -17.40 32.10 -30.30
C THR B 753 -18.23 32.96 -29.35
N ASN B 754 -19.55 33.03 -29.54
CA ASN B 754 -20.39 33.77 -28.61
C ASN B 754 -20.51 33.05 -27.27
N THR B 755 -20.49 31.71 -27.27
CA THR B 755 -20.45 30.97 -26.03
C THR B 755 -19.15 31.21 -25.28
N CYS B 756 -18.03 31.26 -26.00
CA CYS B 756 -16.74 31.54 -25.37
C CYS B 756 -16.68 32.96 -24.82
N LYS B 757 -17.31 33.92 -25.52
CA LYS B 757 -17.40 35.28 -25.00
C LYS B 757 -18.26 35.35 -23.75
N ALA B 758 -19.35 34.58 -23.71
CA ALA B 758 -20.21 34.56 -22.52
C ALA B 758 -19.50 33.90 -21.34
N ILE B 759 -18.74 32.84 -21.61
CA ILE B 759 -17.97 32.17 -20.55
C ILE B 759 -16.87 33.09 -20.03
N GLU B 760 -16.21 33.84 -20.91
CA GLU B 760 -15.22 34.82 -20.48
C GLU B 760 -15.85 35.97 -19.67
N ALA B 761 -17.06 36.38 -20.05
CA ALA B 761 -17.73 37.45 -19.32
C ALA B 761 -18.17 37.01 -17.93
N LEU B 762 -18.62 35.76 -17.80
CA LEU B 762 -18.90 35.23 -16.47
C LEU B 762 -17.64 34.88 -15.69
N LYS B 763 -16.51 34.66 -16.39
CA LYS B 763 -15.24 34.47 -15.72
C LYS B 763 -14.77 35.77 -15.08
N ARG B 764 -14.83 36.88 -15.82
CA ARG B 764 -14.43 38.17 -15.28
C ARG B 764 -15.45 38.77 -14.33
N GLN B 765 -16.65 38.19 -14.23
CA GLN B 765 -17.68 38.61 -13.28
C GLN B 765 -18.10 37.36 -12.50
N SER C 8 -21.00 18.79 -32.34
CA SER C 8 -19.61 18.87 -32.75
C SER C 8 -18.96 20.18 -32.28
N GLY C 9 -18.72 20.27 -30.97
CA GLY C 9 -18.09 21.44 -30.39
C GLY C 9 -19.04 22.39 -29.70
N MET C 10 -20.36 22.21 -29.87
CA MET C 10 -21.34 23.11 -29.28
C MET C 10 -21.90 22.58 -27.97
N GLU C 11 -22.12 21.26 -27.89
CA GLU C 11 -22.63 20.68 -26.65
C GLU C 11 -21.62 20.71 -25.53
N ARG C 12 -20.32 20.56 -25.85
CA ARG C 12 -19.31 20.63 -24.80
C ARG C 12 -19.12 22.06 -24.29
N ILE C 13 -19.26 23.05 -25.17
CA ILE C 13 -19.12 24.42 -24.70
C ILE C 13 -20.38 24.88 -23.99
N LYS C 14 -21.54 24.30 -24.32
CA LYS C 14 -22.74 24.59 -23.53
C LYS C 14 -22.70 23.90 -22.18
N GLU C 15 -22.10 22.71 -22.11
CA GLU C 15 -21.88 22.06 -20.82
C GLU C 15 -20.90 22.87 -19.97
N LEU C 16 -19.86 23.42 -20.59
CA LEU C 16 -18.94 24.29 -19.87
C LEU C 16 -19.62 25.58 -19.42
N MET C 17 -20.57 26.09 -20.20
CA MET C 17 -21.32 27.28 -19.78
C MET C 17 -22.24 26.96 -18.60
N GLU C 18 -22.86 25.79 -18.61
CA GLU C 18 -23.73 25.42 -17.49
C GLU C 18 -22.91 25.11 -16.24
N MET C 19 -21.65 24.65 -16.41
CA MET C 19 -20.77 24.51 -15.27
C MET C 19 -20.27 25.85 -14.76
N VAL C 20 -20.06 26.82 -15.66
CA VAL C 20 -19.60 28.14 -15.23
C VAL C 20 -20.73 28.94 -14.60
N LYS C 21 -21.99 28.58 -14.85
CA LYS C 21 -23.08 29.22 -14.14
C LYS C 21 -23.14 28.82 -12.67
N ASN C 22 -22.57 27.68 -12.30
CA ASN C 22 -22.40 27.33 -10.90
C ASN C 22 -21.16 28.04 -10.37
N SER C 23 -21.27 28.57 -9.14
CA SER C 23 -20.21 29.42 -8.61
C SER C 23 -18.99 28.61 -8.17
N ARG C 24 -19.21 27.47 -7.52
CA ARG C 24 -18.10 26.67 -7.01
C ARG C 24 -17.31 26.02 -8.15
N MET C 25 -18.02 25.52 -9.17
CA MET C 25 -17.34 24.98 -10.35
C MET C 25 -16.60 26.05 -11.11
N ARG C 26 -17.12 27.28 -11.12
CA ARG C 26 -16.42 28.38 -11.79
C ARG C 26 -15.16 28.77 -11.03
N GLU C 27 -15.23 28.82 -9.70
CA GLU C 27 -14.04 29.12 -8.90
C GLU C 27 -12.99 28.03 -9.04
N ILE C 28 -13.41 26.77 -9.10
CA ILE C 28 -12.46 25.67 -9.22
C ILE C 28 -11.85 25.63 -10.63
N LEU C 29 -12.66 25.95 -11.65
CA LEU C 29 -12.13 25.98 -13.01
C LEU C 29 -11.21 27.17 -13.25
N THR C 30 -11.47 28.31 -12.61
CA THR C 30 -10.62 29.48 -12.84
C THR C 30 -9.37 29.47 -11.98
N THR C 31 -9.43 28.88 -10.78
CA THR C 31 -8.28 28.93 -9.88
C THR C 31 -7.30 27.78 -10.10
N THR C 32 -7.79 26.56 -10.31
CA THR C 32 -6.90 25.43 -10.49
C THR C 32 -6.34 25.41 -11.90
N SER C 33 -5.04 25.15 -12.01
CA SER C 33 -4.34 25.22 -13.28
C SER C 33 -4.33 23.86 -13.96
N VAL C 34 -3.73 23.80 -15.15
CA VAL C 34 -3.63 22.55 -15.88
C VAL C 34 -2.60 21.63 -15.22
N ASP C 35 -1.62 22.19 -14.53
CA ASP C 35 -0.68 21.38 -13.77
C ASP C 35 -1.20 21.04 -12.37
N HIS C 36 -2.19 21.76 -11.88
CA HIS C 36 -2.77 21.43 -10.58
C HIS C 36 -3.90 20.41 -10.68
N MET C 37 -4.44 20.19 -11.87
CA MET C 37 -5.52 19.20 -12.01
C MET C 37 -5.01 17.77 -12.09
N ALA C 38 -3.71 17.54 -11.90
CA ALA C 38 -3.21 16.20 -11.62
C ALA C 38 -3.23 15.89 -10.12
N VAL C 39 -3.46 16.90 -9.28
CA VAL C 39 -3.54 16.71 -7.84
C VAL C 39 -5.00 16.56 -7.41
N ILE C 40 -5.90 17.33 -7.99
CA ILE C 40 -7.32 17.27 -7.64
C ILE C 40 -8.01 16.18 -8.45
N LYS C 41 -7.26 15.49 -9.31
CA LYS C 41 -7.80 14.33 -10.00
C LYS C 41 -7.94 13.15 -9.06
N LYS C 42 -7.14 13.11 -7.99
CA LYS C 42 -7.18 12.04 -7.01
C LYS C 42 -7.71 12.50 -5.65
N TYR C 43 -8.44 13.61 -5.62
CA TYR C 43 -9.03 14.11 -4.38
C TYR C 43 -10.17 13.20 -3.97
N THR C 44 -9.91 12.28 -3.06
CA THR C 44 -10.90 11.35 -2.55
C THR C 44 -11.24 11.72 -1.11
N SER C 45 -12.53 11.91 -0.84
CA SER C 45 -12.99 12.36 0.47
C SER C 45 -14.12 11.43 0.91
N GLY C 46 -13.85 10.61 1.92
CA GLY C 46 -14.86 9.69 2.41
C GLY C 46 -14.20 8.57 3.20
N ARG C 47 -15.06 7.72 3.75
CA ARG C 47 -14.62 6.59 4.56
C ARG C 47 -14.15 5.47 3.65
N GLN C 48 -12.86 5.14 3.71
CA GLN C 48 -12.29 4.09 2.88
C GLN C 48 -12.68 2.70 3.40
N GLU C 49 -12.30 1.69 2.63
CA GLU C 49 -12.42 0.30 3.06
C GLU C 49 -11.04 -0.30 3.27
N LYS C 50 -10.92 -1.10 4.33
CA LYS C 50 -9.64 -1.71 4.68
C LYS C 50 -9.52 -3.13 4.18
N ASN C 51 -10.62 -3.86 4.06
CA ASN C 51 -10.64 -5.23 3.56
C ASN C 51 -11.54 -5.28 2.33
N PRO C 52 -10.98 -5.04 1.14
CA PRO C 52 -11.81 -5.13 -0.07
C PRO C 52 -12.11 -6.56 -0.46
N ALA C 53 -11.25 -7.49 -0.07
CA ALA C 53 -11.49 -8.91 -0.32
C ALA C 53 -12.67 -9.41 0.50
N LEU C 54 -12.69 -9.08 1.79
CA LEU C 54 -13.82 -9.43 2.65
C LEU C 54 -15.08 -8.68 2.24
N ARG C 55 -14.93 -7.45 1.73
CA ARG C 55 -16.08 -6.70 1.24
C ARG C 55 -16.69 -7.37 0.01
N MET C 56 -15.86 -7.91 -0.87
CA MET C 56 -16.37 -8.66 -2.02
C MET C 56 -17.00 -9.97 -1.58
N LYS C 57 -16.44 -10.59 -0.53
CA LYS C 57 -17.01 -11.81 0.04
C LYS C 57 -18.43 -11.60 0.53
N TRP C 58 -18.64 -10.57 1.36
CA TRP C 58 -20.00 -10.38 1.88
C TRP C 58 -20.90 -9.61 0.93
N MET C 59 -20.35 -8.95 -0.09
CA MET C 59 -21.18 -8.23 -1.04
C MET C 59 -21.67 -9.12 -2.17
N MET C 60 -20.90 -10.15 -2.53
CA MET C 60 -21.35 -11.08 -3.57
C MET C 60 -22.46 -11.98 -3.05
N ALA C 61 -22.56 -12.17 -1.74
CA ALA C 61 -23.68 -12.90 -1.15
C ALA C 61 -24.97 -12.11 -1.18
N MET C 62 -24.92 -10.80 -1.41
CA MET C 62 -26.13 -10.03 -1.58
C MET C 62 -26.65 -10.20 -3.01
N LYS C 63 -27.89 -9.74 -3.22
CA LYS C 63 -28.58 -10.04 -4.47
C LYS C 63 -28.09 -9.21 -5.64
N TYR C 64 -27.71 -7.96 -5.42
CA TYR C 64 -27.34 -7.03 -6.50
C TYR C 64 -26.05 -6.32 -6.15
N PRO C 65 -24.90 -6.96 -6.37
CA PRO C 65 -23.62 -6.32 -6.01
C PRO C 65 -23.07 -5.43 -7.11
N ILE C 66 -23.53 -5.59 -8.34
CA ILE C 66 -22.96 -4.92 -9.50
C ILE C 66 -23.65 -3.58 -9.68
N SER C 67 -22.89 -2.54 -10.03
CA SER C 67 -23.42 -1.22 -10.32
C SER C 67 -23.22 -0.92 -11.81
N ALA C 68 -24.31 -0.81 -12.56
CA ALA C 68 -24.25 -0.61 -14.00
C ALA C 68 -25.02 0.65 -14.39
N SER C 69 -25.11 0.88 -15.70
CA SER C 69 -25.67 2.10 -16.24
C SER C 69 -27.19 2.00 -16.33
N SER C 70 -27.81 2.99 -16.98
CA SER C 70 -29.24 2.95 -17.20
C SER C 70 -29.61 2.27 -18.51
N ARG C 71 -28.67 2.20 -19.46
CA ARG C 71 -28.91 1.52 -20.74
C ARG C 71 -29.15 0.03 -20.56
N ILE C 72 -28.67 -0.55 -19.45
CA ILE C 72 -28.91 -1.96 -19.14
C ILE C 72 -30.37 -2.19 -18.76
N ARG C 73 -31.14 -1.13 -18.52
CA ARG C 73 -32.59 -1.29 -18.39
C ARG C 73 -33.24 -1.69 -19.71
N GLU C 74 -32.61 -1.35 -20.85
CA GLU C 74 -33.19 -1.63 -22.15
C GLU C 74 -32.40 -2.64 -22.97
N MET C 75 -31.28 -3.15 -22.47
CA MET C 75 -30.50 -4.14 -23.18
C MET C 75 -30.77 -5.57 -22.72
N ILE C 76 -31.03 -5.77 -21.43
CA ILE C 76 -31.35 -7.09 -20.90
C ILE C 76 -32.75 -7.01 -20.28
N PRO C 77 -33.47 -8.12 -20.17
CA PRO C 77 -34.77 -8.08 -19.48
C PRO C 77 -34.61 -7.92 -17.98
N GLU C 78 -35.75 -7.69 -17.32
CA GLU C 78 -35.74 -7.59 -15.88
C GLU C 78 -35.66 -8.96 -15.23
N LYS C 79 -36.33 -9.95 -15.82
CA LYS C 79 -36.38 -11.30 -15.28
C LYS C 79 -35.66 -12.27 -16.20
N ASP C 80 -35.08 -13.30 -15.61
CA ASP C 80 -34.36 -14.32 -16.36
C ASP C 80 -35.35 -15.35 -16.91
N GLU C 81 -34.83 -16.44 -17.47
CA GLU C 81 -35.68 -17.56 -17.83
C GLU C 81 -36.05 -18.41 -16.63
N ASP C 82 -35.17 -18.46 -15.63
CA ASP C 82 -35.36 -19.28 -14.45
C ASP C 82 -36.10 -18.55 -13.34
N GLY C 83 -36.44 -17.28 -13.55
CA GLY C 83 -37.10 -16.49 -12.54
C GLY C 83 -36.20 -15.57 -11.75
N ASN C 84 -34.95 -15.42 -12.16
CA ASN C 84 -34.03 -14.54 -11.44
C ASN C 84 -34.21 -13.11 -11.92
N THR C 85 -34.37 -12.18 -10.97
CA THR C 85 -34.42 -10.77 -11.30
C THR C 85 -33.01 -10.29 -11.67
N LEU C 86 -32.81 -9.93 -12.94
CA LEU C 86 -31.48 -9.56 -13.40
C LEU C 86 -31.06 -8.20 -12.89
N TRP C 87 -31.99 -7.26 -12.77
CA TRP C 87 -31.66 -5.92 -12.30
C TRP C 87 -32.86 -5.30 -11.62
N THR C 88 -32.58 -4.45 -10.63
CA THR C 88 -33.57 -3.60 -9.98
C THR C 88 -33.11 -2.15 -10.05
N ASN C 89 -33.90 -1.27 -9.47
CA ASN C 89 -33.56 0.15 -9.40
C ASN C 89 -32.94 0.47 -8.05
N THR C 90 -32.57 1.75 -7.90
CA THR C 90 -32.14 2.27 -6.61
C THR C 90 -33.29 3.00 -5.94
N LYS C 91 -33.09 3.39 -4.69
CA LYS C 91 -34.15 4.04 -3.91
C LYS C 91 -34.33 5.47 -4.39
N ASP C 92 -35.27 5.64 -5.33
CA ASP C 92 -35.63 6.93 -5.95
C ASP C 92 -34.42 7.61 -6.58
N ALA C 93 -33.66 6.84 -7.36
CA ALA C 93 -32.54 7.36 -8.13
C ALA C 93 -32.77 6.98 -9.58
N GLY C 94 -33.32 7.90 -10.35
CA GLY C 94 -33.51 7.70 -11.78
C GLY C 94 -32.32 8.18 -12.58
N SER C 95 -31.13 7.96 -12.04
CA SER C 95 -29.90 8.41 -12.67
C SER C 95 -29.45 7.40 -13.72
N ASN C 96 -28.22 7.55 -14.21
CA ASN C 96 -27.66 6.63 -15.19
C ASN C 96 -26.93 5.47 -14.49
N ARG C 97 -27.59 4.84 -13.52
CA ARG C 97 -26.95 3.83 -12.67
C ARG C 97 -28.03 3.02 -11.96
N VAL C 98 -28.02 1.71 -12.16
CA VAL C 98 -28.87 0.78 -11.42
C VAL C 98 -28.00 -0.33 -10.84
N LEU C 99 -28.65 -1.25 -10.13
CA LEU C 99 -28.01 -2.39 -9.51
C LEU C 99 -28.31 -3.65 -10.30
N VAL C 100 -27.32 -4.54 -10.38
CA VAL C 100 -27.33 -5.66 -11.32
C VAL C 100 -26.72 -6.88 -10.63
N SER C 101 -27.41 -8.02 -10.74
CA SER C 101 -26.96 -9.32 -10.28
C SER C 101 -25.99 -9.93 -11.30
N PRO C 102 -25.05 -10.76 -10.88
CA PRO C 102 -24.17 -11.43 -11.85
C PRO C 102 -24.88 -12.49 -12.70
N ASN C 103 -26.12 -12.84 -12.34
CA ASN C 103 -26.98 -13.60 -13.24
C ASN C 103 -27.24 -12.84 -14.54
N ALA C 104 -27.25 -11.50 -14.49
CA ALA C 104 -27.36 -10.70 -15.71
C ALA C 104 -26.11 -10.85 -16.59
N VAL C 105 -24.94 -10.96 -15.97
CA VAL C 105 -23.70 -11.15 -16.73
C VAL C 105 -23.67 -12.53 -17.36
N THR C 106 -24.12 -13.55 -16.63
CA THR C 106 -24.22 -14.88 -17.21
C THR C 106 -25.28 -14.95 -18.31
N TRP C 107 -26.37 -14.19 -18.14
CA TRP C 107 -27.38 -14.04 -19.20
C TRP C 107 -26.78 -13.43 -20.45
N TRP C 108 -25.99 -12.36 -20.29
CA TRP C 108 -25.37 -11.72 -21.45
C TRP C 108 -24.37 -12.64 -22.12
N ASN C 109 -23.68 -13.46 -21.35
CA ASN C 109 -22.72 -14.38 -21.95
C ASN C 109 -23.36 -15.58 -22.62
N ARG C 110 -24.56 -15.99 -22.21
CA ARG C 110 -25.19 -17.13 -22.85
C ARG C 110 -26.22 -16.76 -23.91
N ALA C 111 -26.88 -15.62 -23.79
CA ALA C 111 -27.95 -15.21 -24.71
C ALA C 111 -27.86 -13.73 -25.02
N GLY C 112 -26.66 -13.23 -25.28
CA GLY C 112 -26.48 -11.86 -25.69
C GLY C 112 -26.31 -11.76 -27.19
N PRO C 113 -26.08 -10.54 -27.70
CA PRO C 113 -25.88 -10.37 -29.14
C PRO C 113 -24.45 -10.63 -29.59
N VAL C 114 -24.27 -11.53 -30.55
CA VAL C 114 -22.95 -11.85 -31.06
C VAL C 114 -22.47 -10.75 -31.99
N SER C 115 -21.19 -10.37 -31.85
CA SER C 115 -20.61 -9.34 -32.69
C SER C 115 -19.33 -9.84 -33.36
N ASP C 116 -18.57 -8.94 -33.99
CA ASP C 116 -17.25 -9.25 -34.49
C ASP C 116 -16.20 -8.79 -33.50
N VAL C 117 -15.16 -9.61 -33.33
CA VAL C 117 -14.14 -9.37 -32.33
C VAL C 117 -12.78 -9.32 -33.01
N VAL C 118 -12.74 -8.83 -34.25
CA VAL C 118 -11.53 -8.85 -35.06
C VAL C 118 -10.44 -7.93 -34.52
N HIS C 119 -10.80 -6.87 -33.78
CA HIS C 119 -9.80 -5.99 -33.21
C HIS C 119 -9.33 -6.42 -31.83
N TYR C 120 -10.00 -7.40 -31.21
CA TYR C 120 -9.55 -7.92 -29.93
C TYR C 120 -8.21 -8.67 -29.95
N PRO C 121 -7.80 -9.41 -30.99
CA PRO C 121 -6.41 -9.91 -30.96
C PRO C 121 -5.37 -8.84 -31.18
N ARG C 122 -5.64 -7.84 -32.03
CA ARG C 122 -4.58 -6.90 -32.37
C ARG C 122 -4.31 -5.86 -31.29
N VAL C 123 -5.24 -5.64 -30.36
CA VAL C 123 -4.94 -4.80 -29.21
C VAL C 123 -4.05 -5.54 -28.23
N TYR C 124 -4.29 -6.83 -28.05
CA TYR C 124 -3.55 -7.65 -27.11
C TYR C 124 -2.62 -8.61 -27.83
N LYS C 125 -1.97 -8.11 -28.89
CA LYS C 125 -1.07 -8.94 -29.70
C LYS C 125 0.18 -9.37 -28.93
N MET C 126 0.58 -8.61 -27.91
CA MET C 126 1.73 -9.01 -27.08
C MET C 126 1.43 -10.28 -26.30
N TYR C 127 0.22 -10.39 -25.76
CA TYR C 127 -0.14 -11.58 -24.99
C TYR C 127 -0.35 -12.79 -25.89
N PHE C 128 -0.91 -12.59 -27.08
CA PHE C 128 -1.03 -13.68 -28.03
C PHE C 128 0.33 -14.10 -28.58
N ASP C 129 1.28 -13.18 -28.66
CA ASP C 129 2.65 -13.53 -29.02
C ASP C 129 3.31 -14.36 -27.92
N ARG C 130 3.06 -14.00 -26.65
CA ARG C 130 3.58 -14.80 -25.55
C ARG C 130 2.99 -16.20 -25.54
N LEU C 131 1.68 -16.30 -25.81
CA LEU C 131 1.05 -17.62 -25.91
C LEU C 131 1.57 -18.41 -27.09
N GLU C 132 1.91 -17.75 -28.20
CA GLU C 132 2.48 -18.46 -29.34
C GLU C 132 3.89 -18.95 -29.05
N ARG C 133 4.67 -18.17 -28.29
CA ARG C 133 6.00 -18.64 -27.90
C ARG C 133 5.94 -19.76 -26.88
N LEU C 134 4.93 -19.75 -26.01
CA LEU C 134 4.82 -20.79 -25.00
C LEU C 134 4.24 -22.08 -25.57
N THR C 135 3.28 -21.96 -26.48
CA THR C 135 2.64 -23.14 -27.07
C THR C 135 3.58 -23.91 -27.98
N HIS C 136 4.49 -23.20 -28.66
CA HIS C 136 5.45 -23.82 -29.56
C HIS C 136 6.85 -23.87 -28.98
N GLY C 137 6.97 -23.82 -27.65
CA GLY C 137 8.25 -23.96 -27.00
C GLY C 137 8.60 -25.42 -26.72
N THR C 138 9.88 -25.66 -26.50
CA THR C 138 10.41 -27.00 -26.27
C THR C 138 11.23 -26.98 -24.99
N PHE C 139 10.87 -27.83 -24.03
CA PHE C 139 11.52 -27.88 -22.74
C PHE C 139 12.65 -28.89 -22.71
N GLY C 140 13.60 -28.66 -21.82
CA GLY C 140 14.71 -29.56 -21.63
C GLY C 140 14.67 -30.23 -20.28
N PRO C 141 15.69 -31.04 -19.99
CA PRO C 141 15.73 -31.71 -18.68
C PRO C 141 16.09 -30.73 -17.57
N VAL C 142 15.43 -30.90 -16.42
CA VAL C 142 15.69 -30.05 -15.26
C VAL C 142 17.03 -30.43 -14.65
N LYS C 143 17.79 -29.42 -14.22
CA LYS C 143 19.10 -29.61 -13.62
C LYS C 143 19.11 -28.97 -12.25
N PHE C 144 19.27 -29.79 -11.21
CA PHE C 144 19.29 -29.32 -9.84
C PHE C 144 20.72 -29.00 -9.43
N TYR C 145 20.97 -27.74 -9.09
CA TYR C 145 22.25 -27.32 -8.51
C TYR C 145 22.00 -26.05 -7.72
N ASN C 146 23.06 -25.42 -7.25
CA ASN C 146 22.96 -24.19 -6.48
C ASN C 146 22.77 -23.02 -7.44
N GLN C 147 21.56 -22.47 -7.48
CA GLN C 147 21.23 -21.41 -8.43
C GLN C 147 21.67 -20.07 -7.87
N VAL C 148 22.55 -19.38 -8.59
CA VAL C 148 23.08 -18.09 -8.15
C VAL C 148 22.59 -17.01 -9.09
N LYS C 149 21.45 -16.40 -8.77
CA LYS C 149 20.81 -15.43 -9.64
C LYS C 149 21.35 -14.03 -9.37
N VAL C 150 21.77 -13.34 -10.42
CA VAL C 150 22.35 -12.01 -10.32
C VAL C 150 21.30 -10.99 -10.75
N ARG C 151 21.22 -9.88 -10.03
CA ARG C 151 20.25 -8.83 -10.33
C ARG C 151 20.78 -7.99 -11.48
N LYS C 152 20.12 -8.08 -12.64
CA LYS C 152 20.53 -7.34 -13.82
C LYS C 152 19.37 -6.51 -14.33
N ARG C 153 19.70 -5.41 -15.01
CA ARG C 153 18.70 -4.65 -15.73
C ARG C 153 18.46 -5.33 -17.08
N VAL C 154 17.29 -5.94 -17.24
CA VAL C 154 16.98 -6.72 -18.42
C VAL C 154 15.73 -6.16 -19.07
N ASP C 155 15.36 -6.71 -20.22
CA ASP C 155 14.33 -6.15 -21.10
C ASP C 155 13.04 -6.94 -20.94
N ILE C 156 12.12 -6.43 -20.11
CA ILE C 156 10.84 -7.12 -19.93
C ILE C 156 9.90 -6.84 -21.10
N ASN C 157 10.19 -5.85 -21.91
CA ASN C 157 9.48 -5.55 -23.15
C ASN C 157 10.53 -5.10 -24.15
N PRO C 158 10.75 -5.85 -25.24
CA PRO C 158 11.84 -5.49 -26.16
C PRO C 158 11.56 -4.22 -26.95
N GLY C 159 10.30 -3.90 -27.21
CA GLY C 159 9.98 -2.69 -27.94
C GLY C 159 10.33 -2.82 -29.41
N HIS C 160 10.57 -1.67 -30.03
CA HIS C 160 10.94 -1.62 -31.44
C HIS C 160 12.42 -1.28 -31.56
N LYS C 161 13.04 -1.78 -32.63
CA LYS C 161 14.37 -1.33 -32.97
C LYS C 161 14.32 0.09 -33.52
N ASP C 162 15.45 0.79 -33.38
CA ASP C 162 15.62 2.20 -33.79
C ASP C 162 14.65 3.13 -33.07
N LEU C 163 14.24 2.77 -31.85
CA LEU C 163 13.41 3.62 -31.01
C LEU C 163 13.77 3.36 -29.56
N THR C 164 14.26 4.38 -28.86
CA THR C 164 14.48 4.23 -27.43
C THR C 164 13.18 4.46 -26.67
N SER C 165 13.27 4.49 -25.34
CA SER C 165 12.06 4.57 -24.52
C SER C 165 11.46 5.97 -24.54
N ARG C 166 12.27 7.00 -24.75
CA ARG C 166 11.80 8.38 -24.80
C ARG C 166 11.48 8.85 -26.22
N GLU C 167 11.42 7.95 -27.17
CA GLU C 167 11.22 8.30 -28.58
C GLU C 167 10.04 7.57 -29.19
N ALA C 168 9.81 6.31 -28.81
CA ALA C 168 8.59 5.61 -29.22
C ALA C 168 7.36 6.25 -28.59
N GLN C 169 7.50 6.81 -27.39
CA GLN C 169 6.42 7.57 -26.78
C GLN C 169 6.09 8.82 -27.59
N GLU C 170 7.10 9.45 -28.19
CA GLU C 170 6.85 10.59 -29.05
C GLU C 170 6.22 10.17 -30.37
N VAL C 171 6.58 8.98 -30.88
CA VAL C 171 5.89 8.41 -32.04
C VAL C 171 4.41 8.19 -31.74
N ILE C 172 4.10 7.64 -30.55
CA ILE C 172 2.73 7.38 -30.16
C ILE C 172 1.95 8.68 -29.98
N MET C 173 2.59 9.68 -29.37
CA MET C 173 1.96 11.00 -29.23
C MET C 173 1.76 11.68 -30.58
N GLU C 174 2.58 11.36 -31.57
CA GLU C 174 2.33 11.86 -32.91
C GLU C 174 1.14 11.15 -33.56
N VAL C 175 1.03 9.84 -33.38
CA VAL C 175 0.09 9.04 -34.17
C VAL C 175 -1.36 9.28 -33.73
N VAL C 176 -1.65 9.11 -32.45
CA VAL C 176 -3.04 9.12 -32.00
C VAL C 176 -3.49 10.42 -31.35
N PHE C 177 -2.57 11.27 -30.90
CA PHE C 177 -2.92 12.57 -30.31
C PHE C 177 -2.07 13.67 -30.95
N PRO C 178 -2.27 13.95 -32.25
CA PRO C 178 -1.28 14.73 -32.99
C PRO C 178 -1.29 16.22 -32.67
N ASN C 179 -2.41 16.75 -32.22
CA ASN C 179 -2.53 18.17 -31.93
C ASN C 179 -2.13 18.53 -30.50
N GLU C 180 -1.46 17.61 -29.80
CA GLU C 180 -1.06 17.82 -28.42
C GLU C 180 0.37 17.34 -28.18
N VAL C 181 1.20 17.34 -29.24
CA VAL C 181 2.58 16.87 -29.12
C VAL C 181 3.50 17.86 -28.44
N GLY C 182 3.09 19.13 -28.32
CA GLY C 182 3.95 20.15 -27.76
C GLY C 182 5.00 20.63 -28.74
N ALA C 183 6.25 20.73 -28.28
CA ALA C 183 7.35 21.17 -29.12
C ALA C 183 8.15 20.02 -29.72
N ARG C 184 7.88 18.78 -29.31
CA ARG C 184 8.67 17.65 -29.76
C ARG C 184 8.38 17.33 -31.22
N THR C 185 9.44 17.06 -31.98
CA THR C 185 9.36 16.69 -33.39
C THR C 185 9.92 15.29 -33.60
N LEU C 186 9.77 14.80 -34.83
CA LEU C 186 10.21 13.46 -35.20
C LEU C 186 11.65 13.55 -35.71
N SER C 187 12.61 13.14 -34.88
CA SER C 187 14.02 13.29 -35.17
C SER C 187 14.69 12.01 -35.65
N SER C 188 13.96 11.13 -36.35
CA SER C 188 14.56 9.92 -36.90
C SER C 188 13.82 9.55 -38.18
N ASP C 189 14.55 8.94 -39.10
CA ASP C 189 13.98 8.57 -40.39
C ASP C 189 13.00 7.40 -40.25
N ALA C 190 13.25 6.52 -39.29
CA ALA C 190 12.31 5.43 -39.03
C ALA C 190 11.04 5.92 -38.34
N GLN C 191 11.12 7.05 -37.63
CA GLN C 191 9.96 7.58 -36.91
C GLN C 191 8.84 7.97 -37.85
N LEU C 192 9.17 8.62 -38.97
CA LEU C 192 8.14 9.05 -39.91
C LEU C 192 7.50 7.85 -40.63
N THR C 193 8.29 6.82 -40.90
CA THR C 193 7.76 5.62 -41.54
C THR C 193 6.83 4.85 -40.59
N ILE C 194 7.26 4.68 -39.34
CA ILE C 194 6.43 4.03 -38.33
C ILE C 194 5.15 4.84 -38.06
N THR C 195 5.28 6.17 -38.01
CA THR C 195 4.14 7.05 -37.79
C THR C 195 3.14 6.99 -38.93
N LYS C 196 3.64 6.98 -40.18
CA LYS C 196 2.79 6.87 -41.35
C LYS C 196 2.06 5.53 -41.37
N GLU C 197 2.77 4.45 -41.03
CA GLU C 197 2.14 3.12 -41.05
C GLU C 197 1.09 2.98 -39.95
N LYS C 198 1.38 3.49 -38.75
CA LYS C 198 0.42 3.38 -37.65
C LYS C 198 -0.79 4.28 -37.86
N LYS C 199 -0.62 5.44 -38.51
CA LYS C 199 -1.78 6.25 -38.85
C LYS C 199 -2.56 5.65 -40.01
N GLU C 200 -1.90 4.93 -40.91
CA GLU C 200 -2.60 4.27 -42.00
C GLU C 200 -3.41 3.09 -41.50
N GLU C 201 -2.92 2.39 -40.48
CA GLU C 201 -3.71 1.32 -39.86
C GLU C 201 -4.90 1.87 -39.10
N LEU C 202 -4.65 2.76 -38.13
CA LEU C 202 -5.66 3.21 -37.18
C LEU C 202 -6.47 4.38 -37.75
N LYS C 203 -7.27 4.07 -38.77
CA LYS C 203 -8.25 5.01 -39.29
C LYS C 203 -9.67 4.47 -39.20
N ASN C 204 -9.89 3.24 -39.64
CA ASN C 204 -11.21 2.60 -39.51
C ASN C 204 -11.21 1.80 -38.21
N CYS C 205 -11.39 2.51 -37.11
CA CYS C 205 -11.39 1.89 -35.79
C CYS C 205 -12.27 2.70 -34.86
N LYS C 206 -13.29 2.05 -34.29
CA LYS C 206 -14.17 2.70 -33.32
C LYS C 206 -13.73 2.47 -31.89
N ILE C 207 -12.43 2.29 -31.67
CA ILE C 207 -11.87 2.03 -30.35
C ILE C 207 -11.24 3.31 -29.85
N SER C 208 -11.32 3.54 -28.53
CA SER C 208 -10.82 4.76 -27.90
C SER C 208 -9.33 4.94 -28.16
N PRO C 209 -8.85 6.18 -28.33
CA PRO C 209 -7.44 6.40 -28.65
C PRO C 209 -6.50 6.06 -27.51
N ILE C 210 -7.00 5.99 -26.27
CA ILE C 210 -6.18 5.57 -25.16
C ILE C 210 -5.84 4.08 -25.27
N MET C 211 -6.78 3.29 -25.80
CA MET C 211 -6.55 1.86 -25.92
C MET C 211 -5.57 1.53 -27.05
N VAL C 212 -5.67 2.22 -28.19
CA VAL C 212 -4.65 2.01 -29.21
C VAL C 212 -3.35 2.70 -28.84
N ALA C 213 -3.37 3.70 -27.97
CA ALA C 213 -2.14 4.26 -27.44
C ALA C 213 -1.41 3.25 -26.57
N TYR C 214 -2.14 2.53 -25.70
CA TYR C 214 -1.52 1.48 -24.91
C TYR C 214 -1.15 0.27 -25.76
N MET C 215 -1.87 0.03 -26.84
CA MET C 215 -1.50 -1.01 -27.79
C MET C 215 -0.16 -0.71 -28.45
N LEU C 216 0.01 0.52 -28.94
CA LEU C 216 1.29 0.91 -29.52
C LEU C 216 2.37 1.06 -28.46
N GLU C 217 1.98 1.30 -27.21
CA GLU C 217 2.97 1.37 -26.13
C GLU C 217 3.53 -0.01 -25.80
N ARG C 218 2.67 -1.02 -25.74
CA ARG C 218 3.18 -2.36 -25.53
C ARG C 218 3.75 -2.97 -26.80
N GLU C 219 3.56 -2.34 -27.95
CA GLU C 219 4.22 -2.78 -29.18
C GLU C 219 5.58 -2.11 -29.39
N LEU C 220 5.76 -0.87 -28.95
CA LEU C 220 6.93 -0.08 -29.33
C LEU C 220 7.80 0.38 -28.18
N VAL C 221 7.21 0.73 -27.03
CA VAL C 221 8.00 1.30 -25.94
C VAL C 221 8.71 0.18 -25.19
N ARG C 222 10.04 0.30 -25.10
CA ARG C 222 10.87 -0.68 -24.41
C ARG C 222 10.84 -0.44 -22.90
N ARG C 223 10.71 -1.53 -22.14
CA ARG C 223 10.73 -1.46 -20.68
C ARG C 223 11.82 -2.36 -20.12
N THR C 224 12.65 -1.79 -19.25
CA THR C 224 13.71 -2.51 -18.57
C THR C 224 13.40 -2.58 -17.08
N ARG C 225 13.94 -3.60 -16.43
CA ARG C 225 13.68 -3.82 -15.01
C ARG C 225 14.83 -4.63 -14.41
N PHE C 226 15.15 -4.37 -13.15
CA PHE C 226 16.12 -5.17 -12.42
C PHE C 226 15.47 -6.47 -11.99
N LEU C 227 16.05 -7.60 -12.39
CA LEU C 227 15.52 -8.92 -12.08
C LEU C 227 16.66 -9.87 -11.77
N PRO C 228 16.45 -10.82 -10.85
CA PRO C 228 17.46 -11.85 -10.58
C PRO C 228 17.43 -12.96 -11.62
N ILE C 229 18.43 -12.98 -12.49
CA ILE C 229 18.51 -13.94 -13.58
C ILE C 229 19.82 -14.71 -13.44
N ALA C 230 19.76 -16.03 -13.65
CA ALA C 230 20.93 -16.88 -13.81
C ALA C 230 20.71 -17.71 -15.07
N GLY C 231 21.08 -17.14 -16.21
CA GLY C 231 20.88 -17.80 -17.48
C GLY C 231 20.78 -16.85 -18.66
N ALA C 232 19.75 -17.02 -19.47
CA ALA C 232 19.54 -16.14 -20.62
C ALA C 232 18.82 -14.86 -20.18
N THR C 233 19.33 -13.72 -20.63
CA THR C 233 18.78 -12.42 -20.28
C THR C 233 17.98 -11.79 -21.42
N SER C 234 17.62 -12.58 -22.43
CA SER C 234 16.82 -12.10 -23.54
C SER C 234 15.39 -11.81 -23.09
N SER C 235 14.66 -11.08 -23.93
CA SER C 235 13.29 -10.68 -23.59
C SER C 235 12.34 -11.87 -23.60
N THR C 236 12.61 -12.87 -24.43
CA THR C 236 11.79 -14.08 -24.49
C THR C 236 12.10 -15.06 -23.37
N TYR C 237 13.11 -14.77 -22.54
CA TYR C 237 13.40 -15.57 -21.36
C TYR C 237 13.05 -14.87 -20.06
N VAL C 238 12.90 -13.55 -20.07
CA VAL C 238 12.51 -12.81 -18.88
C VAL C 238 11.06 -13.11 -18.51
N GLU C 239 10.19 -13.29 -19.50
CA GLU C 239 8.77 -13.50 -19.24
C GLU C 239 8.49 -14.86 -18.61
N VAL C 240 9.37 -15.84 -18.82
CA VAL C 240 9.17 -17.17 -18.28
C VAL C 240 10.19 -17.46 -17.18
N LEU C 241 10.57 -16.40 -16.46
CA LEU C 241 11.50 -16.56 -15.34
C LEU C 241 10.93 -17.41 -14.22
N HIS C 242 9.60 -17.39 -14.04
CA HIS C 242 8.97 -18.24 -13.04
C HIS C 242 9.02 -19.71 -13.45
N LEU C 243 9.05 -19.98 -14.75
CA LEU C 243 9.02 -21.33 -15.27
C LEU C 243 10.40 -21.93 -15.48
N THR C 244 11.41 -21.10 -15.76
CA THR C 244 12.72 -21.60 -16.19
C THR C 244 13.71 -21.78 -15.04
N GLN C 245 13.52 -21.12 -13.91
CA GLN C 245 14.46 -21.24 -12.82
C GLN C 245 13.73 -21.16 -11.49
N GLY C 246 14.41 -21.63 -10.45
CA GLY C 246 13.92 -21.51 -9.09
C GLY C 246 15.08 -21.33 -8.13
N THR C 247 14.92 -21.80 -6.90
CA THR C 247 15.97 -21.70 -5.89
C THR C 247 17.07 -22.73 -6.07
N CYS C 248 16.75 -23.93 -6.54
CA CYS C 248 17.73 -25.00 -6.60
C CYS C 248 17.56 -25.84 -7.86
N TRP C 249 17.01 -25.27 -8.93
CA TRP C 249 16.79 -26.02 -10.15
C TRP C 249 16.88 -25.05 -11.33
N GLU C 250 16.72 -25.62 -12.53
CA GLU C 250 16.83 -24.85 -13.76
C GLU C 250 16.11 -25.62 -14.86
N GLN C 251 15.05 -25.04 -15.39
CA GLN C 251 14.28 -25.66 -16.46
C GLN C 251 14.81 -25.13 -17.79
N GLN C 252 15.53 -25.97 -18.53
CA GLN C 252 16.06 -25.58 -19.83
C GLN C 252 14.92 -25.46 -20.83
N TYR C 253 14.89 -24.34 -21.54
CA TYR C 253 13.75 -24.01 -22.38
C TYR C 253 14.23 -23.33 -23.65
N THR C 254 13.53 -23.59 -24.75
CA THR C 254 13.76 -22.92 -26.02
C THR C 254 12.41 -22.43 -26.52
N PRO C 255 12.16 -21.12 -26.57
CA PRO C 255 10.88 -20.62 -27.05
C PRO C 255 10.71 -20.81 -28.54
N GLY C 256 9.46 -20.70 -28.99
CA GLY C 256 9.14 -20.87 -30.40
C GLY C 256 9.65 -19.71 -31.22
N GLY C 257 10.51 -19.99 -32.19
CA GLY C 257 11.11 -18.96 -33.02
C GLY C 257 12.63 -18.93 -32.91
#